data_5W75
#
_entry.id   5W75
#
_cell.length_a   91.417
_cell.length_b   173.420
_cell.length_c   208.178
_cell.angle_alpha   90.000
_cell.angle_beta   90.000
_cell.angle_gamma   90.000
#
_symmetry.space_group_name_H-M   'P 21 21 21'
#
loop_
_entity.id
_entity.type
_entity.pdbx_description
1 polymer 'Elongation factor Tu'
2 branched beta-D-fructofuranose-(2-1)-alpha-D-glucopyranose
3 non-polymer "GUANOSINE-5'-DIPHOSPHATE"
4 non-polymer 'MAGNESIUM ION'
5 non-polymer 'SULFATE ION'
6 water water
#
_entity_poly.entity_id   1
_entity_poly.type   'polypeptide(L)'
_entity_poly.pdbx_seq_one_letter_code
;TKPHVNVGTIGHVDHGKSTLTAAITKYLSLKGLAQYVPYDQIDKAPEEKARGITINITHVEYETEKRHYAHIDCPGHADY
IKNMITGAAQMDGAILVVAATDGPMPQTREHVLLARQVGVPYMIVFINKTDMVDDPELIELVEMEVRDLLSQYEYPGDEV
PVIKGSALKALEAPDDPNHEAYKPIQELLDAMDNYIPDPQRDVDKPFLMPIEDVFSITGRGTVVTGRIERGRIRPGDEVE
IIGLSYEIRKTVVTSVEMFRKELDEGIAGDNVGCLLRGIDKDEVERGQVLAAPGSIKPHKRFKAEVYVLKKEEGGRHTPF
FKGYKPQFYIRTTDVTGEIVLPEGVEMVMPGDHVEMEIELIYPVAIEKGQRFAIREGGRTVGAGVVTEVIEL
;
_entity_poly.pdbx_strand_id   A,B,C,D
#
loop_
_chem_comp.id
_chem_comp.type
_chem_comp.name
_chem_comp.formula
FRU D-saccharide, beta linking beta-D-fructofuranose 'C6 H12 O6'
GDP RNA linking GUANOSINE-5'-DIPHOSPHATE 'C10 H15 N5 O11 P2'
GLC D-saccharide, alpha linking alpha-D-glucopyranose 'C6 H12 O6'
MG non-polymer 'MAGNESIUM ION' 'Mg 2'
SO4 non-polymer 'SULFATE ION' 'O4 S -2'
#
# COMPACT_ATOMS: atom_id res chain seq x y z
N THR A 1 -4.36 3.54 -52.18
CA THR A 1 -5.74 3.48 -51.71
C THR A 1 -5.81 2.95 -50.28
N LYS A 2 -6.75 3.47 -49.49
CA LYS A 2 -6.85 3.23 -48.06
C LYS A 2 -7.71 2.01 -47.76
N PRO A 3 -7.27 1.16 -46.83
CA PRO A 3 -8.10 0.03 -46.40
C PRO A 3 -9.36 0.49 -45.71
N HIS A 4 -10.44 -0.28 -45.89
CA HIS A 4 -11.72 0.02 -45.28
C HIS A 4 -11.87 -0.79 -43.99
N VAL A 5 -12.18 -0.10 -42.90
CA VAL A 5 -12.32 -0.73 -41.59
C VAL A 5 -13.67 -0.33 -41.01
N ASN A 6 -14.38 -1.31 -40.45
CA ASN A 6 -15.68 -1.10 -39.83
C ASN A 6 -15.51 -0.90 -38.34
N VAL A 7 -16.08 0.18 -37.81
CA VAL A 7 -16.02 0.50 -36.39
C VAL A 7 -17.40 0.99 -35.94
N GLY A 8 -17.55 1.17 -34.63
CA GLY A 8 -18.79 1.68 -34.09
C GLY A 8 -18.62 2.08 -32.64
N THR A 9 -19.54 2.94 -32.19
CA THR A 9 -19.55 3.41 -30.81
C THR A 9 -20.55 2.59 -30.01
N ILE A 10 -20.08 1.92 -28.95
CA ILE A 10 -20.93 1.15 -28.06
C ILE A 10 -20.80 1.70 -26.65
N GLY A 11 -21.73 1.29 -25.79
CA GLY A 11 -21.74 1.71 -24.40
C GLY A 11 -23.12 2.15 -23.95
N HIS A 12 -23.21 2.50 -22.67
CA HIS A 12 -24.48 2.81 -22.04
C HIS A 12 -25.08 4.09 -22.62
N VAL A 13 -26.40 4.19 -22.50
CA VAL A 13 -27.10 5.34 -23.04
C VAL A 13 -26.66 6.62 -22.32
N ASP A 14 -26.57 7.71 -23.08
CA ASP A 14 -26.24 9.06 -22.61
C ASP A 14 -24.79 9.22 -22.22
N HIS A 15 -23.95 8.23 -22.44
CA HIS A 15 -22.55 8.38 -22.10
C HIS A 15 -21.77 9.15 -23.16
N GLY A 16 -22.35 9.40 -24.33
CA GLY A 16 -21.74 10.31 -25.30
C GLY A 16 -21.33 9.69 -26.63
N LYS A 17 -21.93 8.54 -26.97
CA LYS A 17 -21.57 7.85 -28.22
C LYS A 17 -21.88 8.70 -29.44
N SER A 18 -23.07 9.28 -29.50
CA SER A 18 -23.44 10.09 -30.66
C SER A 18 -22.66 11.39 -30.69
N THR A 19 -22.35 11.96 -29.52
CA THR A 19 -21.55 13.19 -29.48
C THR A 19 -20.13 12.92 -29.95
N LEU A 20 -19.54 11.81 -29.52
CA LEU A 20 -18.21 11.43 -29.98
C LEU A 20 -18.19 11.20 -31.50
N THR A 21 -19.25 10.59 -32.03
CA THR A 21 -19.30 10.36 -33.47
C THR A 21 -19.30 11.68 -34.23
N ALA A 22 -20.10 12.65 -33.78
CA ALA A 22 -20.11 13.96 -34.42
C ALA A 22 -18.75 14.63 -34.34
N ALA A 23 -18.11 14.57 -33.17
CA ALA A 23 -16.81 15.21 -32.99
C ALA A 23 -15.77 14.64 -33.95
N ILE A 24 -15.81 13.33 -34.19
CA ILE A 24 -14.86 12.71 -35.11
C ILE A 24 -15.03 13.29 -36.52
N THR A 25 -16.28 13.32 -37.01
CA THR A 25 -16.49 13.83 -38.37
C THR A 25 -16.18 15.32 -38.48
N LYS A 26 -16.41 16.09 -37.40
CA LYS A 26 -16.07 17.51 -37.44
C LYS A 26 -14.56 17.71 -37.49
N TYR A 27 -13.84 17.01 -36.60
CA TYR A 27 -12.39 17.13 -36.57
C TYR A 27 -11.77 16.75 -37.91
N LEU A 28 -12.28 15.69 -38.54
CA LEU A 28 -11.70 15.26 -39.80
C LEU A 28 -12.17 16.08 -40.99
N SER A 29 -13.33 16.74 -40.87
CA SER A 29 -13.77 17.64 -41.93
C SER A 29 -12.86 18.84 -42.08
N LEU A 30 -12.24 19.27 -40.98
CA LEU A 30 -11.32 20.40 -41.03
C LEU A 30 -10.07 20.09 -41.85
N LYS A 31 -9.73 18.81 -42.03
CA LYS A 31 -8.65 18.41 -42.90
C LYS A 31 -9.15 17.90 -44.24
N GLY A 32 -10.41 18.16 -44.57
CA GLY A 32 -10.96 17.65 -45.81
C GLY A 32 -11.02 16.14 -45.88
N LEU A 33 -11.06 15.46 -44.74
CA LEU A 33 -11.04 14.01 -44.70
C LEU A 33 -12.40 13.39 -44.38
N ALA A 34 -13.43 14.21 -44.15
CA ALA A 34 -14.73 13.67 -43.80
C ALA A 34 -15.81 14.72 -44.03
N GLN A 35 -17.02 14.24 -44.33
CA GLN A 35 -18.18 15.11 -44.26
C GLN A 35 -18.56 15.31 -42.80
N TYR A 36 -18.67 16.58 -42.38
CA TYR A 36 -19.10 16.87 -41.03
C TYR A 36 -20.58 16.56 -40.90
N VAL A 37 -20.92 15.66 -39.98
CA VAL A 37 -22.31 15.33 -39.68
C VAL A 37 -22.60 15.84 -38.27
N PRO A 38 -23.49 16.82 -38.11
CA PRO A 38 -23.76 17.38 -36.78
C PRO A 38 -24.40 16.34 -35.86
N TYR A 39 -24.38 16.66 -34.56
CA TYR A 39 -24.90 15.74 -33.56
C TYR A 39 -26.38 15.43 -33.80
N ASP A 40 -27.17 16.46 -34.13
CA ASP A 40 -28.61 16.25 -34.30
C ASP A 40 -28.91 15.21 -35.37
N GLN A 41 -28.13 15.21 -36.46
CA GLN A 41 -28.37 14.25 -37.53
C GLN A 41 -27.91 12.85 -37.14
N ILE A 42 -26.83 12.74 -36.37
CA ILE A 42 -26.38 11.44 -35.91
C ILE A 42 -27.35 10.87 -34.89
N ASP A 43 -27.87 11.72 -34.00
CA ASP A 43 -28.72 11.26 -32.92
C ASP A 43 -30.06 10.75 -33.45
N LYS A 44 -30.65 11.45 -34.42
CA LYS A 44 -31.90 11.00 -35.05
C LYS A 44 -31.55 9.99 -36.14
N ALA A 45 -31.27 8.77 -35.72
CA ALA A 45 -30.81 7.75 -36.66
C ALA A 45 -31.97 7.25 -37.52
N PRO A 46 -31.72 6.97 -38.79
CA PRO A 46 -32.76 6.38 -39.64
C PRO A 46 -32.96 4.90 -39.33
N GLU A 47 -33.98 4.34 -39.98
CA GLU A 47 -34.30 2.91 -39.85
C GLU A 47 -33.69 2.13 -41.00
N GLU A 48 -33.37 0.86 -40.72
CA GLU A 48 -33.02 -0.09 -41.76
C GLU A 48 -33.49 -1.46 -41.29
N LYS A 49 -33.51 -2.43 -42.22
CA LYS A 49 -34.15 -3.71 -41.98
C LYS A 49 -33.18 -4.85 -42.22
N ALA A 50 -32.98 -5.68 -41.19
CA ALA A 50 -32.26 -6.96 -41.32
C ALA A 50 -33.32 -8.05 -41.41
N ARG A 51 -33.64 -8.47 -42.63
CA ARG A 51 -34.80 -9.31 -42.91
C ARG A 51 -36.05 -8.63 -42.38
N GLY A 52 -36.72 -9.23 -41.41
CA GLY A 52 -37.90 -8.63 -40.84
C GLY A 52 -37.66 -7.72 -39.66
N ILE A 53 -36.41 -7.52 -39.26
CA ILE A 53 -36.07 -6.77 -38.05
C ILE A 53 -35.73 -5.34 -38.42
N THR A 54 -36.35 -4.38 -37.74
CA THR A 54 -36.06 -2.97 -37.93
C THR A 54 -35.07 -2.51 -36.86
N ILE A 55 -33.99 -1.87 -37.29
CA ILE A 55 -32.95 -1.38 -36.41
C ILE A 55 -32.73 0.10 -36.71
N ASN A 56 -32.71 0.92 -35.68
CA ASN A 56 -32.31 2.32 -35.82
C ASN A 56 -30.80 2.42 -35.70
N ILE A 57 -30.15 2.89 -36.76
CA ILE A 57 -28.69 2.89 -36.81
C ILE A 57 -28.19 4.01 -37.72
N THR A 58 -27.21 4.77 -37.25
CA THR A 58 -26.59 5.81 -38.04
C THR A 58 -25.29 5.29 -38.65
N HIS A 59 -25.16 5.40 -39.97
CA HIS A 59 -23.91 5.14 -40.68
C HIS A 59 -23.28 6.46 -41.07
N VAL A 60 -21.99 6.64 -40.73
CA VAL A 60 -21.20 7.73 -41.26
C VAL A 60 -19.85 7.17 -41.68
N GLU A 61 -19.15 7.92 -42.51
CA GLU A 61 -17.85 7.51 -42.99
C GLU A 61 -16.86 8.66 -42.84
N TYR A 62 -15.62 8.32 -42.53
CA TYR A 62 -14.57 9.30 -42.39
C TYR A 62 -13.24 8.61 -42.64
N GLU A 63 -12.23 9.41 -42.98
CA GLU A 63 -10.91 8.90 -43.30
C GLU A 63 -9.87 9.53 -42.38
N THR A 64 -8.93 8.70 -41.96
CA THR A 64 -7.63 9.22 -41.57
C THR A 64 -6.76 9.25 -42.82
N GLU A 65 -5.52 9.72 -42.68
CA GLU A 65 -4.61 9.69 -43.82
C GLU A 65 -4.34 8.27 -44.28
N LYS A 66 -4.46 7.30 -43.38
CA LYS A 66 -4.16 5.90 -43.68
C LYS A 66 -5.39 5.06 -44.02
N ARG A 67 -6.55 5.35 -43.43
CA ARG A 67 -7.65 4.41 -43.44
C ARG A 67 -8.96 5.09 -43.81
N HIS A 68 -9.87 4.30 -44.38
CA HIS A 68 -11.27 4.68 -44.53
C HIS A 68 -12.08 3.90 -43.51
N TYR A 69 -12.83 4.62 -42.68
CA TYR A 69 -13.61 4.02 -41.61
C TYR A 69 -15.10 4.11 -41.94
N ALA A 70 -15.80 2.99 -41.81
CA ALA A 70 -17.26 2.96 -41.84
C ALA A 70 -17.73 2.79 -40.40
N HIS A 71 -18.49 3.77 -39.91
CA HIS A 71 -18.76 3.94 -38.49
C HIS A 71 -20.26 3.85 -38.23
N ILE A 72 -20.64 3.05 -37.23
CA ILE A 72 -22.06 2.91 -36.88
C ILE A 72 -22.28 3.44 -35.47
N ASP A 73 -23.48 3.96 -35.24
CA ASP A 73 -23.89 4.51 -33.96
C ASP A 73 -25.40 4.33 -33.85
N CYS A 74 -25.87 3.83 -32.69
CA CYS A 74 -27.28 3.52 -32.56
C CYS A 74 -27.89 4.24 -31.37
N PRO A 75 -29.17 4.61 -31.45
CA PRO A 75 -29.83 5.30 -30.33
C PRO A 75 -30.04 4.41 -29.12
N GLY A 76 -30.68 3.26 -29.33
CA GLY A 76 -31.19 2.46 -28.24
C GLY A 76 -30.38 1.21 -27.97
N HIS A 77 -30.43 0.76 -26.71
CA HIS A 77 -29.78 -0.50 -26.35
C HIS A 77 -30.30 -1.65 -27.20
N ALA A 78 -31.60 -1.66 -27.49
CA ALA A 78 -32.15 -2.74 -28.31
C ALA A 78 -31.59 -2.72 -29.72
N ASP A 79 -31.26 -1.53 -30.25
CA ASP A 79 -30.64 -1.47 -31.57
C ASP A 79 -29.29 -2.17 -31.58
N TYR A 80 -28.49 -1.96 -30.55
CA TYR A 80 -27.17 -2.60 -30.48
C TYR A 80 -27.30 -4.11 -30.37
N ILE A 81 -28.25 -4.58 -29.55
CA ILE A 81 -28.48 -6.01 -29.46
C ILE A 81 -28.80 -6.60 -30.82
N LYS A 82 -29.78 -5.99 -31.52
CA LYS A 82 -30.20 -6.53 -32.79
C LYS A 82 -29.11 -6.38 -33.85
N ASN A 83 -28.42 -5.25 -33.87
CA ASN A 83 -27.40 -5.06 -34.90
C ASN A 83 -26.23 -6.01 -34.71
N MET A 84 -25.79 -6.20 -33.47
CA MET A 84 -24.63 -7.03 -33.24
C MET A 84 -24.90 -8.50 -33.46
N ILE A 85 -26.09 -8.99 -33.11
CA ILE A 85 -26.38 -10.42 -33.26
C ILE A 85 -26.78 -10.74 -34.70
N THR A 86 -27.68 -9.95 -35.30
CA THR A 86 -28.05 -10.21 -36.68
C THR A 86 -26.93 -9.90 -37.67
N GLY A 87 -25.89 -9.18 -37.24
CA GLY A 87 -24.81 -8.85 -38.16
C GLY A 87 -25.19 -7.88 -39.24
N ALA A 88 -26.16 -7.00 -38.97
CA ALA A 88 -26.57 -6.00 -39.97
C ALA A 88 -25.39 -5.12 -40.38
N ALA A 89 -24.66 -4.59 -39.40
CA ALA A 89 -23.45 -3.79 -39.65
C ALA A 89 -22.36 -4.30 -38.71
N GLN A 90 -21.46 -5.12 -39.24
CA GLN A 90 -20.44 -5.78 -38.43
C GLN A 90 -19.26 -4.85 -38.17
N MET A 91 -18.46 -5.20 -37.16
CA MET A 91 -17.43 -4.33 -36.63
C MET A 91 -16.09 -5.04 -36.57
N ASP A 92 -15.06 -4.39 -37.13
CA ASP A 92 -13.69 -4.85 -36.91
C ASP A 92 -13.16 -4.39 -35.56
N GLY A 93 -13.64 -3.25 -35.08
CA GLY A 93 -13.25 -2.75 -33.77
C GLY A 93 -14.37 -1.94 -33.19
N ALA A 94 -14.53 -2.01 -31.87
CA ALA A 94 -15.58 -1.29 -31.18
C ALA A 94 -14.96 -0.20 -30.32
N ILE A 95 -15.56 0.98 -30.36
CA ILE A 95 -15.17 2.10 -29.50
C ILE A 95 -16.13 2.10 -28.33
N LEU A 96 -15.65 1.70 -27.15
CA LEU A 96 -16.48 1.60 -25.95
C LEU A 96 -16.44 2.94 -25.23
N VAL A 97 -17.56 3.66 -25.29
CA VAL A 97 -17.67 4.97 -24.65
C VAL A 97 -18.21 4.77 -23.23
N VAL A 98 -17.45 5.22 -22.24
CA VAL A 98 -17.86 5.16 -20.84
C VAL A 98 -17.74 6.56 -20.25
N ALA A 99 -18.86 7.09 -19.76
CA ALA A 99 -18.83 8.40 -19.12
C ALA A 99 -18.08 8.32 -17.80
N ALA A 100 -17.17 9.27 -17.59
CA ALA A 100 -16.37 9.30 -16.36
C ALA A 100 -17.20 9.73 -15.16
N THR A 101 -18.37 10.31 -15.37
CA THR A 101 -19.21 10.76 -14.27
C THR A 101 -19.86 9.59 -13.55
N ASP A 102 -20.82 8.92 -14.18
CA ASP A 102 -21.46 7.78 -13.54
C ASP A 102 -20.68 6.49 -13.69
N GLY A 103 -19.72 6.44 -14.61
CA GLY A 103 -18.89 5.26 -14.77
C GLY A 103 -19.64 4.14 -15.45
N PRO A 104 -19.03 2.95 -15.47
CA PRO A 104 -19.66 1.83 -16.18
C PRO A 104 -21.02 1.48 -15.59
N MET A 105 -21.96 1.15 -16.48
CA MET A 105 -23.37 0.90 -16.15
C MET A 105 -23.84 -0.37 -16.85
N PRO A 106 -25.10 -0.83 -16.66
CA PRO A 106 -25.49 -2.14 -17.21
C PRO A 106 -25.19 -2.33 -18.70
N GLN A 107 -25.52 -1.34 -19.54
CA GLN A 107 -25.27 -1.52 -20.96
C GLN A 107 -23.79 -1.42 -21.31
N THR A 108 -22.98 -0.81 -20.44
CA THR A 108 -21.53 -0.93 -20.60
C THR A 108 -21.09 -2.37 -20.54
N ARG A 109 -21.55 -3.10 -19.52
CA ARG A 109 -21.20 -4.51 -19.39
C ARG A 109 -21.80 -5.34 -20.52
N GLU A 110 -23.07 -5.09 -20.85
CA GLU A 110 -23.76 -5.94 -21.81
C GLU A 110 -23.19 -5.78 -23.21
N HIS A 111 -22.78 -4.57 -23.58
CA HIS A 111 -22.22 -4.36 -24.91
C HIS A 111 -20.84 -4.96 -25.04
N VAL A 112 -20.06 -5.00 -23.96
CA VAL A 112 -18.79 -5.71 -23.99
C VAL A 112 -19.05 -7.21 -24.12
N LEU A 113 -20.03 -7.73 -23.37
CA LEU A 113 -20.41 -9.13 -23.50
C LEU A 113 -20.84 -9.45 -24.93
N LEU A 114 -21.72 -8.62 -25.50
CA LEU A 114 -22.19 -8.85 -26.86
C LEU A 114 -21.05 -8.80 -27.85
N ALA A 115 -20.14 -7.83 -27.70
CA ALA A 115 -18.99 -7.74 -28.61
C ALA A 115 -18.18 -9.03 -28.58
N ARG A 116 -17.92 -9.57 -27.39
CA ARG A 116 -17.21 -10.83 -27.29
C ARG A 116 -18.01 -11.97 -27.93
N GLN A 117 -19.30 -12.04 -27.61
CA GLN A 117 -20.13 -13.13 -28.12
C GLN A 117 -20.21 -13.12 -29.64
N VAL A 118 -20.31 -11.94 -30.26
CA VAL A 118 -20.43 -11.87 -31.71
C VAL A 118 -19.09 -11.84 -32.42
N GLY A 119 -17.99 -11.81 -31.67
CA GLY A 119 -16.67 -11.94 -32.26
C GLY A 119 -15.99 -10.66 -32.69
N VAL A 120 -16.34 -9.52 -32.11
CA VAL A 120 -15.67 -8.26 -32.41
C VAL A 120 -14.21 -8.39 -31.96
N PRO A 121 -13.24 -8.32 -32.88
CA PRO A 121 -11.87 -8.71 -32.55
C PRO A 121 -11.10 -7.74 -31.67
N TYR A 122 -11.44 -6.45 -31.66
CA TYR A 122 -10.66 -5.46 -30.93
C TYR A 122 -11.55 -4.41 -30.29
N MET A 123 -11.13 -3.95 -29.12
CA MET A 123 -11.84 -2.94 -28.36
C MET A 123 -10.94 -1.74 -28.11
N ILE A 124 -11.52 -0.55 -28.21
CA ILE A 124 -10.86 0.70 -27.83
C ILE A 124 -11.81 1.45 -26.91
N VAL A 125 -11.28 1.95 -25.79
CA VAL A 125 -12.10 2.63 -24.79
C VAL A 125 -11.93 4.13 -24.92
N PHE A 126 -13.06 4.84 -24.87
CA PHE A 126 -13.05 6.30 -24.78
C PHE A 126 -13.80 6.70 -23.52
N ILE A 127 -13.07 7.16 -22.51
CA ILE A 127 -13.68 7.65 -21.28
C ILE A 127 -14.10 9.10 -21.51
N ASN A 128 -15.40 9.34 -21.52
CA ASN A 128 -15.98 10.61 -21.91
C ASN A 128 -16.30 11.46 -20.69
N LYS A 129 -16.69 12.72 -20.97
CA LYS A 129 -17.19 13.65 -19.96
C LYS A 129 -16.15 13.97 -18.89
N THR A 130 -14.86 13.90 -19.24
CA THR A 130 -13.82 14.23 -18.27
C THR A 130 -13.87 15.69 -17.86
N ASP A 131 -14.51 16.55 -18.65
CA ASP A 131 -14.74 17.94 -18.28
C ASP A 131 -15.58 18.09 -17.03
N MET A 132 -16.22 17.01 -16.57
CA MET A 132 -17.10 17.06 -15.41
C MET A 132 -16.49 16.48 -14.15
N VAL A 133 -15.29 15.89 -14.25
CA VAL A 133 -14.66 15.21 -13.13
C VAL A 133 -13.46 16.04 -12.69
N ASP A 134 -13.51 16.51 -11.44
CA ASP A 134 -12.42 17.30 -10.88
C ASP A 134 -11.36 16.45 -10.20
N ASP A 135 -11.74 15.28 -9.68
CA ASP A 135 -10.79 14.36 -9.03
C ASP A 135 -10.21 13.42 -10.06
N PRO A 136 -8.96 13.64 -10.51
CA PRO A 136 -8.40 12.78 -11.56
C PRO A 136 -8.20 11.34 -11.14
N GLU A 137 -8.02 11.07 -9.84
CA GLU A 137 -7.91 9.70 -9.39
C GLU A 137 -9.19 8.90 -9.60
N LEU A 138 -10.34 9.58 -9.73
CA LEU A 138 -11.59 8.88 -10.00
C LEU A 138 -11.76 8.57 -11.49
N ILE A 139 -11.12 9.35 -12.36
CA ILE A 139 -11.03 8.96 -13.77
C ILE A 139 -10.21 7.69 -13.92
N GLU A 140 -9.11 7.57 -13.17
CA GLU A 140 -8.33 6.35 -13.19
C GLU A 140 -9.12 5.17 -12.64
N LEU A 141 -9.96 5.41 -11.63
CA LEU A 141 -10.83 4.36 -11.13
C LEU A 141 -11.72 3.82 -12.24
N VAL A 142 -12.34 4.73 -13.01
CA VAL A 142 -13.19 4.30 -14.11
C VAL A 142 -12.39 3.52 -15.14
N GLU A 143 -11.19 4.00 -15.50
CA GLU A 143 -10.36 3.27 -16.44
C GLU A 143 -10.05 1.87 -15.93
N MET A 144 -9.62 1.75 -14.67
CA MET A 144 -9.27 0.45 -14.14
C MET A 144 -10.47 -0.51 -14.20
N GLU A 145 -11.65 -0.02 -13.83
CA GLU A 145 -12.84 -0.88 -13.82
C GLU A 145 -13.22 -1.30 -15.23
N VAL A 146 -13.08 -0.40 -16.21
CA VAL A 146 -13.37 -0.76 -17.58
C VAL A 146 -12.37 -1.77 -18.09
N ARG A 147 -11.09 -1.59 -17.75
CA ARG A 147 -10.08 -2.58 -18.13
C ARG A 147 -10.41 -3.94 -17.52
N ASP A 148 -10.84 -3.97 -16.27
CA ASP A 148 -11.23 -5.24 -15.65
C ASP A 148 -12.46 -5.82 -16.32
N LEU A 149 -13.42 -4.97 -16.70
CA LEU A 149 -14.59 -5.44 -17.43
C LEU A 149 -14.18 -6.14 -18.71
N LEU A 150 -13.29 -5.51 -19.49
CA LEU A 150 -12.84 -6.11 -20.74
C LEU A 150 -12.12 -7.44 -20.48
N SER A 151 -11.28 -7.48 -19.44
CA SER A 151 -10.56 -8.71 -19.14
C SER A 151 -11.54 -9.80 -18.72
N GLN A 152 -12.60 -9.42 -18.00
CA GLN A 152 -13.63 -10.38 -17.59
C GLN A 152 -14.24 -11.09 -18.79
N TYR A 153 -14.36 -10.39 -19.93
CA TYR A 153 -14.90 -10.99 -21.15
C TYR A 153 -13.80 -11.32 -22.15
N GLU A 154 -12.61 -11.66 -21.66
CA GLU A 154 -11.50 -12.23 -22.42
C GLU A 154 -10.89 -11.25 -23.42
N TYR A 155 -11.19 -9.95 -23.33
CA TYR A 155 -10.41 -8.99 -24.07
C TYR A 155 -9.13 -8.65 -23.29
N PRO A 156 -8.05 -8.32 -23.98
CA PRO A 156 -6.81 -7.95 -23.28
C PRO A 156 -6.93 -6.58 -22.63
N GLY A 157 -7.59 -6.51 -21.47
CA GLY A 157 -7.91 -5.23 -20.86
C GLY A 157 -6.71 -4.39 -20.51
N ASP A 158 -5.58 -5.03 -20.23
CA ASP A 158 -4.36 -4.29 -19.93
C ASP A 158 -3.74 -3.66 -21.16
N GLU A 159 -4.05 -4.16 -22.36
CA GLU A 159 -3.40 -3.70 -23.57
C GLU A 159 -4.26 -2.75 -24.42
N VAL A 160 -5.57 -2.70 -24.18
CA VAL A 160 -6.41 -1.90 -25.08
C VAL A 160 -6.10 -0.42 -24.90
N PRO A 161 -6.16 0.39 -25.95
CA PRO A 161 -6.03 1.83 -25.76
C PRO A 161 -7.21 2.39 -24.99
N VAL A 162 -6.91 3.30 -24.07
CA VAL A 162 -7.93 3.99 -23.29
C VAL A 162 -7.67 5.48 -23.42
N ILE A 163 -8.54 6.17 -24.16
CA ILE A 163 -8.43 7.61 -24.39
C ILE A 163 -9.40 8.31 -23.45
N LYS A 164 -8.94 9.36 -22.78
CA LYS A 164 -9.77 10.19 -21.93
C LYS A 164 -9.95 11.56 -22.55
N GLY A 165 -11.15 12.10 -22.45
CA GLY A 165 -11.42 13.40 -23.02
C GLY A 165 -12.88 13.76 -22.90
N SER A 166 -13.24 14.85 -23.57
CA SER A 166 -14.60 15.37 -23.59
C SER A 166 -15.05 15.47 -25.03
N ALA A 167 -15.98 14.61 -25.42
CA ALA A 167 -16.53 14.70 -26.77
C ALA A 167 -17.26 16.02 -26.98
N LEU A 168 -17.91 16.53 -25.93
CA LEU A 168 -18.65 17.77 -26.07
C LEU A 168 -17.73 18.96 -26.28
N LYS A 169 -16.64 19.04 -25.50
CA LYS A 169 -15.67 20.11 -25.69
C LYS A 169 -15.08 20.06 -27.10
N ALA A 170 -14.77 18.86 -27.58
CA ALA A 170 -14.22 18.73 -28.92
C ALA A 170 -15.20 19.25 -29.98
N LEU A 171 -16.49 19.04 -29.75
CA LEU A 171 -17.53 19.43 -30.70
C LEU A 171 -17.80 20.93 -30.71
N GLU A 172 -17.26 21.68 -29.75
CA GLU A 172 -17.54 23.11 -29.68
C GLU A 172 -16.33 23.96 -30.03
N HIS A 179 -10.23 24.09 -29.56
CA HIS A 179 -9.23 23.45 -30.43
C HIS A 179 -8.38 22.45 -29.65
N GLU A 180 -7.94 22.86 -28.45
CA GLU A 180 -7.19 21.95 -27.58
C GLU A 180 -8.00 20.72 -27.21
N ALA A 181 -9.34 20.81 -27.29
CA ALA A 181 -10.20 19.67 -27.02
C ALA A 181 -10.19 18.64 -28.15
N TYR A 182 -9.52 18.93 -29.27
CA TYR A 182 -9.43 17.98 -30.36
C TYR A 182 -8.41 16.88 -30.11
N LYS A 183 -7.54 17.03 -29.12
CA LYS A 183 -6.48 16.04 -28.88
C LYS A 183 -7.02 14.65 -28.59
N PRO A 184 -8.02 14.46 -27.72
CA PRO A 184 -8.56 13.10 -27.53
C PRO A 184 -9.11 12.50 -28.82
N ILE A 185 -9.70 13.32 -29.69
CA ILE A 185 -10.17 12.81 -30.98
C ILE A 185 -8.99 12.31 -31.80
N GLN A 186 -7.92 13.11 -31.89
CA GLN A 186 -6.75 12.68 -32.63
C GLN A 186 -6.13 11.43 -31.99
N GLU A 187 -6.06 11.42 -30.65
CA GLU A 187 -5.54 10.26 -29.95
C GLU A 187 -6.41 9.02 -30.22
N LEU A 188 -7.73 9.20 -30.28
CA LEU A 188 -8.61 8.08 -30.58
C LEU A 188 -8.36 7.54 -31.98
N LEU A 189 -8.26 8.45 -32.96
CA LEU A 189 -8.05 8.03 -34.34
C LEU A 189 -6.71 7.35 -34.52
N ASP A 190 -5.67 7.83 -33.82
CA ASP A 190 -4.38 7.16 -33.88
C ASP A 190 -4.47 5.76 -33.30
N ALA A 191 -5.21 5.59 -32.22
CA ALA A 191 -5.42 4.26 -31.66
C ALA A 191 -6.15 3.36 -32.65
N MET A 192 -7.16 3.90 -33.33
CA MET A 192 -7.86 3.12 -34.35
C MET A 192 -6.92 2.74 -35.48
N ASP A 193 -6.06 3.67 -35.91
CA ASP A 193 -5.12 3.38 -36.99
C ASP A 193 -4.12 2.31 -36.57
N ASN A 194 -3.62 2.38 -35.34
CA ASN A 194 -2.50 1.54 -34.91
C ASN A 194 -2.92 0.25 -34.22
N TYR A 195 -3.98 0.29 -33.41
CA TYR A 195 -4.35 -0.89 -32.63
C TYR A 195 -5.19 -1.89 -33.43
N ILE A 196 -6.08 -1.39 -34.28
CA ILE A 196 -6.87 -2.26 -35.15
C ILE A 196 -6.06 -2.57 -36.40
N PRO A 197 -5.71 -3.83 -36.64
CA PRO A 197 -4.92 -4.16 -37.83
C PRO A 197 -5.77 -4.11 -39.10
N ASP A 198 -5.09 -4.00 -40.23
CA ASP A 198 -5.77 -4.06 -41.51
C ASP A 198 -6.55 -5.37 -41.60
N PRO A 199 -7.85 -5.32 -41.91
CA PRO A 199 -8.61 -6.57 -41.97
C PRO A 199 -8.06 -7.50 -43.04
N GLN A 200 -7.79 -8.73 -42.63
CA GLN A 200 -7.52 -9.78 -43.61
C GLN A 200 -8.74 -9.94 -44.51
N ARG A 201 -8.51 -9.94 -45.82
CA ARG A 201 -9.61 -10.00 -46.76
C ARG A 201 -9.90 -11.46 -47.15
N ASP A 202 -11.18 -11.73 -47.44
CA ASP A 202 -11.73 -13.08 -47.56
C ASP A 202 -10.91 -14.04 -48.40
N VAL A 203 -10.10 -13.54 -49.34
CA VAL A 203 -9.42 -14.41 -50.31
C VAL A 203 -8.14 -15.03 -49.76
N ASP A 204 -7.61 -14.53 -48.63
CA ASP A 204 -6.54 -15.23 -47.94
C ASP A 204 -7.06 -16.13 -46.83
N LYS A 205 -8.35 -16.05 -46.50
CA LYS A 205 -8.94 -16.93 -45.52
C LYS A 205 -9.06 -18.34 -46.10
N PRO A 206 -9.19 -19.36 -45.25
CA PRO A 206 -9.33 -20.72 -45.78
C PRO A 206 -10.59 -20.86 -46.61
N PHE A 207 -10.46 -21.56 -47.73
CA PHE A 207 -11.56 -21.73 -48.67
C PHE A 207 -12.76 -22.38 -47.98
N LEU A 208 -13.95 -21.86 -48.29
CA LEU A 208 -15.18 -22.47 -47.83
C LEU A 208 -16.29 -22.16 -48.84
N MET A 209 -17.02 -23.19 -49.24
CA MET A 209 -18.17 -23.03 -50.11
C MET A 209 -19.29 -23.95 -49.65
N PRO A 210 -20.42 -23.41 -49.22
CA PRO A 210 -21.57 -24.28 -48.89
C PRO A 210 -22.16 -24.87 -50.16
N ILE A 211 -22.57 -26.13 -50.08
CA ILE A 211 -23.10 -26.83 -51.24
C ILE A 211 -24.60 -26.55 -51.30
N GLU A 212 -25.05 -26.01 -52.43
CA GLU A 212 -26.46 -25.72 -52.66
C GLU A 212 -27.17 -26.81 -53.45
N ASP A 213 -26.54 -27.30 -54.53
CA ASP A 213 -27.14 -28.32 -55.36
C ASP A 213 -26.08 -29.33 -55.78
N VAL A 214 -26.54 -30.55 -56.05
CA VAL A 214 -25.69 -31.66 -56.45
C VAL A 214 -26.30 -32.30 -57.69
N PHE A 215 -25.48 -32.50 -58.72
CA PHE A 215 -25.93 -33.26 -59.87
C PHE A 215 -24.74 -33.99 -60.47
N SER A 216 -25.05 -35.00 -61.29
CA SER A 216 -24.05 -35.90 -61.82
C SER A 216 -23.93 -35.71 -63.33
N ILE A 217 -22.70 -35.57 -63.81
CA ILE A 217 -22.41 -35.61 -65.23
C ILE A 217 -21.94 -37.03 -65.55
N THR A 218 -22.74 -37.75 -66.32
CA THR A 218 -22.46 -39.16 -66.57
C THR A 218 -21.20 -39.29 -67.42
N GLY A 219 -20.24 -40.06 -66.92
CA GLY A 219 -18.95 -40.19 -67.56
C GLY A 219 -17.90 -39.21 -67.08
N ARG A 220 -18.26 -38.29 -66.17
CA ARG A 220 -17.31 -37.28 -65.72
C ARG A 220 -17.24 -37.24 -64.20
N GLY A 221 -18.38 -37.15 -63.53
CA GLY A 221 -18.38 -37.20 -62.07
C GLY A 221 -19.48 -36.33 -61.50
N THR A 222 -19.35 -36.08 -60.20
CA THR A 222 -20.35 -35.36 -59.41
C THR A 222 -19.98 -33.90 -59.29
N VAL A 223 -20.92 -33.02 -59.63
CA VAL A 223 -20.75 -31.58 -59.52
C VAL A 223 -21.56 -31.08 -58.34
N VAL A 224 -20.93 -30.24 -57.50
CA VAL A 224 -21.63 -29.52 -56.44
C VAL A 224 -21.54 -28.04 -56.76
N THR A 225 -22.65 -27.33 -56.63
CA THR A 225 -22.70 -25.90 -56.91
C THR A 225 -22.94 -25.12 -55.62
N GLY A 226 -22.39 -23.91 -55.57
CA GLY A 226 -22.56 -23.05 -54.41
C GLY A 226 -21.82 -21.75 -54.63
N ARG A 227 -22.12 -20.78 -53.77
CA ARG A 227 -21.44 -19.50 -53.79
C ARG A 227 -20.29 -19.56 -52.78
N ILE A 228 -19.07 -19.29 -53.27
CA ILE A 228 -17.90 -19.35 -52.40
C ILE A 228 -18.02 -18.27 -51.33
N GLU A 229 -17.88 -18.68 -50.07
CA GLU A 229 -18.01 -17.74 -48.97
C GLU A 229 -16.71 -17.02 -48.68
N ARG A 230 -15.58 -17.72 -48.80
CA ARG A 230 -14.28 -17.14 -48.52
C ARG A 230 -13.19 -17.99 -49.18
N GLY A 231 -12.01 -17.41 -49.29
CA GLY A 231 -10.86 -18.11 -49.83
C GLY A 231 -10.91 -18.24 -51.34
N ARG A 232 -10.04 -19.13 -51.85
CA ARG A 232 -10.01 -19.46 -53.27
C ARG A 232 -10.04 -20.97 -53.46
N ILE A 233 -10.56 -21.38 -54.60
CA ILE A 233 -10.48 -22.76 -55.07
C ILE A 233 -9.91 -22.76 -56.47
N ARG A 234 -8.97 -23.66 -56.73
CA ARG A 234 -8.37 -23.84 -58.04
C ARG A 234 -8.44 -25.31 -58.43
N PRO A 235 -8.58 -25.60 -59.71
CA PRO A 235 -8.54 -27.00 -60.16
C PRO A 235 -7.28 -27.69 -59.65
N GLY A 236 -7.46 -28.87 -59.08
CA GLY A 236 -6.37 -29.62 -58.47
C GLY A 236 -6.27 -29.48 -56.97
N ASP A 237 -6.89 -28.45 -56.39
CA ASP A 237 -6.81 -28.25 -54.95
C ASP A 237 -7.51 -29.38 -54.20
N GLU A 238 -6.93 -29.77 -53.07
CA GLU A 238 -7.59 -30.69 -52.16
C GLU A 238 -8.59 -29.94 -51.29
N VAL A 239 -9.73 -30.56 -51.04
CA VAL A 239 -10.74 -30.02 -50.14
C VAL A 239 -11.33 -31.17 -49.33
N GLU A 240 -12.02 -30.81 -48.25
CA GLU A 240 -12.80 -31.76 -47.47
C GLU A 240 -14.28 -31.45 -47.63
N ILE A 241 -15.09 -32.51 -47.59
CA ILE A 241 -16.55 -32.37 -47.54
C ILE A 241 -16.94 -32.54 -46.08
N ILE A 242 -17.43 -31.46 -45.47
CA ILE A 242 -17.69 -31.40 -44.04
C ILE A 242 -19.19 -31.40 -43.82
N GLY A 243 -19.64 -32.21 -42.87
CA GLY A 243 -21.02 -32.24 -42.43
C GLY A 243 -21.70 -33.54 -42.79
N LEU A 244 -22.66 -33.92 -41.94
CA LEU A 244 -23.65 -34.98 -42.25
C LEU A 244 -23.00 -36.35 -42.40
N GLU A 247 -19.52 -37.33 -41.47
CA GLU A 247 -18.28 -38.05 -41.73
C GLU A 247 -17.41 -37.32 -42.76
N ILE A 248 -16.21 -36.92 -42.34
CA ILE A 248 -15.34 -36.11 -43.18
C ILE A 248 -14.78 -36.95 -44.33
N ARG A 249 -14.80 -36.38 -45.53
CA ARG A 249 -14.24 -37.03 -46.71
C ARG A 249 -13.33 -36.05 -47.45
N LYS A 250 -12.21 -36.56 -47.96
CA LYS A 250 -11.29 -35.76 -48.75
C LYS A 250 -11.51 -36.01 -50.24
N THR A 251 -11.22 -35.00 -51.05
CA THR A 251 -11.36 -35.10 -52.49
C THR A 251 -10.57 -33.97 -53.12
N VAL A 252 -10.50 -34.00 -54.45
CA VAL A 252 -9.84 -32.97 -55.23
C VAL A 252 -10.88 -32.35 -56.14
N VAL A 253 -10.88 -31.02 -56.22
CA VAL A 253 -11.76 -30.32 -57.16
C VAL A 253 -11.09 -30.37 -58.54
N THR A 254 -11.64 -31.20 -59.43
CA THR A 254 -11.06 -31.35 -60.76
C THR A 254 -11.27 -30.10 -61.60
N SER A 255 -12.38 -29.40 -61.41
CA SER A 255 -12.75 -28.34 -62.33
C SER A 255 -13.66 -27.36 -61.61
N VAL A 256 -13.45 -26.06 -61.84
CA VAL A 256 -14.26 -24.99 -61.26
C VAL A 256 -14.90 -24.24 -62.42
N GLU A 257 -16.23 -24.28 -62.50
CA GLU A 257 -16.95 -23.74 -63.64
C GLU A 257 -17.91 -22.64 -63.18
N MET A 258 -17.96 -21.56 -63.94
CA MET A 258 -18.92 -20.48 -63.69
C MET A 258 -19.25 -19.79 -64.99
N PHE A 259 -20.55 -19.59 -65.25
CA PHE A 259 -21.01 -18.94 -66.48
C PHE A 259 -20.47 -19.65 -67.72
N ARG A 260 -20.55 -20.99 -67.71
CA ARG A 260 -20.16 -21.85 -68.82
C ARG A 260 -18.67 -21.76 -69.15
N LYS A 261 -17.83 -21.35 -68.20
CA LYS A 261 -16.40 -21.26 -68.42
C LYS A 261 -15.66 -21.90 -67.26
N GLU A 262 -14.59 -22.61 -67.58
CA GLU A 262 -13.72 -23.18 -66.55
C GLU A 262 -12.81 -22.09 -66.02
N LEU A 263 -12.83 -21.88 -64.71
CA LEU A 263 -12.05 -20.83 -64.09
C LEU A 263 -10.65 -21.32 -63.73
N ASP A 264 -9.69 -20.40 -63.76
CA ASP A 264 -8.41 -20.67 -63.15
C ASP A 264 -8.53 -20.68 -61.63
N GLU A 265 -9.42 -19.86 -61.09
CA GLU A 265 -9.72 -19.87 -59.66
C GLU A 265 -11.08 -19.24 -59.43
N GLY A 266 -11.77 -19.73 -58.41
CA GLY A 266 -13.01 -19.13 -57.93
C GLY A 266 -12.74 -18.47 -56.59
N ILE A 267 -13.31 -17.29 -56.40
CA ILE A 267 -13.08 -16.50 -55.20
C ILE A 267 -14.43 -16.20 -54.55
N ALA A 268 -14.35 -15.63 -53.35
CA ALA A 268 -15.55 -15.30 -52.58
C ALA A 268 -16.53 -14.50 -53.41
N GLY A 269 -17.80 -14.90 -53.38
CA GLY A 269 -18.84 -14.28 -54.16
C GLY A 269 -19.17 -15.01 -55.45
N ASP A 270 -18.26 -15.83 -55.97
CA ASP A 270 -18.50 -16.59 -57.19
C ASP A 270 -19.43 -17.77 -56.91
N ASN A 271 -20.49 -17.88 -57.69
CA ASN A 271 -21.34 -19.07 -57.69
C ASN A 271 -20.75 -20.04 -58.72
N VAL A 272 -20.15 -21.12 -58.24
CA VAL A 272 -19.37 -22.00 -59.11
C VAL A 272 -19.92 -23.42 -59.02
N GLY A 273 -19.52 -24.24 -59.99
CA GLY A 273 -19.72 -25.67 -59.95
C GLY A 273 -18.38 -26.38 -59.85
N CYS A 274 -18.28 -27.26 -58.85
CA CYS A 274 -17.04 -27.98 -58.56
C CYS A 274 -17.22 -29.46 -58.86
N LEU A 275 -16.46 -29.95 -59.85
CA LEU A 275 -16.38 -31.38 -60.12
C LEU A 275 -15.51 -32.03 -59.05
N LEU A 276 -16.07 -32.96 -58.29
CA LEU A 276 -15.38 -33.61 -57.19
C LEU A 276 -14.85 -34.96 -57.63
N ARG A 277 -13.55 -35.17 -57.46
CA ARG A 277 -12.92 -36.41 -57.87
C ARG A 277 -13.39 -37.58 -57.01
N GLY A 278 -13.89 -38.63 -57.68
CA GLY A 278 -14.21 -39.87 -56.99
C GLY A 278 -15.30 -39.79 -55.96
N ILE A 279 -16.20 -38.82 -56.05
CA ILE A 279 -17.31 -38.67 -55.12
C ILE A 279 -18.57 -39.18 -55.78
N ASP A 280 -19.24 -40.13 -55.13
CA ASP A 280 -20.48 -40.69 -55.67
C ASP A 280 -21.62 -39.71 -55.48
N LYS A 281 -22.50 -39.65 -56.48
CA LYS A 281 -23.58 -38.65 -56.49
C LYS A 281 -24.46 -38.73 -55.26
N ASP A 282 -24.60 -39.92 -54.68
CA ASP A 282 -25.46 -40.11 -53.52
C ASP A 282 -24.74 -39.94 -52.19
N GLU A 283 -23.45 -39.56 -52.20
CA GLU A 283 -22.68 -39.44 -50.98
C GLU A 283 -22.35 -38.01 -50.62
N VAL A 284 -22.74 -37.05 -51.45
CA VAL A 284 -22.62 -35.64 -51.13
C VAL A 284 -24.00 -35.01 -51.34
N GLU A 285 -24.34 -34.03 -50.51
CA GLU A 285 -25.68 -33.47 -50.59
C GLU A 285 -25.68 -32.03 -50.12
N ARG A 286 -26.78 -31.35 -50.45
CA ARG A 286 -26.97 -29.95 -50.08
C ARG A 286 -26.91 -29.79 -48.56
N GLY A 287 -26.19 -28.75 -48.12
CA GLY A 287 -25.98 -28.49 -46.72
C GLY A 287 -24.58 -28.85 -46.23
N GLN A 288 -23.91 -29.78 -46.89
CA GLN A 288 -22.50 -29.98 -46.62
C GLN A 288 -21.70 -28.81 -47.20
N VAL A 289 -20.45 -28.71 -46.80
CA VAL A 289 -19.60 -27.64 -47.31
C VAL A 289 -18.30 -28.24 -47.85
N LEU A 290 -17.77 -27.61 -48.90
CA LEU A 290 -16.39 -27.79 -49.28
C LEU A 290 -15.54 -26.81 -48.49
N ALA A 291 -14.40 -27.28 -47.99
CA ALA A 291 -13.55 -26.44 -47.17
C ALA A 291 -12.10 -26.86 -47.36
N ALA A 292 -11.19 -25.91 -47.16
CA ALA A 292 -9.78 -26.25 -47.08
C ALA A 292 -9.59 -27.26 -45.95
N PRO A 293 -8.78 -28.30 -46.16
CA PRO A 293 -8.72 -29.40 -45.19
C PRO A 293 -8.32 -28.91 -43.81
N GLY A 294 -9.04 -29.38 -42.79
CA GLY A 294 -8.79 -29.02 -41.41
C GLY A 294 -9.27 -27.65 -40.99
N SER A 295 -9.82 -26.84 -41.89
CA SER A 295 -10.19 -25.47 -41.55
C SER A 295 -11.53 -25.37 -40.82
N ILE A 296 -12.37 -26.41 -40.89
CA ILE A 296 -13.63 -26.42 -40.18
C ILE A 296 -14.02 -27.87 -39.99
N LYS A 297 -14.75 -28.15 -38.91
CA LYS A 297 -15.08 -29.51 -38.49
C LYS A 297 -16.58 -29.65 -38.29
N PRO A 298 -17.10 -30.87 -38.37
CA PRO A 298 -18.52 -31.07 -38.10
C PRO A 298 -18.81 -31.09 -36.60
N HIS A 299 -20.01 -30.62 -36.27
CA HIS A 299 -20.43 -30.58 -34.87
C HIS A 299 -21.94 -30.83 -34.79
N LYS A 300 -22.35 -31.55 -33.76
CA LYS A 300 -23.76 -31.66 -33.41
C LYS A 300 -24.15 -30.65 -32.33
N ARG A 301 -23.24 -30.39 -31.40
CA ARG A 301 -23.52 -29.54 -30.25
C ARG A 301 -22.68 -28.28 -30.35
N PHE A 302 -23.30 -27.15 -30.00
CA PHE A 302 -22.59 -25.88 -29.97
C PHE A 302 -23.37 -24.92 -29.10
N LYS A 303 -22.69 -23.87 -28.66
CA LYS A 303 -23.34 -22.75 -27.97
C LYS A 303 -23.41 -21.54 -28.90
N ALA A 304 -24.41 -20.71 -28.68
CA ALA A 304 -24.61 -19.55 -29.52
C ALA A 304 -25.39 -18.48 -28.76
N GLU A 305 -24.98 -17.23 -28.94
CA GLU A 305 -25.79 -16.12 -28.45
C GLU A 305 -26.98 -15.93 -29.39
N VAL A 306 -28.18 -16.02 -28.83
CA VAL A 306 -29.40 -16.06 -29.63
C VAL A 306 -30.31 -14.92 -29.20
N TYR A 307 -30.77 -14.14 -30.17
CA TYR A 307 -31.80 -13.13 -29.95
C TYR A 307 -33.13 -13.70 -30.42
N VAL A 308 -34.15 -13.63 -29.55
CA VAL A 308 -35.48 -14.13 -29.88
C VAL A 308 -36.28 -12.99 -30.51
N LEU A 309 -36.73 -13.19 -31.75
CA LEU A 309 -37.41 -12.12 -32.46
C LEU A 309 -38.79 -11.84 -31.88
N LYS A 310 -39.17 -10.58 -31.89
CA LYS A 310 -40.52 -10.20 -31.51
C LYS A 310 -41.51 -10.60 -32.60
N LYS A 311 -42.78 -10.72 -32.20
CA LYS A 311 -43.82 -11.05 -33.16
C LYS A 311 -43.88 -10.01 -34.29
N GLU A 312 -43.73 -8.73 -33.94
CA GLU A 312 -43.73 -7.66 -34.94
C GLU A 312 -42.54 -7.76 -35.89
N GLU A 313 -41.44 -8.38 -35.48
CA GLU A 313 -40.27 -8.54 -36.33
C GLU A 313 -40.32 -9.80 -37.17
N GLY A 314 -41.44 -10.53 -37.14
CA GLY A 314 -41.57 -11.78 -37.86
C GLY A 314 -41.49 -13.02 -37.00
N GLY A 315 -41.34 -12.88 -35.69
CA GLY A 315 -41.21 -14.02 -34.79
C GLY A 315 -42.53 -14.45 -34.21
N ARG A 316 -42.48 -14.99 -32.99
CA ARG A 316 -43.66 -15.45 -32.28
C ARG A 316 -43.69 -14.83 -30.89
N HIS A 317 -44.87 -14.88 -30.27
CA HIS A 317 -45.00 -14.44 -28.89
C HIS A 317 -44.40 -15.43 -27.91
N THR A 318 -44.25 -16.69 -28.32
CA THR A 318 -43.83 -17.72 -27.37
C THR A 318 -42.33 -17.61 -27.10
N PRO A 319 -41.92 -17.76 -25.85
CA PRO A 319 -40.50 -17.71 -25.52
C PRO A 319 -39.79 -19.01 -25.92
N PHE A 320 -38.47 -18.94 -25.92
CA PHE A 320 -37.66 -20.15 -26.04
C PHE A 320 -37.57 -20.82 -24.67
N PHE A 321 -37.50 -22.15 -24.68
CA PHE A 321 -37.54 -22.92 -23.45
C PHE A 321 -36.71 -24.19 -23.63
N LYS A 322 -36.33 -24.77 -22.50
CA LYS A 322 -35.58 -26.03 -22.52
C LYS A 322 -36.40 -27.11 -23.23
N GLY A 323 -35.80 -27.73 -24.25
CA GLY A 323 -36.45 -28.78 -25.02
C GLY A 323 -37.12 -28.31 -26.29
N TYR A 324 -37.21 -27.00 -26.50
CA TYR A 324 -37.71 -26.46 -27.76
C TYR A 324 -36.89 -27.01 -28.92
N LYS A 325 -37.58 -27.42 -29.98
CA LYS A 325 -36.96 -28.09 -31.13
C LYS A 325 -37.31 -27.37 -32.43
N PRO A 326 -36.74 -26.18 -32.66
CA PRO A 326 -36.98 -25.50 -33.93
C PRO A 326 -36.03 -25.94 -35.03
N GLN A 327 -36.10 -25.31 -36.19
CA GLN A 327 -35.18 -25.57 -37.30
C GLN A 327 -34.06 -24.55 -37.29
N PHE A 328 -32.84 -25.02 -37.55
CA PHE A 328 -31.66 -24.17 -37.55
C PHE A 328 -31.15 -24.05 -38.98
N TYR A 329 -31.26 -22.84 -39.55
CA TYR A 329 -30.83 -22.58 -40.91
C TYR A 329 -29.35 -22.23 -40.88
N ILE A 330 -28.52 -23.21 -41.18
CA ILE A 330 -27.08 -23.09 -41.14
C ILE A 330 -26.60 -23.13 -42.59
N ARG A 331 -26.23 -21.97 -43.12
CA ARG A 331 -25.91 -21.78 -44.53
C ARG A 331 -27.03 -22.31 -45.42
N THR A 332 -26.78 -23.37 -46.19
CA THR A 332 -27.70 -23.80 -47.23
C THR A 332 -28.66 -24.89 -46.80
N THR A 333 -28.68 -25.26 -45.52
CA THR A 333 -29.59 -26.29 -45.06
C THR A 333 -30.21 -25.87 -43.73
N ASP A 334 -31.33 -26.50 -43.40
CA ASP A 334 -31.96 -26.33 -42.11
C ASP A 334 -32.05 -27.69 -41.42
N VAL A 335 -31.69 -27.71 -40.14
CA VAL A 335 -31.55 -28.93 -39.37
C VAL A 335 -32.29 -28.76 -38.06
N THR A 336 -32.97 -29.83 -37.62
CA THR A 336 -33.65 -29.79 -36.34
C THR A 336 -32.64 -29.80 -35.20
N GLY A 337 -32.88 -28.96 -34.19
CA GLY A 337 -32.02 -28.92 -33.03
C GLY A 337 -32.84 -28.69 -31.77
N GLU A 338 -32.24 -29.04 -30.64
CA GLU A 338 -32.89 -28.94 -29.35
C GLU A 338 -32.19 -27.90 -28.48
N ILE A 339 -32.99 -27.04 -27.85
CA ILE A 339 -32.50 -25.91 -27.08
C ILE A 339 -32.26 -26.34 -25.64
N VAL A 340 -31.13 -25.91 -25.08
CA VAL A 340 -30.88 -25.97 -23.65
C VAL A 340 -30.44 -24.59 -23.19
N LEU A 341 -31.03 -24.11 -22.09
CA LEU A 341 -30.75 -22.78 -21.59
C LEU A 341 -29.71 -22.81 -20.48
N PRO A 342 -28.97 -21.72 -20.27
CA PRO A 342 -27.95 -21.71 -19.21
C PRO A 342 -28.60 -21.80 -17.84
N GLU A 343 -27.73 -22.03 -16.84
CA GLU A 343 -28.21 -22.24 -15.49
C GLU A 343 -28.96 -21.01 -14.98
N GLY A 344 -30.09 -21.25 -14.33
CA GLY A 344 -30.90 -20.17 -13.80
C GLY A 344 -31.78 -19.49 -14.83
N VAL A 345 -31.76 -19.92 -16.08
CA VAL A 345 -32.58 -19.34 -17.14
C VAL A 345 -33.62 -20.39 -17.54
N GLU A 346 -34.89 -20.05 -17.37
CA GLU A 346 -35.98 -20.98 -17.66
C GLU A 346 -36.66 -20.69 -18.99
N MET A 347 -36.65 -19.43 -19.42
CA MET A 347 -37.27 -19.03 -20.67
C MET A 347 -36.51 -17.82 -21.20
N VAL A 348 -36.66 -17.58 -22.49
CA VAL A 348 -36.13 -16.39 -23.15
C VAL A 348 -37.30 -15.75 -23.90
N MET A 349 -37.81 -14.65 -23.37
CA MET A 349 -38.94 -13.98 -24.00
C MET A 349 -38.48 -13.30 -25.29
N PRO A 350 -39.39 -13.11 -26.25
CA PRO A 350 -39.05 -12.33 -27.44
C PRO A 350 -38.49 -10.96 -27.07
N GLY A 351 -37.48 -10.53 -27.82
CA GLY A 351 -36.76 -9.31 -27.52
C GLY A 351 -35.55 -9.50 -26.62
N ASP A 352 -35.40 -10.65 -26.00
CA ASP A 352 -34.27 -10.95 -25.13
C ASP A 352 -33.24 -11.79 -25.86
N HIS A 353 -32.06 -11.90 -25.27
CA HIS A 353 -30.97 -12.68 -25.82
C HIS A 353 -30.25 -13.40 -24.70
N VAL A 354 -29.76 -14.61 -25.02
CA VAL A 354 -29.02 -15.43 -24.06
C VAL A 354 -28.13 -16.36 -24.85
N GLU A 355 -27.11 -16.91 -24.20
CA GLU A 355 -26.30 -17.97 -24.80
C GLU A 355 -27.01 -19.30 -24.57
N MET A 356 -27.42 -19.93 -25.67
CA MET A 356 -28.13 -21.21 -25.63
C MET A 356 -27.21 -22.34 -26.08
N GLU A 357 -27.48 -23.53 -25.54
CA GLU A 357 -26.85 -24.76 -26.02
C GLU A 357 -27.77 -25.43 -27.02
N ILE A 358 -27.21 -25.80 -28.17
CA ILE A 358 -27.99 -26.38 -29.25
C ILE A 358 -27.40 -27.73 -29.60
N GLU A 359 -28.26 -28.73 -29.76
CA GLU A 359 -27.86 -30.06 -30.22
C GLU A 359 -28.67 -30.39 -31.46
N LEU A 360 -28.00 -30.45 -32.61
CA LEU A 360 -28.65 -30.81 -33.85
C LEU A 360 -28.85 -32.32 -33.93
N ILE A 361 -29.77 -32.74 -34.81
CA ILE A 361 -30.00 -34.17 -34.98
C ILE A 361 -28.87 -34.85 -35.76
N TYR A 362 -28.12 -34.12 -36.57
CA TYR A 362 -26.96 -34.68 -37.24
C TYR A 362 -25.89 -33.60 -37.37
N PRO A 363 -24.62 -33.97 -37.52
CA PRO A 363 -23.56 -32.96 -37.52
C PRO A 363 -23.57 -32.12 -38.79
N VAL A 364 -23.26 -30.84 -38.63
CA VAL A 364 -23.08 -29.93 -39.75
C VAL A 364 -21.77 -29.18 -39.56
N ALA A 365 -21.25 -28.64 -40.67
CA ALA A 365 -20.08 -27.78 -40.60
C ALA A 365 -20.46 -26.47 -39.90
N ILE A 366 -19.79 -26.17 -38.79
CA ILE A 366 -20.12 -24.98 -38.01
C ILE A 366 -18.87 -24.55 -37.25
N GLU A 367 -18.73 -23.23 -37.07
CA GLU A 367 -17.54 -22.65 -36.49
C GLU A 367 -17.92 -21.44 -35.63
N LYS A 368 -17.01 -21.09 -34.72
CA LYS A 368 -17.14 -19.88 -33.91
C LYS A 368 -17.38 -18.66 -34.81
N GLY A 369 -18.27 -17.79 -34.36
CA GLY A 369 -18.55 -16.54 -35.07
C GLY A 369 -19.52 -16.67 -36.22
N GLN A 370 -19.87 -17.88 -36.63
CA GLN A 370 -20.81 -18.06 -37.72
C GLN A 370 -22.21 -17.67 -37.28
N ARG A 371 -22.95 -17.03 -38.18
CA ARG A 371 -24.31 -16.60 -37.92
C ARG A 371 -25.31 -17.55 -38.55
N PHE A 372 -26.49 -17.63 -37.96
CA PHE A 372 -27.50 -18.55 -38.45
C PHE A 372 -28.87 -18.04 -38.01
N ALA A 373 -29.89 -18.53 -38.70
CA ALA A 373 -31.27 -18.21 -38.41
C ALA A 373 -31.95 -19.40 -37.74
N ILE A 374 -32.98 -19.11 -36.95
CA ILE A 374 -33.81 -20.13 -36.31
C ILE A 374 -35.23 -19.89 -36.79
N ARG A 375 -35.86 -20.93 -37.34
CA ARG A 375 -37.19 -20.81 -37.90
C ARG A 375 -38.10 -21.89 -37.34
N GLU A 376 -39.36 -21.52 -37.15
CA GLU A 376 -40.39 -22.39 -36.59
C GLU A 376 -41.62 -22.25 -37.46
N GLY A 377 -41.98 -23.33 -38.16
CA GLY A 377 -43.00 -23.21 -39.18
C GLY A 377 -42.50 -22.38 -40.34
N GLY A 378 -43.13 -21.24 -40.58
CA GLY A 378 -42.70 -20.34 -41.63
C GLY A 378 -42.06 -19.07 -41.09
N ARG A 379 -42.14 -18.89 -39.77
CA ARG A 379 -41.64 -17.69 -39.13
C ARG A 379 -40.18 -17.86 -38.70
N THR A 380 -39.39 -16.80 -38.89
CA THR A 380 -38.06 -16.72 -38.31
C THR A 380 -38.20 -16.30 -36.85
N VAL A 381 -37.85 -17.19 -35.93
CA VAL A 381 -38.08 -16.93 -34.52
C VAL A 381 -36.81 -16.52 -33.76
N GLY A 382 -35.62 -16.73 -34.34
CA GLY A 382 -34.41 -16.37 -33.66
C GLY A 382 -33.27 -16.10 -34.64
N ALA A 383 -32.28 -15.37 -34.13
CA ALA A 383 -31.03 -15.13 -34.84
C ALA A 383 -29.89 -15.39 -33.86
N GLY A 384 -28.87 -16.13 -34.31
CA GLY A 384 -27.81 -16.54 -33.43
C GLY A 384 -26.43 -16.33 -34.04
N VAL A 385 -25.44 -16.29 -33.16
CA VAL A 385 -24.03 -16.27 -33.52
C VAL A 385 -23.35 -17.34 -32.69
N VAL A 386 -22.69 -18.29 -33.38
CA VAL A 386 -22.01 -19.36 -32.67
C VAL A 386 -20.91 -18.80 -31.79
N THR A 387 -20.91 -19.19 -30.51
CA THR A 387 -19.90 -18.78 -29.57
C THR A 387 -18.93 -19.89 -29.18
N GLU A 388 -19.30 -21.15 -29.42
CA GLU A 388 -18.47 -22.27 -29.03
C GLU A 388 -18.97 -23.52 -29.75
N VAL A 389 -18.04 -24.33 -30.25
CA VAL A 389 -18.37 -25.60 -30.88
C VAL A 389 -17.84 -26.73 -30.00
N ILE A 390 -18.61 -27.81 -29.90
CA ILE A 390 -18.30 -28.93 -29.03
C ILE A 390 -17.82 -30.10 -29.87
N GLU A 391 -16.77 -30.76 -29.40
CA GLU A 391 -16.16 -31.85 -30.18
C GLU A 391 -17.16 -32.96 -30.45
N LEU A 392 -17.01 -33.58 -31.61
CA LEU A 392 -17.89 -34.66 -32.02
C LEU A 392 -17.51 -35.98 -31.35
N THR B 1 -36.30 1.24 26.24
CA THR B 1 -35.02 1.77 25.82
C THR B 1 -34.78 1.51 24.34
N LYS B 2 -34.57 2.58 23.58
CA LYS B 2 -34.44 2.47 22.13
C LYS B 2 -33.03 2.05 21.75
N PRO B 3 -32.87 1.07 20.85
CA PRO B 3 -31.52 0.72 20.39
C PRO B 3 -30.87 1.88 19.67
N HIS B 4 -29.55 1.97 19.80
CA HIS B 4 -28.76 3.01 19.16
C HIS B 4 -28.19 2.46 17.86
N VAL B 5 -28.47 3.14 16.76
CA VAL B 5 -27.98 2.75 15.44
C VAL B 5 -27.18 3.90 14.85
N ASN B 6 -26.04 3.57 14.25
CA ASN B 6 -25.18 4.56 13.61
C ASN B 6 -25.51 4.63 12.12
N VAL B 7 -25.80 5.84 11.64
CA VAL B 7 -26.09 6.07 10.23
C VAL B 7 -25.29 7.29 9.77
N GLY B 8 -25.24 7.47 8.47
CA GLY B 8 -24.52 8.61 7.91
C GLY B 8 -24.94 8.84 6.47
N THR B 9 -24.84 10.10 6.05
CA THR B 9 -25.15 10.47 4.67
C THR B 9 -23.86 10.45 3.85
N ILE B 10 -23.87 9.67 2.77
CA ILE B 10 -22.76 9.60 1.83
C ILE B 10 -23.26 10.02 0.45
N GLY B 11 -22.31 10.25 -0.45
CA GLY B 11 -22.66 10.68 -1.79
C GLY B 11 -21.82 11.82 -2.32
N HIS B 12 -22.02 12.17 -3.59
CA HIS B 12 -21.22 13.19 -4.25
C HIS B 12 -21.47 14.57 -3.66
N VAL B 13 -20.44 15.42 -3.71
CA VAL B 13 -20.55 16.76 -3.15
C VAL B 13 -21.67 17.52 -3.82
N ASP B 14 -22.38 18.33 -3.02
CA ASP B 14 -23.47 19.22 -3.42
C ASP B 14 -24.75 18.48 -3.79
N HIS B 15 -24.84 17.17 -3.54
CA HIS B 15 -26.06 16.44 -3.87
C HIS B 15 -27.12 16.53 -2.79
N GLY B 16 -26.81 17.10 -1.63
CA GLY B 16 -27.78 17.38 -0.60
C GLY B 16 -27.65 16.60 0.68
N LYS B 17 -26.45 16.10 1.01
CA LYS B 17 -26.29 15.30 2.22
C LYS B 17 -26.56 16.14 3.46
N SER B 18 -25.99 17.34 3.52
CA SER B 18 -26.17 18.19 4.70
C SER B 18 -27.60 18.72 4.78
N THR B 19 -28.18 19.10 3.63
CA THR B 19 -29.56 19.56 3.63
C THR B 19 -30.51 18.47 4.10
N LEU B 20 -30.29 17.23 3.65
CA LEU B 20 -31.12 16.12 4.12
C LEU B 20 -30.94 15.89 5.61
N THR B 21 -29.70 16.00 6.11
CA THR B 21 -29.46 15.82 7.54
C THR B 21 -30.23 16.85 8.36
N ALA B 22 -30.19 18.11 7.92
CA ALA B 22 -30.96 19.13 8.61
C ALA B 22 -32.46 18.84 8.55
N ALA B 23 -32.95 18.40 7.39
CA ALA B 23 -34.38 18.15 7.24
C ALA B 23 -34.85 17.02 8.14
N ILE B 24 -34.01 16.02 8.40
CA ILE B 24 -34.39 14.94 9.30
C ILE B 24 -34.60 15.48 10.70
N THR B 25 -33.68 16.32 11.18
CA THR B 25 -33.79 16.84 12.53
C THR B 25 -34.99 17.78 12.66
N LYS B 26 -35.26 18.59 11.63
CA LYS B 26 -36.41 19.50 11.70
C LYS B 26 -37.72 18.73 11.77
N TYR B 27 -37.87 17.73 10.91
CA TYR B 27 -39.09 16.92 10.90
C TYR B 27 -39.33 16.28 12.25
N LEU B 28 -38.29 15.68 12.84
CA LEU B 28 -38.45 14.96 14.09
C LEU B 28 -38.57 15.89 15.29
N SER B 29 -38.12 17.15 15.17
CA SER B 29 -38.25 18.08 16.29
C SER B 29 -39.71 18.46 16.51
N LEU B 30 -40.48 18.59 15.44
CA LEU B 30 -41.90 18.90 15.59
C LEU B 30 -42.65 17.77 16.27
N LYS B 31 -42.20 16.54 16.11
CA LYS B 31 -42.75 15.41 16.84
C LYS B 31 -42.11 15.22 18.21
N GLY B 32 -41.31 16.19 18.65
CA GLY B 32 -40.66 16.09 19.94
C GLY B 32 -39.62 15.00 20.05
N LEU B 33 -39.04 14.58 18.92
CA LEU B 33 -38.13 13.45 18.90
C LEU B 33 -36.69 13.83 18.55
N ALA B 34 -36.41 15.12 18.38
CA ALA B 34 -35.05 15.54 18.02
C ALA B 34 -34.89 17.02 18.30
N GLN B 35 -33.63 17.40 18.48
CA GLN B 35 -33.26 18.82 18.45
C GLN B 35 -33.03 19.24 17.01
N TYR B 36 -33.69 20.31 16.61
CA TYR B 36 -33.53 20.81 15.24
C TYR B 36 -32.18 21.49 15.09
N VAL B 37 -31.39 21.04 14.13
CA VAL B 37 -30.08 21.62 13.84
C VAL B 37 -30.15 22.24 12.45
N PRO B 38 -30.00 23.56 12.31
CA PRO B 38 -30.11 24.18 10.99
C PRO B 38 -29.01 23.74 10.05
N TYR B 39 -29.26 23.95 8.76
CA TYR B 39 -28.35 23.49 7.72
C TYR B 39 -26.97 24.12 7.88
N ASP B 40 -26.92 25.42 8.20
CA ASP B 40 -25.62 26.09 8.25
C ASP B 40 -24.75 25.54 9.37
N GLN B 41 -25.36 25.05 10.46
CA GLN B 41 -24.57 24.47 11.54
C GLN B 41 -24.08 23.07 11.19
N ILE B 42 -24.89 22.31 10.45
CA ILE B 42 -24.44 21.01 9.97
C ILE B 42 -23.37 21.19 8.89
N ASP B 43 -23.55 22.18 8.03
CA ASP B 43 -22.61 22.40 6.93
C ASP B 43 -21.22 22.74 7.44
N LYS B 44 -21.12 23.54 8.51
CA LYS B 44 -19.82 23.89 9.09
C LYS B 44 -19.45 22.83 10.12
N ALA B 45 -18.98 21.69 9.62
CA ALA B 45 -18.66 20.58 10.50
C ALA B 45 -17.41 20.89 11.32
N PRO B 46 -17.38 20.47 12.58
CA PRO B 46 -16.16 20.64 13.39
C PRO B 46 -15.14 19.56 13.06
N GLU B 47 -13.97 19.67 13.69
CA GLU B 47 -12.88 18.74 13.49
C GLU B 47 -12.83 17.70 14.60
N GLU B 48 -12.29 16.53 14.28
CA GLU B 48 -11.90 15.56 15.28
C GLU B 48 -10.72 14.75 14.73
N LYS B 49 -10.08 13.98 15.60
CA LYS B 49 -8.85 13.29 15.26
C LYS B 49 -9.02 11.78 15.37
N ALA B 50 -8.50 11.08 14.38
CA ALA B 50 -8.37 9.62 14.40
C ALA B 50 -6.93 9.30 14.04
N ARG B 51 -6.22 8.61 14.95
CA ARG B 51 -4.75 8.55 14.91
C ARG B 51 -4.29 10.00 14.97
N GLY B 52 -3.42 10.45 14.07
CA GLY B 52 -3.10 11.86 13.93
C GLY B 52 -3.83 12.54 12.79
N ILE B 53 -4.85 11.89 12.22
CA ILE B 53 -5.57 12.40 11.06
C ILE B 53 -6.72 13.27 11.53
N THR B 54 -6.79 14.49 10.99
CA THR B 54 -7.90 15.38 11.24
C THR B 54 -9.02 15.11 10.23
N ILE B 55 -10.24 14.97 10.73
CA ILE B 55 -11.41 14.70 9.90
C ILE B 55 -12.51 15.67 10.32
N ASN B 56 -13.17 16.28 9.34
CA ASN B 56 -14.34 17.12 9.61
C ASN B 56 -15.58 16.24 9.57
N ILE B 57 -16.24 16.08 10.71
CA ILE B 57 -17.46 15.27 10.82
C ILE B 57 -18.49 16.05 11.62
N THR B 58 -19.70 16.15 11.09
CA THR B 58 -20.84 16.61 11.88
C THR B 58 -21.51 15.41 12.51
N HIS B 59 -21.72 15.47 13.83
CA HIS B 59 -22.50 14.49 14.56
C HIS B 59 -23.80 15.15 15.02
N VAL B 60 -24.93 14.53 14.71
CA VAL B 60 -26.21 14.89 15.30
C VAL B 60 -26.90 13.60 15.74
N GLU B 61 -27.88 13.76 16.61
CA GLU B 61 -28.64 12.63 17.14
C GLU B 61 -30.13 12.93 17.02
N TYR B 62 -30.90 11.90 16.72
CA TYR B 62 -32.35 12.03 16.65
C TYR B 62 -32.96 10.66 16.90
N GLU B 63 -34.24 10.65 17.20
CA GLU B 63 -34.95 9.42 17.53
C GLU B 63 -36.18 9.28 16.66
N THR B 64 -36.48 8.04 16.29
CA THR B 64 -37.82 7.67 15.87
C THR B 64 -38.54 7.08 17.07
N GLU B 65 -39.77 6.60 16.84
CA GLU B 65 -40.51 5.98 17.92
C GLU B 65 -39.81 4.73 18.45
N LYS B 66 -39.05 4.06 17.59
CA LYS B 66 -38.44 2.79 17.94
C LYS B 66 -36.95 2.88 18.24
N ARG B 67 -36.25 3.87 17.70
CA ARG B 67 -34.79 3.84 17.69
C ARG B 67 -34.20 5.20 18.01
N HIS B 68 -32.95 5.18 18.48
CA HIS B 68 -32.11 6.35 18.62
C HIS B 68 -31.00 6.26 17.58
N TYR B 69 -30.87 7.30 16.75
CA TYR B 69 -29.93 7.30 15.65
C TYR B 69 -28.80 8.28 15.94
N ALA B 70 -27.56 7.81 15.77
CA ALA B 70 -26.39 8.67 15.77
C ALA B 70 -25.99 8.88 14.31
N HIS B 71 -26.10 10.11 13.84
CA HIS B 71 -25.99 10.44 12.43
C HIS B 71 -24.73 11.26 12.19
N ILE B 72 -23.94 10.85 11.19
CA ILE B 72 -22.73 11.58 10.84
C ILE B 72 -22.86 12.13 9.42
N ASP B 73 -22.21 13.27 9.19
CA ASP B 73 -22.27 13.97 7.91
C ASP B 73 -20.95 14.71 7.74
N CYS B 74 -20.35 14.63 6.55
CA CYS B 74 -19.03 15.21 6.35
C CYS B 74 -19.04 16.21 5.20
N PRO B 75 -18.22 17.25 5.28
CA PRO B 75 -18.21 18.26 4.21
C PRO B 75 -17.54 17.77 2.93
N GLY B 76 -16.36 17.17 3.05
CA GLY B 76 -15.50 16.91 1.91
C GLY B 76 -15.38 15.44 1.57
N HIS B 77 -15.11 15.17 0.30
CA HIS B 77 -14.88 13.81 -0.16
C HIS B 77 -13.76 13.13 0.62
N ALA B 78 -12.71 13.88 0.95
CA ALA B 78 -11.58 13.29 1.67
C ALA B 78 -11.95 12.92 3.11
N ASP B 79 -12.87 13.67 3.73
CA ASP B 79 -13.34 13.32 5.06
C ASP B 79 -14.00 11.95 5.06
N TYR B 80 -14.79 11.64 4.03
CA TYR B 80 -15.46 10.35 3.97
C TYR B 80 -14.47 9.21 3.79
N ILE B 81 -13.42 9.43 2.99
CA ILE B 81 -12.41 8.40 2.79
C ILE B 81 -11.71 8.10 4.11
N LYS B 82 -11.23 9.14 4.80
CA LYS B 82 -10.48 8.93 6.02
C LYS B 82 -11.37 8.36 7.14
N ASN B 83 -12.60 8.87 7.27
CA ASN B 83 -13.48 8.35 8.31
C ASN B 83 -13.82 6.90 8.08
N MET B 84 -14.07 6.51 6.83
CA MET B 84 -14.47 5.13 6.57
C MET B 84 -13.32 4.17 6.84
N ILE B 85 -12.11 4.56 6.48
CA ILE B 85 -10.96 3.66 6.66
C ILE B 85 -10.52 3.65 8.13
N THR B 86 -10.33 4.82 8.73
CA THR B 86 -9.95 4.86 10.13
C THR B 86 -11.06 4.35 11.05
N GLY B 87 -12.31 4.41 10.61
CA GLY B 87 -13.40 4.03 11.48
C GLY B 87 -13.60 4.98 12.64
N ALA B 88 -13.28 6.26 12.44
CA ALA B 88 -13.49 7.24 13.49
C ALA B 88 -14.95 7.28 13.93
N ALA B 89 -15.86 7.29 12.96
CA ALA B 89 -17.31 7.19 13.20
C ALA B 89 -17.86 6.14 12.25
N GLN B 90 -18.15 4.96 12.77
CA GLN B 90 -18.59 3.83 11.95
C GLN B 90 -20.10 3.86 11.74
N MET B 91 -20.55 3.13 10.72
CA MET B 91 -21.94 3.17 10.28
C MET B 91 -22.53 1.77 10.25
N ASP B 92 -23.71 1.62 10.85
CA ASP B 92 -24.49 0.40 10.63
C ASP B 92 -25.23 0.43 9.31
N GLY B 93 -25.60 1.62 8.85
CA GLY B 93 -26.20 1.77 7.53
C GLY B 93 -25.83 3.12 6.99
N ALA B 94 -25.74 3.21 5.67
CA ALA B 94 -25.40 4.45 4.99
C ALA B 94 -26.60 4.94 4.18
N ILE B 95 -26.80 6.26 4.17
CA ILE B 95 -27.80 6.91 3.33
C ILE B 95 -27.06 7.48 2.14
N LEU B 96 -27.16 6.81 1.00
CA LEU B 96 -26.56 7.28 -0.24
C LEU B 96 -27.47 8.32 -0.87
N VAL B 97 -27.04 9.57 -0.86
CA VAL B 97 -27.80 10.69 -1.41
C VAL B 97 -27.33 10.92 -2.84
N VAL B 98 -28.26 10.90 -3.79
CA VAL B 98 -27.96 11.11 -5.20
C VAL B 98 -28.93 12.15 -5.75
N ALA B 99 -28.40 13.24 -6.29
CA ALA B 99 -29.24 14.27 -6.88
C ALA B 99 -29.84 13.76 -8.18
N ALA B 100 -31.18 13.87 -8.31
CA ALA B 100 -31.84 13.41 -9.52
C ALA B 100 -31.39 14.21 -10.74
N THR B 101 -30.97 15.45 -10.53
CA THR B 101 -30.50 16.29 -11.63
C THR B 101 -29.22 15.72 -12.24
N ASP B 102 -28.24 15.40 -11.41
CA ASP B 102 -26.94 14.97 -11.92
C ASP B 102 -26.81 13.46 -12.09
N GLY B 103 -27.60 12.68 -11.36
CA GLY B 103 -27.43 11.25 -11.34
C GLY B 103 -26.16 10.87 -10.58
N PRO B 104 -25.81 9.58 -10.57
CA PRO B 104 -24.61 9.15 -9.85
C PRO B 104 -23.36 9.78 -10.46
N MET B 105 -22.50 10.30 -9.59
CA MET B 105 -21.32 11.06 -9.98
C MET B 105 -20.08 10.32 -9.46
N PRO B 106 -18.85 10.79 -9.76
CA PRO B 106 -17.67 10.00 -9.38
C PRO B 106 -17.56 9.69 -7.89
N GLN B 107 -17.91 10.64 -7.02
CA GLN B 107 -17.80 10.36 -5.59
C GLN B 107 -18.91 9.43 -5.11
N THR B 108 -20.04 9.41 -5.82
CA THR B 108 -21.07 8.41 -5.53
C THR B 108 -20.50 7.00 -5.66
N ARG B 109 -19.79 6.74 -6.76
CA ARG B 109 -19.19 5.43 -6.95
C ARG B 109 -18.13 5.15 -5.89
N GLU B 110 -17.27 6.13 -5.61
CA GLU B 110 -16.18 5.91 -4.68
C GLU B 110 -16.69 5.62 -3.27
N HIS B 111 -17.74 6.32 -2.85
CA HIS B 111 -18.28 6.09 -1.50
C HIS B 111 -18.90 4.71 -1.39
N VAL B 112 -19.56 4.24 -2.44
CA VAL B 112 -20.15 2.90 -2.39
C VAL B 112 -19.05 1.85 -2.37
N LEU B 113 -18.02 2.03 -3.21
CA LEU B 113 -16.90 1.10 -3.23
C LEU B 113 -16.24 1.01 -1.86
N LEU B 114 -15.91 2.15 -1.27
CA LEU B 114 -15.21 2.16 0.00
C LEU B 114 -16.09 1.65 1.13
N ALA B 115 -17.39 1.95 1.10
CA ALA B 115 -18.31 1.44 2.11
C ALA B 115 -18.30 -0.09 2.13
N ARG B 116 -18.30 -0.73 0.95
CA ARG B 116 -18.21 -2.18 0.90
C ARG B 116 -16.83 -2.66 1.37
N GLN B 117 -15.77 -1.90 1.06
CA GLN B 117 -14.45 -2.29 1.51
C GLN B 117 -14.34 -2.27 3.03
N VAL B 118 -14.93 -1.26 3.68
CA VAL B 118 -14.81 -1.15 5.14
C VAL B 118 -15.93 -1.88 5.88
N GLY B 119 -16.86 -2.50 5.16
CA GLY B 119 -17.85 -3.35 5.80
C GLY B 119 -19.12 -2.70 6.25
N VAL B 120 -19.53 -1.60 5.63
CA VAL B 120 -20.83 -0.98 5.94
C VAL B 120 -21.92 -1.96 5.54
N PRO B 121 -22.72 -2.46 6.48
CA PRO B 121 -23.58 -3.62 6.18
C PRO B 121 -24.83 -3.30 5.35
N TYR B 122 -25.37 -2.09 5.42
CA TYR B 122 -26.63 -1.79 4.74
C TYR B 122 -26.57 -0.42 4.08
N MET B 123 -27.26 -0.32 2.94
CA MET B 123 -27.35 0.91 2.17
C MET B 123 -28.82 1.27 1.97
N ILE B 124 -29.10 2.57 2.05
CA ILE B 124 -30.41 3.13 1.75
C ILE B 124 -30.19 4.33 0.84
N VAL B 125 -31.00 4.43 -0.21
CA VAL B 125 -30.80 5.45 -1.23
C VAL B 125 -31.83 6.55 -1.05
N PHE B 126 -31.39 7.80 -1.10
CA PHE B 126 -32.29 8.95 -1.17
C PHE B 126 -31.98 9.70 -2.45
N ILE B 127 -32.92 9.65 -3.40
CA ILE B 127 -32.80 10.41 -4.63
C ILE B 127 -33.32 11.82 -4.35
N ASN B 128 -32.43 12.80 -4.36
CA ASN B 128 -32.72 14.16 -3.90
C ASN B 128 -33.03 15.07 -5.08
N LYS B 129 -33.49 16.28 -4.75
CA LYS B 129 -33.71 17.36 -5.70
C LYS B 129 -34.73 16.98 -6.76
N THR B 130 -35.71 16.14 -6.41
CA THR B 130 -36.77 15.80 -7.35
C THR B 130 -37.65 17.00 -7.68
N ASP B 131 -37.58 18.07 -6.87
CA ASP B 131 -38.28 19.30 -7.20
C ASP B 131 -37.75 19.95 -8.47
N MET B 132 -36.56 19.57 -8.91
CA MET B 132 -35.94 20.11 -10.12
C MET B 132 -36.16 19.23 -11.34
N VAL B 133 -36.85 18.10 -11.19
CA VAL B 133 -37.06 17.16 -12.28
C VAL B 133 -38.56 16.92 -12.41
N ASP B 134 -39.16 17.46 -13.46
CA ASP B 134 -40.58 17.24 -13.70
C ASP B 134 -40.85 15.86 -14.31
N ASP B 135 -39.93 15.38 -15.13
CA ASP B 135 -40.09 14.12 -15.83
C ASP B 135 -39.81 12.95 -14.90
N PRO B 136 -40.83 12.19 -14.50
CA PRO B 136 -40.61 11.11 -13.52
C PRO B 136 -39.90 9.90 -14.12
N GLU B 137 -39.87 9.78 -15.44
CA GLU B 137 -39.15 8.69 -16.06
C GLU B 137 -37.64 8.90 -15.97
N LEU B 138 -37.17 10.14 -15.91
CA LEU B 138 -35.75 10.36 -15.67
C LEU B 138 -35.36 9.95 -14.26
N ILE B 139 -36.20 10.30 -13.27
CA ILE B 139 -35.93 9.88 -11.90
C ILE B 139 -35.89 8.36 -11.80
N GLU B 140 -36.76 7.67 -12.55
CA GLU B 140 -36.71 6.21 -12.56
C GLU B 140 -35.42 5.70 -13.20
N LEU B 141 -34.88 6.41 -14.20
CA LEU B 141 -33.61 6.00 -14.79
C LEU B 141 -32.47 6.18 -13.79
N VAL B 142 -32.50 7.27 -13.03
CA VAL B 142 -31.48 7.49 -12.00
C VAL B 142 -31.55 6.39 -10.95
N GLU B 143 -32.76 6.02 -10.51
CA GLU B 143 -32.91 4.96 -9.52
C GLU B 143 -32.30 3.66 -10.01
N MET B 144 -32.56 3.29 -11.27
CA MET B 144 -32.04 2.02 -11.78
C MET B 144 -30.53 2.05 -11.90
N GLU B 145 -29.94 3.21 -12.24
CA GLU B 145 -28.49 3.32 -12.30
C GLU B 145 -27.88 3.21 -10.91
N VAL B 146 -28.48 3.87 -9.92
CA VAL B 146 -27.96 3.80 -8.55
C VAL B 146 -28.07 2.38 -8.01
N ARG B 147 -29.20 1.72 -8.23
CA ARG B 147 -29.35 0.33 -7.82
C ARG B 147 -28.25 -0.54 -8.41
N ASP B 148 -27.94 -0.34 -9.69
CA ASP B 148 -26.88 -1.14 -10.31
C ASP B 148 -25.51 -0.77 -9.75
N LEU B 149 -25.30 0.51 -9.44
CA LEU B 149 -24.05 0.90 -8.79
C LEU B 149 -23.86 0.15 -7.49
N LEU B 150 -24.93 0.02 -6.70
CA LEU B 150 -24.84 -0.76 -5.47
C LEU B 150 -24.53 -2.21 -5.76
N SER B 151 -25.18 -2.79 -6.77
CA SER B 151 -24.95 -4.20 -7.09
C SER B 151 -23.56 -4.43 -7.64
N GLN B 152 -22.95 -3.41 -8.26
CA GLN B 152 -21.58 -3.57 -8.75
C GLN B 152 -20.60 -3.75 -7.60
N TYR B 153 -20.95 -3.32 -6.39
CA TYR B 153 -20.08 -3.50 -5.22
C TYR B 153 -20.73 -4.42 -4.19
N GLU B 154 -21.49 -5.41 -4.67
CA GLU B 154 -22.00 -6.56 -3.92
C GLU B 154 -23.10 -6.21 -2.93
N TYR B 155 -23.60 -4.98 -2.94
CA TYR B 155 -24.80 -4.69 -2.19
C TYR B 155 -26.03 -5.21 -2.93
N PRO B 156 -27.13 -5.53 -2.23
CA PRO B 156 -28.35 -5.99 -2.92
C PRO B 156 -29.13 -4.83 -3.55
N GLY B 157 -28.62 -4.35 -4.68
CA GLY B 157 -29.16 -3.14 -5.28
C GLY B 157 -30.63 -3.22 -5.60
N ASP B 158 -31.12 -4.42 -5.95
CA ASP B 158 -32.53 -4.61 -6.21
C ASP B 158 -33.38 -4.63 -4.94
N GLU B 159 -32.76 -4.79 -3.77
CA GLU B 159 -33.51 -4.92 -2.52
C GLU B 159 -33.50 -3.66 -1.67
N VAL B 160 -32.55 -2.74 -1.88
CA VAL B 160 -32.37 -1.60 -0.99
C VAL B 160 -33.57 -0.67 -1.10
N PRO B 161 -33.94 0.02 -0.02
CA PRO B 161 -34.98 1.05 -0.13
C PRO B 161 -34.46 2.26 -0.90
N VAL B 162 -35.31 2.79 -1.77
CA VAL B 162 -35.00 3.97 -2.57
C VAL B 162 -36.13 4.97 -2.35
N ILE B 163 -35.81 6.08 -1.70
CA ILE B 163 -36.77 7.14 -1.41
C ILE B 163 -36.44 8.33 -2.31
N LYS B 164 -37.45 8.89 -2.95
CA LYS B 164 -37.31 10.06 -3.81
C LYS B 164 -37.96 11.25 -3.14
N GLY B 165 -37.29 12.39 -3.18
CA GLY B 165 -37.85 13.57 -2.55
C GLY B 165 -36.95 14.77 -2.75
N SER B 166 -37.28 15.83 -2.01
CA SER B 166 -36.54 17.07 -2.03
C SER B 166 -36.22 17.44 -0.59
N ALA B 167 -34.95 17.33 -0.22
CA ALA B 167 -34.55 17.70 1.13
C ALA B 167 -34.77 19.18 1.39
N LEU B 168 -34.56 20.02 0.37
CA LEU B 168 -34.74 21.45 0.55
C LEU B 168 -36.21 21.80 0.80
N LYS B 169 -37.11 21.17 0.06
CA LYS B 169 -38.54 21.45 0.26
C LYS B 169 -38.99 21.03 1.64
N ALA B 170 -38.46 19.91 2.15
CA ALA B 170 -38.79 19.48 3.50
C ALA B 170 -38.27 20.47 4.52
N LEU B 171 -37.09 21.04 4.28
CA LEU B 171 -36.50 22.00 5.20
C LEU B 171 -37.30 23.30 5.27
N GLU B 172 -38.11 23.60 4.27
CA GLU B 172 -38.89 24.83 4.25
C GLU B 172 -40.30 24.60 4.78
N HIS B 179 -45.36 21.49 4.18
CA HIS B 179 -45.52 20.37 5.12
C HIS B 179 -45.60 19.05 4.38
N GLU B 180 -46.22 19.06 3.20
CA GLU B 180 -46.33 17.83 2.41
C GLU B 180 -44.97 17.30 2.00
N ALA B 181 -43.96 18.16 1.91
CA ALA B 181 -42.61 17.73 1.57
C ALA B 181 -41.97 16.84 2.63
N TYR B 182 -42.61 16.67 3.79
CA TYR B 182 -42.08 15.80 4.83
C TYR B 182 -42.27 14.32 4.53
N LYS B 183 -43.13 13.97 3.57
CA LYS B 183 -43.41 12.56 3.31
C LYS B 183 -42.16 11.75 2.95
N PRO B 184 -41.24 12.22 2.10
CA PRO B 184 -40.02 11.45 1.87
C PRO B 184 -39.16 11.28 3.11
N ILE B 185 -39.08 12.31 3.96
CA ILE B 185 -38.33 12.19 5.20
C ILE B 185 -38.89 11.06 6.05
N GLN B 186 -40.22 11.03 6.21
CA GLN B 186 -40.86 9.96 6.97
C GLN B 186 -40.63 8.61 6.31
N GLU B 187 -40.72 8.56 4.98
CA GLU B 187 -40.45 7.32 4.25
C GLU B 187 -39.01 6.86 4.46
N LEU B 188 -38.08 7.81 4.58
CA LEU B 188 -36.68 7.45 4.81
C LEU B 188 -36.49 6.91 6.21
N LEU B 189 -37.05 7.58 7.21
CA LEU B 189 -36.94 7.12 8.58
C LEU B 189 -37.59 5.75 8.76
N ASP B 190 -38.69 5.49 8.05
CA ASP B 190 -39.30 4.16 8.11
C ASP B 190 -38.38 3.12 7.49
N ALA B 191 -37.74 3.47 6.37
CA ALA B 191 -36.76 2.56 5.78
C ALA B 191 -35.64 2.26 6.75
N MET B 192 -35.14 3.29 7.45
CA MET B 192 -34.08 3.09 8.42
C MET B 192 -34.54 2.18 9.56
N ASP B 193 -35.77 2.36 10.04
CA ASP B 193 -36.27 1.51 11.12
C ASP B 193 -36.41 0.06 10.68
N ASN B 194 -36.89 -0.17 9.45
CA ASN B 194 -37.23 -1.51 9.01
C ASN B 194 -36.10 -2.23 8.28
N TYR B 195 -35.33 -1.51 7.45
CA TYR B 195 -34.33 -2.18 6.63
C TYR B 195 -33.04 -2.45 7.40
N ILE B 196 -32.63 -1.54 8.28
CA ILE B 196 -31.45 -1.76 9.10
C ILE B 196 -31.88 -2.55 10.33
N PRO B 197 -31.38 -3.77 10.51
CA PRO B 197 -31.74 -4.54 11.71
C PRO B 197 -31.10 -3.95 12.95
N ASP B 198 -31.67 -4.33 14.10
CA ASP B 198 -31.09 -3.93 15.37
C ASP B 198 -29.65 -4.46 15.45
N PRO B 199 -28.68 -3.62 15.79
CA PRO B 199 -27.30 -4.10 15.81
C PRO B 199 -27.09 -5.15 16.89
N GLN B 200 -26.33 -6.18 16.54
CA GLN B 200 -25.93 -7.19 17.52
C GLN B 200 -24.89 -6.60 18.46
N ARG B 201 -25.15 -6.67 19.77
CA ARG B 201 -24.21 -6.10 20.72
C ARG B 201 -23.07 -7.06 21.01
N ASP B 202 -21.88 -6.48 21.29
CA ASP B 202 -20.62 -7.21 21.38
C ASP B 202 -20.65 -8.39 22.33
N VAL B 203 -21.74 -8.56 23.08
CA VAL B 203 -21.78 -9.53 24.17
C VAL B 203 -22.41 -10.86 23.74
N ASP B 204 -23.06 -10.92 22.58
CA ASP B 204 -23.49 -12.20 22.04
C ASP B 204 -22.60 -12.70 20.93
N LYS B 205 -21.66 -11.87 20.46
CA LYS B 205 -20.70 -12.29 19.46
C LYS B 205 -19.76 -13.34 20.04
N PRO B 206 -19.07 -14.10 19.20
CA PRO B 206 -18.15 -15.12 19.73
C PRO B 206 -17.05 -14.48 20.57
N PHE B 207 -16.72 -15.13 21.68
CA PHE B 207 -15.72 -14.60 22.61
C PHE B 207 -14.39 -14.36 21.91
N LEU B 208 -13.75 -13.25 22.25
CA LEU B 208 -12.40 -12.95 21.76
C LEU B 208 -11.71 -12.03 22.75
N MET B 209 -10.51 -12.39 23.16
CA MET B 209 -9.70 -11.57 24.05
C MET B 209 -8.26 -11.58 23.57
N PRO B 210 -7.74 -10.44 23.10
CA PRO B 210 -6.31 -10.38 22.76
C PRO B 210 -5.47 -10.50 24.01
N ILE B 211 -4.41 -11.29 23.93
CA ILE B 211 -3.55 -11.55 25.08
C ILE B 211 -2.52 -10.44 25.19
N GLU B 212 -2.57 -9.69 26.28
CA GLU B 212 -1.63 -8.60 26.54
C GLU B 212 -0.43 -9.03 27.36
N ASP B 213 -0.60 -9.94 28.33
CA ASP B 213 0.46 -10.29 29.25
C ASP B 213 0.30 -11.75 29.65
N VAL B 214 1.44 -12.42 29.88
CA VAL B 214 1.48 -13.82 30.28
C VAL B 214 2.41 -13.95 31.48
N PHE B 215 1.96 -14.68 32.51
CA PHE B 215 2.86 -15.00 33.61
C PHE B 215 2.41 -16.29 34.29
N SER B 216 3.36 -16.93 34.98
CA SER B 216 3.12 -18.18 35.67
C SER B 216 2.88 -17.92 37.15
N ILE B 217 1.84 -18.53 37.70
CA ILE B 217 1.65 -18.61 39.14
C ILE B 217 2.07 -20.02 39.54
N THR B 218 3.21 -20.13 40.20
CA THR B 218 3.74 -21.44 40.55
C THR B 218 2.78 -22.17 41.48
N GLY B 219 2.47 -23.41 41.13
CA GLY B 219 1.50 -24.20 41.86
C GLY B 219 0.07 -24.01 41.41
N ARG B 220 -0.18 -23.13 40.44
CA ARG B 220 -1.54 -22.88 39.98
C ARG B 220 -1.63 -23.01 38.46
N GLY B 221 -0.76 -22.34 37.72
CA GLY B 221 -0.74 -22.46 36.29
C GLY B 221 -0.44 -21.13 35.61
N THR B 222 -0.70 -21.10 34.30
CA THR B 222 -0.36 -19.97 33.45
C THR B 222 -1.56 -19.04 33.31
N VAL B 223 -1.33 -17.75 33.57
CA VAL B 223 -2.37 -16.73 33.47
C VAL B 223 -2.08 -15.85 32.27
N VAL B 224 -3.09 -15.58 31.47
CA VAL B 224 -3.01 -14.58 30.40
C VAL B 224 -3.99 -13.48 30.74
N THR B 225 -3.57 -12.24 30.53
CA THR B 225 -4.43 -11.09 30.79
C THR B 225 -4.69 -10.33 29.50
N GLY B 226 -5.81 -9.63 29.49
CA GLY B 226 -6.18 -8.80 28.36
C GLY B 226 -7.58 -8.29 28.55
N ARG B 227 -7.97 -7.36 27.68
CA ARG B 227 -9.31 -6.79 27.69
C ARG B 227 -10.16 -7.56 26.70
N ILE B 228 -11.29 -8.10 27.18
CA ILE B 228 -12.19 -8.85 26.30
C ILE B 228 -12.76 -7.91 25.25
N GLU B 229 -12.55 -8.25 23.98
CA GLU B 229 -13.05 -7.43 22.89
C GLU B 229 -14.53 -7.67 22.63
N ARG B 230 -14.96 -8.93 22.67
CA ARG B 230 -16.36 -9.26 22.42
C ARG B 230 -16.70 -10.58 23.11
N GLY B 231 -18.00 -10.81 23.26
CA GLY B 231 -18.46 -12.07 23.80
C GLY B 231 -18.32 -12.16 25.30
N ARG B 232 -18.38 -13.40 25.80
CA ARG B 232 -18.37 -13.66 27.22
C ARG B 232 -17.54 -14.90 27.51
N ILE B 233 -16.86 -14.89 28.65
CA ILE B 233 -16.05 -16.01 29.10
C ILE B 233 -16.47 -16.37 30.51
N ARG B 234 -16.74 -17.65 30.72
CA ARG B 234 -17.07 -18.16 32.04
C ARG B 234 -16.06 -19.24 32.43
N PRO B 235 -15.76 -19.39 33.72
CA PRO B 235 -14.87 -20.47 34.14
C PRO B 235 -15.43 -21.81 33.69
N GLY B 236 -14.56 -22.65 33.15
CA GLY B 236 -14.95 -23.90 32.54
C GLY B 236 -15.15 -23.85 31.04
N ASP B 237 -15.26 -22.66 30.45
CA ASP B 237 -15.36 -22.56 29.00
C ASP B 237 -14.09 -23.06 28.34
N GLU B 238 -14.25 -23.74 27.21
CA GLU B 238 -13.13 -24.12 26.38
C GLU B 238 -12.92 -23.07 25.30
N VAL B 239 -11.66 -22.69 25.08
CA VAL B 239 -11.30 -21.68 24.10
C VAL B 239 -10.08 -22.17 23.32
N GLU B 240 -9.78 -21.48 22.24
CA GLU B 240 -8.61 -21.75 21.43
C GLU B 240 -7.61 -20.61 21.58
N ILE B 241 -6.33 -20.94 21.58
CA ILE B 241 -5.25 -19.97 21.50
C ILE B 241 -4.87 -19.87 20.03
N ILE B 242 -5.16 -18.73 19.41
CA ILE B 242 -5.01 -18.56 17.96
C ILE B 242 -3.97 -17.50 17.68
N GLY B 243 -3.11 -17.78 16.69
CA GLY B 243 -2.02 -16.89 16.35
C GLY B 243 -0.69 -17.59 16.55
N LEU B 244 0.32 -17.17 15.81
CA LEU B 244 1.66 -17.76 15.88
C LEU B 244 1.63 -19.22 15.45
N SER B 245 2.02 -20.12 16.37
CA SER B 245 2.13 -21.54 16.01
C SER B 245 0.76 -22.19 15.84
N GLU B 247 0.64 -23.45 16.22
CA GLU B 247 -0.59 -24.18 16.03
C GLU B 247 -1.72 -23.57 16.86
N ILE B 248 -2.94 -24.04 16.60
CA ILE B 248 -4.10 -23.71 17.41
C ILE B 248 -4.14 -24.66 18.60
N ARG B 249 -4.19 -24.09 19.80
CA ARG B 249 -4.23 -24.87 21.04
C ARG B 249 -5.59 -24.73 21.68
N LYS B 250 -6.16 -25.85 22.11
CA LYS B 250 -7.37 -25.83 22.91
C LYS B 250 -7.01 -25.81 24.39
N THR B 251 -7.80 -25.10 25.18
CA THR B 251 -7.59 -25.04 26.62
C THR B 251 -8.88 -24.62 27.28
N VAL B 252 -9.01 -24.96 28.55
CA VAL B 252 -10.16 -24.57 29.37
C VAL B 252 -9.73 -23.44 30.29
N VAL B 253 -10.51 -22.36 30.30
CA VAL B 253 -10.30 -21.28 31.25
C VAL B 253 -10.95 -21.69 32.57
N THR B 254 -10.12 -22.02 33.56
CA THR B 254 -10.63 -22.46 34.85
C THR B 254 -10.89 -21.31 35.80
N SER B 255 -10.38 -20.11 35.51
CA SER B 255 -10.55 -18.98 36.41
C SER B 255 -10.49 -17.68 35.61
N VAL B 256 -11.46 -16.80 35.86
CA VAL B 256 -11.53 -15.48 35.27
C VAL B 256 -11.51 -14.47 36.41
N GLU B 257 -10.49 -13.63 36.46
CA GLU B 257 -10.30 -12.73 37.58
C GLU B 257 -10.17 -11.28 37.11
N MET B 258 -10.89 -10.39 37.79
CA MET B 258 -10.84 -8.95 37.51
C MET B 258 -10.98 -8.22 38.84
N PHE B 259 -10.09 -7.24 39.06
CA PHE B 259 -10.07 -6.45 40.29
C PHE B 259 -10.02 -7.36 41.52
N ARG B 260 -9.11 -8.33 41.48
CA ARG B 260 -8.80 -9.19 42.62
C ARG B 260 -9.98 -10.08 43.01
N LYS B 261 -10.88 -10.37 42.08
CA LYS B 261 -12.06 -11.16 42.39
C LYS B 261 -12.30 -12.20 41.30
N GLU B 262 -12.80 -13.36 41.73
CA GLU B 262 -13.24 -14.38 40.79
C GLU B 262 -14.55 -13.95 40.15
N LEU B 263 -14.61 -13.96 38.83
CA LEU B 263 -15.79 -13.56 38.10
C LEU B 263 -16.63 -14.78 37.74
N ASP B 264 -17.95 -14.63 37.87
CA ASP B 264 -18.84 -15.58 37.23
C ASP B 264 -18.71 -15.50 35.71
N GLU B 265 -18.43 -14.32 35.19
CA GLU B 265 -18.34 -14.10 33.75
C GLU B 265 -17.46 -12.90 33.48
N GLY B 266 -16.82 -12.91 32.31
CA GLY B 266 -16.16 -11.73 31.80
C GLY B 266 -16.78 -11.31 30.49
N ILE B 267 -17.08 -10.03 30.33
CA ILE B 267 -17.73 -9.55 29.11
C ILE B 267 -16.85 -8.53 28.41
N ALA B 268 -17.30 -8.04 27.25
CA ALA B 268 -16.54 -7.06 26.48
C ALA B 268 -16.23 -5.84 27.33
N GLY B 269 -14.99 -5.37 27.22
CA GLY B 269 -14.51 -4.26 28.03
C GLY B 269 -13.84 -4.65 29.32
N ASP B 270 -14.05 -5.87 29.82
CA ASP B 270 -13.42 -6.32 31.05
C ASP B 270 -11.96 -6.67 30.82
N ASN B 271 -11.06 -6.10 31.62
CA ASN B 271 -9.66 -6.48 31.61
C ASN B 271 -9.49 -7.60 32.65
N VAL B 272 -9.30 -8.83 32.18
CA VAL B 272 -9.36 -10.01 33.04
C VAL B 272 -8.06 -10.79 32.95
N GLY B 273 -7.87 -11.67 33.92
CA GLY B 273 -6.82 -12.67 33.89
C GLY B 273 -7.46 -14.06 33.80
N CYS B 274 -6.96 -14.85 32.85
CA CYS B 274 -7.53 -16.17 32.55
C CYS B 274 -6.49 -17.25 32.87
N LEU B 275 -6.85 -18.18 33.75
CA LEU B 275 -6.01 -19.31 34.08
C LEU B 275 -6.28 -20.44 33.08
N LEU B 276 -5.26 -20.81 32.32
CA LEU B 276 -5.39 -21.74 31.20
C LEU B 276 -4.95 -23.13 31.61
N ARG B 277 -5.90 -24.07 31.69
CA ARG B 277 -5.59 -25.42 32.09
C ARG B 277 -4.66 -26.09 31.08
N GLY B 278 -3.60 -26.72 31.59
CA GLY B 278 -2.73 -27.51 30.75
C GLY B 278 -1.92 -26.74 29.74
N ILE B 279 -1.68 -25.45 29.97
CA ILE B 279 -0.89 -24.63 29.09
C ILE B 279 0.34 -24.14 29.84
N ASP B 280 1.51 -24.37 29.28
CA ASP B 280 2.75 -23.87 29.86
C ASP B 280 3.01 -22.45 29.38
N LYS B 281 3.87 -21.74 30.11
CA LYS B 281 4.10 -20.33 29.81
C LYS B 281 4.75 -20.14 28.45
N ASP B 282 5.53 -21.10 27.98
CA ASP B 282 6.15 -21.02 26.66
C ASP B 282 5.23 -21.52 25.55
N GLU B 283 4.00 -21.90 25.88
CA GLU B 283 3.03 -22.32 24.88
C GLU B 283 2.02 -21.22 24.54
N VAL B 284 2.02 -20.12 25.29
CA VAL B 284 1.15 -18.99 25.03
C VAL B 284 1.97 -17.73 25.23
N GLU B 285 1.73 -16.73 24.39
CA GLU B 285 2.56 -15.52 24.44
C GLU B 285 1.74 -14.32 24.01
N ARG B 286 2.29 -13.15 24.26
CA ARG B 286 1.59 -11.91 23.96
C ARG B 286 1.44 -11.74 22.45
N GLY B 287 0.24 -11.31 22.03
CA GLY B 287 -0.10 -11.15 20.64
C GLY B 287 -1.06 -12.20 20.12
N GLN B 288 -1.08 -13.38 20.73
CA GLN B 288 -2.11 -14.35 20.44
C GLN B 288 -3.43 -13.89 21.06
N VAL B 289 -4.51 -14.56 20.67
CA VAL B 289 -5.83 -14.27 21.24
C VAL B 289 -6.43 -15.55 21.78
N LEU B 290 -7.28 -15.38 22.80
CA LEU B 290 -8.23 -16.41 23.19
C LEU B 290 -9.53 -16.17 22.43
N ALA B 291 -10.13 -17.24 21.91
CA ALA B 291 -11.35 -17.09 21.14
C ALA B 291 -12.23 -18.31 21.32
N ALA B 292 -13.53 -18.11 21.11
CA ALA B 292 -14.44 -19.24 20.99
C ALA B 292 -13.95 -20.15 19.88
N PRO B 293 -13.92 -21.48 20.09
CA PRO B 293 -13.30 -22.37 19.11
C PRO B 293 -13.92 -22.24 17.73
N GLY B 294 -13.06 -22.13 16.71
CA GLY B 294 -13.49 -21.99 15.35
C GLY B 294 -13.94 -20.59 14.94
N SER B 295 -14.06 -19.66 15.87
CA SER B 295 -14.63 -18.34 15.57
C SER B 295 -13.66 -17.43 14.83
N ILE B 296 -12.36 -17.70 14.87
CA ILE B 296 -11.38 -16.91 14.13
C ILE B 296 -10.17 -17.81 13.90
N LYS B 297 -9.46 -17.54 12.81
CA LYS B 297 -8.37 -18.39 12.36
C LYS B 297 -7.11 -17.58 12.18
N PRO B 298 -5.93 -18.21 12.27
CA PRO B 298 -4.68 -17.50 12.00
C PRO B 298 -4.43 -17.37 10.51
N HIS B 299 -3.76 -16.29 10.14
CA HIS B 299 -3.41 -16.05 8.74
C HIS B 299 -2.08 -15.32 8.67
N LYS B 300 -1.30 -15.66 7.66
CA LYS B 300 -0.11 -14.90 7.29
C LYS B 300 -0.38 -13.90 6.18
N ARG B 301 -1.37 -14.18 5.33
CA ARG B 301 -1.67 -13.38 4.17
C ARG B 301 -3.11 -12.87 4.23
N PHE B 302 -3.29 -11.61 3.86
CA PHE B 302 -4.63 -11.03 3.82
C PHE B 302 -4.57 -9.80 2.92
N LYS B 303 -5.75 -9.33 2.52
CA LYS B 303 -5.90 -8.09 1.80
C LYS B 303 -6.58 -7.06 2.70
N ALA B 304 -6.28 -5.79 2.46
CA ALA B 304 -6.84 -4.73 3.29
C ALA B 304 -6.84 -3.43 2.52
N GLU B 305 -7.90 -2.65 2.69
CA GLU B 305 -7.94 -1.29 2.18
C GLU B 305 -7.10 -0.42 3.09
N VAL B 306 -6.05 0.20 2.55
CA VAL B 306 -5.07 0.91 3.34
C VAL B 306 -5.02 2.37 2.90
N TYR B 307 -5.15 3.27 3.85
CA TYR B 307 -4.92 4.70 3.63
C TYR B 307 -3.51 5.05 4.08
N VAL B 308 -2.73 5.65 3.18
CA VAL B 308 -1.36 6.05 3.48
C VAL B 308 -1.37 7.46 4.05
N LEU B 309 -0.88 7.61 5.28
CA LEU B 309 -0.97 8.89 5.97
C LEU B 309 -0.05 9.93 5.33
N LYS B 310 -0.52 11.17 5.29
CA LYS B 310 0.33 12.28 4.91
C LYS B 310 1.35 12.57 6.00
N LYS B 311 2.43 13.25 5.60
CA LYS B 311 3.44 13.69 6.56
C LYS B 311 2.81 14.58 7.65
N GLU B 312 1.94 15.50 7.24
CA GLU B 312 1.26 16.38 8.20
C GLU B 312 0.38 15.60 9.18
N GLU B 313 0.03 14.36 8.86
CA GLU B 313 -0.84 13.55 9.71
C GLU B 313 -0.06 12.58 10.58
N GLY B 314 1.27 12.67 10.58
CA GLY B 314 2.10 11.75 11.30
C GLY B 314 2.77 10.69 10.45
N GLY B 315 2.55 10.69 9.14
CA GLY B 315 3.16 9.72 8.25
C GLY B 315 4.48 10.20 7.68
N ARG B 316 4.85 9.62 6.54
CA ARG B 316 6.08 9.94 5.85
C ARG B 316 5.78 10.48 4.46
N HIS B 317 6.79 11.08 3.83
CA HIS B 317 6.69 11.52 2.45
C HIS B 317 6.76 10.38 1.45
N THR B 318 7.42 9.28 1.82
CA THR B 318 7.70 8.18 0.89
C THR B 318 6.45 7.32 0.68
N PRO B 319 6.15 6.97 -0.57
CA PRO B 319 4.96 6.17 -0.85
C PRO B 319 5.16 4.70 -0.48
N PHE B 320 4.04 3.99 -0.44
CA PHE B 320 4.08 2.54 -0.32
C PHE B 320 4.45 1.93 -1.67
N PHE B 321 5.15 0.80 -1.62
CA PHE B 321 5.66 0.17 -2.83
C PHE B 321 5.75 -1.33 -2.61
N LYS B 322 5.86 -2.07 -3.71
CA LYS B 322 5.97 -3.52 -3.64
C LYS B 322 7.24 -3.92 -2.89
N GLY B 323 7.11 -4.83 -1.94
CA GLY B 323 8.23 -5.26 -1.13
C GLY B 323 8.51 -4.42 0.09
N TYR B 324 7.81 -3.30 0.25
CA TYR B 324 7.89 -2.53 1.49
C TYR B 324 7.51 -3.41 2.67
N LYS B 325 8.26 -3.28 3.77
CA LYS B 325 8.09 -4.16 4.93
C LYS B 325 7.95 -3.34 6.21
N PRO B 326 6.79 -2.72 6.41
CA PRO B 326 6.57 -2.00 7.68
C PRO B 326 6.06 -2.91 8.78
N GLN B 327 5.72 -2.33 9.93
CA GLN B 327 5.17 -3.07 11.06
C GLN B 327 3.65 -2.93 11.07
N PHE B 328 2.97 -4.05 11.33
CA PHE B 328 1.52 -4.11 11.33
C PHE B 328 1.03 -4.33 12.76
N TYR B 329 0.32 -3.34 13.31
CA TYR B 329 -0.15 -3.42 14.69
C TYR B 329 -1.54 -4.05 14.69
N ILE B 330 -1.58 -5.35 14.96
CA ILE B 330 -2.80 -6.13 14.93
C ILE B 330 -3.16 -6.47 16.37
N ARG B 331 -4.21 -5.82 16.88
CA ARG B 331 -4.58 -5.88 18.29
C ARG B 331 -3.38 -5.57 19.17
N THR B 332 -2.92 -6.55 19.96
CA THR B 332 -1.92 -6.27 20.98
C THR B 332 -0.48 -6.43 20.50
N THR B 333 -0.24 -7.07 19.36
CA THR B 333 1.13 -7.25 18.87
C THR B 333 1.36 -6.44 17.61
N ASP B 334 2.63 -6.33 17.23
CA ASP B 334 3.01 -5.75 15.95
C ASP B 334 3.93 -6.72 15.23
N VAL B 335 3.68 -6.91 13.93
CA VAL B 335 4.32 -7.95 13.13
C VAL B 335 4.84 -7.33 11.84
N THR B 336 6.01 -7.77 11.40
CA THR B 336 6.52 -7.36 10.10
C THR B 336 5.71 -8.01 9.00
N GLY B 337 5.44 -7.25 7.94
CA GLY B 337 4.69 -7.76 6.81
C GLY B 337 5.16 -7.10 5.54
N GLU B 338 5.03 -7.83 4.44
CA GLU B 338 5.47 -7.34 3.13
C GLU B 338 4.27 -6.89 2.31
N ILE B 339 4.43 -5.75 1.66
CA ILE B 339 3.36 -5.12 0.89
C ILE B 339 3.42 -5.60 -0.56
N VAL B 340 2.27 -6.01 -1.08
CA VAL B 340 2.08 -6.25 -2.51
C VAL B 340 0.92 -5.38 -2.96
N LEU B 341 1.12 -4.66 -4.01
CA LEU B 341 0.12 -3.75 -4.56
C LEU B 341 -0.64 -4.40 -5.70
N PRO B 342 -1.86 -3.96 -5.98
CA PRO B 342 -2.64 -4.55 -7.07
C PRO B 342 -1.99 -4.31 -8.43
N GLU B 343 -2.47 -5.07 -9.42
CA GLU B 343 -1.89 -5.00 -10.76
C GLU B 343 -2.05 -3.60 -11.34
N GLY B 344 -0.97 -3.09 -11.93
CA GLY B 344 -0.98 -1.76 -12.52
C GLY B 344 -0.73 -0.63 -11.55
N VAL B 345 -0.62 -0.91 -10.27
CA VAL B 345 -0.32 0.10 -9.25
C VAL B 345 1.12 -0.10 -8.81
N GLU B 346 1.95 0.91 -9.03
CA GLU B 346 3.37 0.85 -8.66
C GLU B 346 3.67 1.57 -7.36
N MET B 347 2.88 2.58 -7.01
CA MET B 347 3.11 3.36 -5.81
C MET B 347 1.76 3.74 -5.21
N VAL B 348 1.76 3.98 -3.90
CA VAL B 348 0.62 4.57 -3.20
C VAL B 348 1.18 5.75 -2.43
N MET B 349 0.94 6.95 -2.93
CA MET B 349 1.45 8.18 -2.34
C MET B 349 0.70 8.51 -1.05
N PRO B 350 1.34 9.24 -0.13
CA PRO B 350 0.63 9.73 1.06
C PRO B 350 -0.64 10.47 0.67
N GLY B 351 -1.72 10.18 1.40
CA GLY B 351 -3.01 10.74 1.09
C GLY B 351 -3.88 9.90 0.18
N ASP B 352 -3.32 8.86 -0.43
CA ASP B 352 -4.07 7.97 -1.29
C ASP B 352 -4.39 6.66 -0.56
N HIS B 353 -5.24 5.85 -1.17
CA HIS B 353 -5.63 4.58 -0.59
C HIS B 353 -5.85 3.56 -1.70
N VAL B 354 -5.42 2.32 -1.45
CA VAL B 354 -5.67 1.18 -2.33
C VAL B 354 -5.85 -0.06 -1.46
N GLU B 355 -6.30 -1.13 -2.10
CA GLU B 355 -6.37 -2.43 -1.46
C GLU B 355 -5.04 -3.14 -1.66
N MET B 356 -4.35 -3.44 -0.56
CA MET B 356 -3.03 -4.03 -0.60
C MET B 356 -3.08 -5.49 -0.17
N GLU B 357 -2.14 -6.28 -0.70
CA GLU B 357 -1.90 -7.63 -0.22
C GLU B 357 -0.76 -7.58 0.79
N ILE B 358 -0.96 -8.21 1.94
CA ILE B 358 -0.01 -8.17 3.03
C ILE B 358 0.34 -9.59 3.43
N GLU B 359 1.63 -9.88 3.55
CA GLU B 359 2.11 -11.17 4.04
C GLU B 359 2.92 -10.93 5.30
N LEU B 360 2.38 -11.34 6.45
CA LEU B 360 3.08 -11.25 7.73
C LEU B 360 4.14 -12.34 7.83
N ILE B 361 5.15 -12.07 8.66
CA ILE B 361 6.23 -13.04 8.85
C ILE B 361 5.81 -14.24 9.69
N TYR B 362 4.67 -14.18 10.37
CA TYR B 362 4.11 -15.35 11.02
C TYR B 362 2.61 -15.15 11.18
N PRO B 363 1.84 -16.22 11.39
CA PRO B 363 0.38 -16.08 11.41
C PRO B 363 -0.10 -15.37 12.67
N VAL B 364 -1.15 -14.56 12.52
CA VAL B 364 -1.84 -13.93 13.64
C VAL B 364 -3.33 -14.12 13.44
N ALA B 365 -4.06 -14.06 14.55
CA ALA B 365 -5.52 -14.03 14.49
C ALA B 365 -5.96 -12.77 13.76
N ILE B 366 -6.70 -12.94 12.67
CA ILE B 366 -7.14 -11.80 11.88
C ILE B 366 -8.40 -12.19 11.13
N GLU B 367 -9.32 -11.23 11.00
CA GLU B 367 -10.63 -11.47 10.40
C GLU B 367 -11.02 -10.29 9.52
N LYS B 368 -11.92 -10.58 8.58
CA LYS B 368 -12.47 -9.55 7.72
C LYS B 368 -13.13 -8.44 8.54
N GLY B 369 -12.94 -7.20 8.11
CA GLY B 369 -13.49 -6.04 8.79
C GLY B 369 -12.63 -5.50 9.93
N GLN B 370 -11.56 -6.20 10.29
CA GLN B 370 -10.71 -5.77 11.39
C GLN B 370 -9.83 -4.61 10.96
N ARG B 371 -9.68 -3.63 11.84
CA ARG B 371 -8.86 -2.47 11.58
C ARG B 371 -7.51 -2.62 12.25
N PHE B 372 -6.49 -1.96 11.69
CA PHE B 372 -5.13 -2.06 12.19
C PHE B 372 -4.35 -0.83 11.76
N ALA B 373 -3.23 -0.60 12.43
CA ALA B 373 -2.33 0.48 12.11
C ALA B 373 -1.06 -0.07 11.48
N ILE B 374 -0.44 0.75 10.63
CA ILE B 374 0.82 0.40 9.99
C ILE B 374 1.85 1.43 10.45
N ARG B 375 2.92 0.96 11.07
CA ARG B 375 3.93 1.85 11.62
C ARG B 375 5.30 1.44 11.10
N GLU B 376 6.16 2.45 10.95
CA GLU B 376 7.52 2.23 10.49
C GLU B 376 8.38 3.35 11.06
N GLY B 377 9.35 2.99 11.88
CA GLY B 377 10.12 4.01 12.59
C GLY B 377 9.32 4.74 13.64
N GLY B 378 8.40 4.05 14.30
CA GLY B 378 7.58 4.65 15.34
C GLY B 378 6.44 5.50 14.82
N ARG B 379 6.57 6.02 13.60
CA ARG B 379 5.54 6.86 13.01
C ARG B 379 4.46 6.00 12.36
N THR B 380 3.20 6.40 12.55
CA THR B 380 2.07 5.72 11.93
C THR B 380 1.99 6.13 10.46
N VAL B 381 2.29 5.18 9.57
CA VAL B 381 2.34 5.48 8.15
C VAL B 381 1.10 5.04 7.39
N GLY B 382 0.30 4.14 7.96
CA GLY B 382 -0.91 3.70 7.29
C GLY B 382 -1.96 3.24 8.27
N ALA B 383 -3.21 3.27 7.79
CA ALA B 383 -4.37 2.71 8.50
C ALA B 383 -5.14 1.82 7.54
N GLY B 384 -5.48 0.61 7.99
CA GLY B 384 -6.04 -0.39 7.11
C GLY B 384 -7.28 -1.05 7.69
N VAL B 385 -8.07 -1.64 6.80
CA VAL B 385 -9.23 -2.44 7.14
C VAL B 385 -9.15 -3.73 6.34
N VAL B 386 -9.13 -4.86 7.04
CA VAL B 386 -9.04 -6.17 6.40
C VAL B 386 -10.28 -6.38 5.53
N THR B 387 -10.05 -6.65 4.24
CA THR B 387 -11.13 -6.96 3.31
C THR B 387 -11.21 -8.44 2.96
N GLU B 388 -10.16 -9.21 3.19
CA GLU B 388 -10.15 -10.62 2.83
C GLU B 388 -9.02 -11.30 3.57
N VAL B 389 -9.29 -12.51 4.08
CA VAL B 389 -8.26 -13.33 4.72
C VAL B 389 -8.00 -14.54 3.84
N ILE B 390 -6.73 -14.92 3.72
CA ILE B 390 -6.29 -15.98 2.83
C ILE B 390 -5.90 -17.19 3.68
N GLU B 391 -6.40 -18.37 3.31
CA GLU B 391 -6.21 -19.56 4.10
C GLU B 391 -4.72 -19.87 4.29
N LEU B 392 -4.40 -20.47 5.43
CA LEU B 392 -3.03 -20.74 5.81
C LEU B 392 -2.50 -22.03 5.19
N THR C 1 57.25 10.65 -24.23
CA THR C 1 56.72 9.30 -24.15
C THR C 1 55.40 9.22 -24.94
N LYS C 2 54.65 8.15 -24.73
CA LYS C 2 53.39 7.88 -25.42
C LYS C 2 52.22 8.40 -24.61
N PRO C 3 51.24 9.06 -25.23
CA PRO C 3 50.05 9.49 -24.48
C PRO C 3 49.30 8.31 -23.90
N HIS C 4 48.75 8.50 -22.71
CA HIS C 4 47.92 7.48 -22.05
C HIS C 4 46.46 7.71 -22.42
N VAL C 5 45.82 6.70 -22.99
CA VAL C 5 44.43 6.77 -23.41
C VAL C 5 43.65 5.66 -22.72
N ASN C 6 42.48 5.99 -22.20
CA ASN C 6 41.61 5.03 -21.54
C ASN C 6 40.55 4.56 -22.52
N VAL C 7 40.48 3.24 -22.73
CA VAL C 7 39.47 2.64 -23.57
C VAL C 7 38.81 1.50 -22.80
N GLY C 8 37.72 0.98 -23.37
CA GLY C 8 37.00 -0.12 -22.75
C GLY C 8 36.09 -0.79 -23.75
N THR C 9 35.84 -2.07 -23.54
CA THR C 9 34.92 -2.81 -24.39
C THR C 9 33.52 -2.74 -23.81
N ILE C 10 32.53 -2.47 -24.66
CA ILE C 10 31.13 -2.49 -24.27
C ILE C 10 30.37 -3.35 -25.29
N GLY C 11 29.12 -3.66 -24.96
CA GLY C 11 28.26 -4.43 -25.82
C GLY C 11 27.55 -5.53 -25.07
N HIS C 12 26.67 -6.23 -25.80
CA HIS C 12 25.83 -7.26 -25.21
C HIS C 12 26.67 -8.42 -24.67
N VAL C 13 26.11 -9.10 -23.67
CA VAL C 13 26.80 -10.23 -23.06
C VAL C 13 27.03 -11.33 -24.10
N ASP C 14 28.16 -12.02 -23.97
CA ASP C 14 28.58 -13.14 -24.82
C ASP C 14 28.90 -12.72 -26.25
N HIS C 15 28.95 -11.43 -26.55
CA HIS C 15 29.31 -11.01 -27.89
C HIS C 15 30.80 -11.01 -28.16
N GLY C 16 31.63 -11.19 -27.14
CA GLY C 16 33.05 -11.36 -27.32
C GLY C 16 33.95 -10.26 -26.78
N LYS C 17 33.48 -9.48 -25.80
CA LYS C 17 34.29 -8.38 -25.28
C LYS C 17 35.57 -8.88 -24.64
N SER C 18 35.47 -9.92 -23.80
CA SER C 18 36.65 -10.41 -23.10
C SER C 18 37.59 -11.14 -24.06
N THR C 19 37.04 -11.91 -25.00
CA THR C 19 37.87 -12.58 -25.98
C THR C 19 38.66 -11.57 -26.81
N LEU C 20 38.01 -10.48 -27.20
CA LEU C 20 38.71 -9.44 -27.94
C LEU C 20 39.81 -8.80 -27.11
N THR C 21 39.51 -8.52 -25.84
CA THR C 21 40.51 -7.95 -24.94
C THR C 21 41.74 -8.84 -24.86
N ALA C 22 41.53 -10.15 -24.70
CA ALA C 22 42.66 -11.07 -24.66
C ALA C 22 43.42 -11.06 -25.98
N ALA C 23 42.70 -10.98 -27.10
CA ALA C 23 43.35 -11.04 -28.41
C ALA C 23 44.25 -9.85 -28.66
N ILE C 24 43.80 -8.65 -28.27
CA ILE C 24 44.62 -7.44 -28.40
C ILE C 24 45.93 -7.64 -27.67
N THR C 25 45.80 -7.96 -26.39
CA THR C 25 46.90 -8.36 -25.52
C THR C 25 47.86 -9.37 -26.16
N LYS C 26 47.30 -10.43 -26.74
CA LYS C 26 48.13 -11.48 -27.32
C LYS C 26 48.86 -10.99 -28.57
N TYR C 27 48.14 -10.27 -29.43
CA TYR C 27 48.76 -9.77 -30.66
C TYR C 27 49.93 -8.85 -30.35
N LEU C 28 49.71 -7.89 -29.45
CA LEU C 28 50.78 -6.93 -29.15
C LEU C 28 51.94 -7.58 -28.40
N SER C 29 51.68 -8.67 -27.68
CA SER C 29 52.78 -9.38 -27.00
C SER C 29 53.75 -10.00 -28.00
N LEU C 30 53.32 -10.24 -29.24
CA LEU C 30 54.24 -10.73 -30.27
C LEU C 30 55.30 -9.70 -30.61
N LYS C 31 55.04 -8.42 -30.37
CA LYS C 31 55.99 -7.35 -30.59
C LYS C 31 56.59 -6.84 -29.29
N GLY C 32 56.33 -7.50 -28.17
CA GLY C 32 56.81 -7.03 -26.90
C GLY C 32 56.13 -5.78 -26.39
N LEU C 33 54.97 -5.43 -26.97
CA LEU C 33 54.26 -4.20 -26.62
C LEU C 33 53.16 -4.44 -25.60
N ALA C 34 53.02 -5.65 -25.08
CA ALA C 34 52.03 -5.95 -24.06
C ALA C 34 52.36 -7.30 -23.44
N GLN C 35 51.95 -7.48 -22.19
CA GLN C 35 51.95 -8.81 -21.60
C GLN C 35 50.70 -9.54 -22.05
N TYR C 36 50.85 -10.79 -22.46
CA TYR C 36 49.72 -11.61 -22.84
C TYR C 36 48.96 -12.03 -21.58
N VAL C 37 47.70 -11.62 -21.49
CA VAL C 37 46.74 -11.95 -20.45
C VAL C 37 45.72 -12.90 -21.06
N PRO C 38 45.69 -14.17 -20.65
CA PRO C 38 44.75 -15.12 -21.24
C PRO C 38 43.30 -14.75 -20.96
N TYR C 39 42.42 -15.29 -21.80
CA TYR C 39 40.98 -15.00 -21.71
C TYR C 39 40.44 -15.24 -20.31
N ASP C 40 40.78 -16.39 -19.70
CA ASP C 40 40.23 -16.73 -18.40
C ASP C 40 40.62 -15.68 -17.35
N GLN C 41 41.85 -15.16 -17.42
CA GLN C 41 42.25 -14.13 -16.48
C GLN C 41 41.45 -12.85 -16.69
N ILE C 42 41.12 -12.54 -17.94
CA ILE C 42 40.31 -11.35 -18.18
C ILE C 42 38.86 -11.61 -17.81
N ASP C 43 38.38 -12.84 -18.02
CA ASP C 43 36.97 -13.14 -17.76
C ASP C 43 36.65 -13.02 -16.27
N LYS C 44 37.56 -13.46 -15.40
CA LYS C 44 37.32 -13.48 -13.96
C LYS C 44 37.58 -12.12 -13.29
N ALA C 45 37.02 -11.05 -13.87
CA ALA C 45 37.32 -9.70 -13.45
C ALA C 45 37.32 -9.59 -11.92
N PRO C 46 38.29 -8.91 -11.34
CA PRO C 46 38.29 -8.73 -9.88
C PRO C 46 37.31 -7.63 -9.50
N GLU C 47 37.26 -7.32 -8.21
CA GLU C 47 36.31 -6.36 -7.67
C GLU C 47 37.01 -5.06 -7.29
N GLU C 48 36.27 -3.96 -7.41
CA GLU C 48 36.69 -2.69 -6.84
C GLU C 48 35.43 -1.92 -6.44
N LYS C 49 35.62 -0.86 -5.66
CA LYS C 49 34.51 -0.16 -5.04
C LYS C 49 34.48 1.30 -5.47
N ALA C 50 33.33 1.73 -5.97
CA ALA C 50 33.00 3.15 -6.13
C ALA C 50 31.81 3.43 -5.22
N ARG C 51 31.95 4.42 -4.33
CA ARG C 51 31.04 4.60 -3.19
C ARG C 51 31.07 3.28 -2.42
N GLY C 52 29.93 2.74 -2.02
CA GLY C 52 29.80 1.38 -1.53
C GLY C 52 29.38 0.40 -2.58
N ILE C 53 29.35 0.83 -3.85
CA ILE C 53 28.98 -0.04 -4.95
C ILE C 53 30.19 -0.89 -5.34
N THR C 54 29.99 -2.20 -5.43
CA THR C 54 31.04 -3.10 -5.89
C THR C 54 30.86 -3.32 -7.39
N ILE C 55 31.94 -3.11 -8.14
CA ILE C 55 31.93 -3.29 -9.59
C ILE C 55 33.06 -4.24 -9.95
N ASN C 56 32.75 -5.23 -10.78
CA ASN C 56 33.75 -6.14 -11.32
C ASN C 56 34.30 -5.54 -12.61
N ILE C 57 35.58 -5.15 -12.58
CA ILE C 57 36.24 -4.53 -13.71
C ILE C 57 37.61 -5.18 -13.90
N THR C 58 37.92 -5.56 -15.13
CA THR C 58 39.26 -5.99 -15.49
C THR C 58 40.03 -4.79 -16.06
N HIS C 59 41.21 -4.52 -15.50
CA HIS C 59 42.14 -3.54 -16.04
C HIS C 59 43.32 -4.29 -16.65
N VAL C 60 43.60 -4.03 -17.92
CA VAL C 60 44.84 -4.45 -18.56
C VAL C 60 45.45 -3.24 -19.26
N GLU C 61 46.73 -3.38 -19.62
CA GLU C 61 47.47 -2.31 -20.25
C GLU C 61 48.26 -2.86 -21.43
N TYR C 62 48.24 -2.12 -22.54
CA TYR C 62 49.03 -2.48 -23.70
C TYR C 62 49.45 -1.20 -24.42
N GLU C 63 50.42 -1.33 -25.31
CA GLU C 63 50.93 -0.22 -26.08
C GLU C 63 50.91 -0.52 -27.57
N THR C 64 50.53 0.47 -28.37
CA THR C 64 50.89 0.49 -29.77
C THR C 64 52.22 1.23 -29.90
N GLU C 65 52.67 1.42 -31.15
CA GLU C 65 53.89 2.20 -31.34
C GLU C 65 53.70 3.63 -30.88
N LYS C 66 52.49 4.16 -31.00
CA LYS C 66 52.21 5.56 -30.73
C LYS C 66 51.71 5.82 -29.32
N ARG C 67 50.97 4.90 -28.71
CA ARG C 67 50.23 5.22 -27.50
C ARG C 67 50.33 4.11 -26.46
N HIS C 68 50.05 4.48 -25.22
CA HIS C 68 49.85 3.55 -24.12
C HIS C 68 48.37 3.54 -23.76
N TYR C 69 47.76 2.36 -23.77
CA TYR C 69 46.33 2.24 -23.52
C TYR C 69 46.07 1.57 -22.19
N ALA C 70 45.14 2.14 -21.43
CA ALA C 70 44.57 1.48 -20.25
C ALA C 70 43.18 1.01 -20.64
N HIS C 71 42.96 -0.30 -20.56
CA HIS C 71 41.81 -0.95 -21.15
C HIS C 71 40.98 -1.59 -20.05
N ILE C 72 39.67 -1.33 -20.04
CA ILE C 72 38.77 -1.94 -19.07
C ILE C 72 37.79 -2.86 -19.78
N ASP C 73 37.35 -3.88 -19.04
CA ASP C 73 36.42 -4.89 -19.53
C ASP C 73 35.64 -5.42 -18.34
N CYS C 74 34.32 -5.61 -18.51
CA CYS C 74 33.49 -6.01 -17.38
C CYS C 74 32.70 -7.26 -17.72
N PRO C 75 32.47 -8.14 -16.73
CA PRO C 75 31.69 -9.35 -17.01
C PRO C 75 30.21 -9.09 -17.20
N GLY C 76 29.61 -8.27 -16.34
CA GLY C 76 28.17 -8.14 -16.27
C GLY C 76 27.65 -6.86 -16.87
N HIS C 77 26.45 -6.95 -17.44
CA HIS C 77 25.71 -5.75 -17.86
C HIS C 77 25.59 -4.75 -16.72
N ALA C 78 25.31 -5.23 -15.50
CA ALA C 78 25.22 -4.34 -14.35
C ALA C 78 26.54 -3.66 -14.04
N ASP C 79 27.67 -4.35 -14.28
CA ASP C 79 28.97 -3.72 -14.07
C ASP C 79 29.14 -2.51 -14.97
N TYR C 80 28.75 -2.63 -16.24
CA TYR C 80 28.89 -1.51 -17.17
C TYR C 80 28.02 -0.34 -16.76
N ILE C 81 26.78 -0.61 -16.35
CA ILE C 81 25.88 0.47 -15.93
C ILE C 81 26.48 1.21 -14.74
N LYS C 82 26.92 0.47 -13.73
CA LYS C 82 27.44 1.09 -12.52
C LYS C 82 28.77 1.80 -12.79
N ASN C 83 29.64 1.22 -13.62
CA ASN C 83 30.91 1.88 -13.89
C ASN C 83 30.72 3.17 -14.66
N MET C 84 29.88 3.14 -15.70
CA MET C 84 29.68 4.34 -16.53
C MET C 84 29.09 5.48 -15.71
N ILE C 85 28.12 5.19 -14.86
CA ILE C 85 27.46 6.26 -14.10
C ILE C 85 28.35 6.75 -12.96
N THR C 86 28.97 5.84 -12.21
CA THR C 86 29.85 6.28 -11.12
C THR C 86 31.16 6.86 -11.63
N GLY C 87 31.58 6.50 -12.84
CA GLY C 87 32.86 6.95 -13.33
C GLY C 87 34.04 6.31 -12.64
N ALA C 88 33.87 5.10 -12.10
CA ALA C 88 34.97 4.42 -11.42
C ALA C 88 36.17 4.26 -12.33
N ALA C 89 35.93 3.85 -13.57
CA ALA C 89 36.97 3.81 -14.60
C ALA C 89 36.39 4.43 -15.87
N GLN C 90 36.85 5.62 -16.21
CA GLN C 90 36.28 6.37 -17.32
C GLN C 90 36.98 6.03 -18.63
N MET C 91 36.30 6.34 -19.73
CA MET C 91 36.76 5.99 -21.07
C MET C 91 36.84 7.23 -21.95
N ASP C 92 37.98 7.40 -22.63
CA ASP C 92 38.06 8.39 -23.70
C ASP C 92 37.46 7.85 -25.00
N GLY C 93 37.49 6.54 -25.18
CA GLY C 93 36.84 5.91 -26.30
C GLY C 93 36.32 4.54 -25.92
N ALA C 94 35.15 4.16 -26.44
CA ALA C 94 34.58 2.87 -26.17
C ALA C 94 34.67 2.01 -27.42
N ILE C 95 35.06 0.75 -27.22
CA ILE C 95 35.07 -0.24 -28.29
C ILE C 95 33.76 -1.01 -28.17
N LEU C 96 32.82 -0.72 -29.06
CA LEU C 96 31.53 -1.38 -29.07
C LEU C 96 31.66 -2.68 -29.85
N VAL C 97 31.49 -3.81 -29.16
CA VAL C 97 31.63 -5.12 -29.77
C VAL C 97 30.22 -5.65 -30.05
N VAL C 98 29.96 -5.98 -31.32
CA VAL C 98 28.66 -6.48 -31.74
C VAL C 98 28.87 -7.80 -32.49
N ALA C 99 28.26 -8.86 -32.00
CA ALA C 99 28.36 -10.16 -32.66
C ALA C 99 27.63 -10.12 -34.00
N ALA C 100 28.31 -10.54 -35.06
CA ALA C 100 27.68 -10.60 -36.37
C ALA C 100 26.52 -11.58 -36.40
N THR C 101 26.51 -12.57 -35.50
CA THR C 101 25.42 -13.53 -35.48
C THR C 101 24.12 -12.90 -35.02
N ASP C 102 24.14 -12.24 -33.87
CA ASP C 102 22.93 -11.64 -33.30
C ASP C 102 22.68 -10.21 -33.79
N GLY C 103 23.72 -9.50 -34.21
CA GLY C 103 23.59 -8.09 -34.45
C GLY C 103 23.36 -7.36 -33.15
N PRO C 104 23.00 -6.07 -33.23
CA PRO C 104 22.74 -5.30 -32.00
C PRO C 104 21.59 -5.93 -31.20
N MET C 105 21.78 -5.95 -29.89
CA MET C 105 20.85 -6.58 -28.95
C MET C 105 20.45 -5.56 -27.89
N PRO C 106 19.52 -5.88 -26.97
CA PRO C 106 19.11 -4.89 -25.97
C PRO C 106 20.26 -4.22 -25.22
N GLN C 107 21.23 -4.99 -24.73
CA GLN C 107 22.33 -4.39 -23.98
C GLN C 107 23.22 -3.53 -24.87
N THR C 108 23.33 -3.89 -26.15
CA THR C 108 24.04 -3.03 -27.10
C THR C 108 23.46 -1.62 -27.09
N ARG C 109 22.13 -1.53 -27.18
CA ARG C 109 21.47 -0.22 -27.21
C ARG C 109 21.67 0.53 -25.90
N GLU C 110 21.50 -0.17 -24.77
CA GLU C 110 21.63 0.47 -23.47
C GLU C 110 23.04 0.97 -23.24
N HIS C 111 24.06 0.21 -23.66
CA HIS C 111 25.43 0.65 -23.48
C HIS C 111 25.74 1.87 -24.32
N VAL C 112 25.24 1.92 -25.55
CA VAL C 112 25.45 3.09 -26.38
C VAL C 112 24.71 4.30 -25.81
N LEU C 113 23.44 4.10 -25.43
CA LEU C 113 22.67 5.16 -24.79
C LEU C 113 23.40 5.68 -23.55
N LEU C 114 23.79 4.77 -22.67
CA LEU C 114 24.45 5.16 -21.43
C LEU C 114 25.77 5.85 -21.71
N ALA C 115 26.53 5.36 -22.70
CA ALA C 115 27.78 6.01 -23.06
C ALA C 115 27.56 7.46 -23.45
N ARG C 116 26.47 7.74 -24.16
CA ARG C 116 26.15 9.12 -24.50
C ARG C 116 25.77 9.91 -23.25
N GLN C 117 24.96 9.32 -22.38
CA GLN C 117 24.52 10.01 -21.17
C GLN C 117 25.71 10.44 -20.32
N VAL C 118 26.68 9.54 -20.12
CA VAL C 118 27.82 9.86 -19.27
C VAL C 118 28.92 10.61 -20.00
N GLY C 119 28.83 10.74 -21.32
CA GLY C 119 29.73 11.61 -22.05
C GLY C 119 30.98 10.93 -22.60
N VAL C 120 30.85 9.68 -23.05
CA VAL C 120 31.96 8.98 -23.68
C VAL C 120 32.23 9.64 -25.03
N PRO C 121 33.41 10.24 -25.23
CA PRO C 121 33.59 11.12 -26.39
C PRO C 121 33.60 10.41 -27.74
N TYR C 122 34.20 9.23 -27.83
CA TYR C 122 34.39 8.57 -29.12
C TYR C 122 33.98 7.10 -29.05
N MET C 123 33.63 6.57 -30.21
CA MET C 123 33.06 5.24 -30.33
C MET C 123 33.70 4.52 -31.51
N ILE C 124 34.14 3.29 -31.29
CA ILE C 124 34.70 2.44 -32.33
C ILE C 124 33.97 1.11 -32.28
N VAL C 125 33.65 0.56 -33.45
CA VAL C 125 32.84 -0.65 -33.55
C VAL C 125 33.73 -1.81 -33.99
N PHE C 126 33.57 -2.94 -33.32
CA PHE C 126 34.20 -4.20 -33.75
C PHE C 126 33.09 -5.23 -33.92
N ILE C 127 32.80 -5.58 -35.17
CA ILE C 127 31.82 -6.62 -35.46
C ILE C 127 32.51 -7.96 -35.31
N ASN C 128 32.12 -8.73 -34.31
CA ASN C 128 32.80 -9.95 -33.93
C ASN C 128 32.08 -11.17 -34.49
N LYS C 129 32.73 -12.32 -34.36
CA LYS C 129 32.16 -13.62 -34.74
C LYS C 129 31.83 -13.69 -36.22
N THR C 130 32.59 -12.96 -37.06
CA THR C 130 32.40 -13.07 -38.50
C THR C 130 32.73 -14.46 -39.01
N ASP C 131 33.49 -15.25 -38.24
CA ASP C 131 33.75 -16.64 -38.58
C ASP C 131 32.49 -17.49 -38.56
N MET C 132 31.40 -17.01 -37.94
CA MET C 132 30.18 -17.79 -37.79
C MET C 132 29.15 -17.50 -38.89
N VAL C 133 29.35 -16.47 -39.70
CA VAL C 133 28.45 -16.17 -40.80
C VAL C 133 29.25 -16.24 -42.09
N ASP C 134 28.69 -16.90 -43.11
CA ASP C 134 29.39 -17.09 -44.37
C ASP C 134 29.08 -15.97 -45.34
N ASP C 135 27.81 -15.65 -45.47
CA ASP C 135 27.36 -14.65 -46.41
C ASP C 135 27.72 -13.26 -45.91
N PRO C 136 28.66 -12.55 -46.55
CA PRO C 136 29.06 -11.24 -46.01
C PRO C 136 28.03 -10.15 -46.22
N GLU C 137 26.95 -10.39 -46.96
CA GLU C 137 25.84 -9.44 -46.94
C GLU C 137 25.44 -9.16 -45.51
N LEU C 138 25.13 -10.22 -44.76
CA LEU C 138 24.56 -10.06 -43.42
C LEU C 138 25.48 -9.24 -42.52
N ILE C 139 26.80 -9.35 -42.72
CA ILE C 139 27.73 -8.53 -41.96
C ILE C 139 27.53 -7.06 -42.30
N GLU C 140 27.39 -6.75 -43.60
CA GLU C 140 27.13 -5.38 -44.01
C GLU C 140 25.84 -4.87 -43.39
N LEU C 141 24.78 -5.69 -43.39
CA LEU C 141 23.54 -5.30 -42.75
C LEU C 141 23.74 -5.01 -41.26
N VAL C 142 24.53 -5.85 -40.59
CA VAL C 142 24.83 -5.62 -39.18
C VAL C 142 25.58 -4.32 -38.99
N GLU C 143 26.54 -4.02 -39.86
CA GLU C 143 27.28 -2.76 -39.76
C GLU C 143 26.34 -1.56 -39.89
N MET C 144 25.39 -1.64 -40.82
CA MET C 144 24.47 -0.52 -41.01
C MET C 144 23.53 -0.38 -39.83
N GLU C 145 23.10 -1.50 -39.25
CA GLU C 145 22.31 -1.45 -38.02
C GLU C 145 23.08 -0.75 -36.91
N VAL C 146 24.35 -1.10 -36.74
CA VAL C 146 25.15 -0.52 -35.66
C VAL C 146 25.40 0.96 -35.90
N ARG C 147 25.67 1.34 -37.16
CA ARG C 147 25.87 2.75 -37.46
C ARG C 147 24.61 3.56 -37.16
N ASP C 148 23.43 3.00 -37.47
CA ASP C 148 22.19 3.73 -37.22
C ASP C 148 21.91 3.84 -35.73
N LEU C 149 22.19 2.78 -34.97
CA LEU C 149 22.04 2.85 -33.53
C LEU C 149 22.94 3.92 -32.93
N LEU C 150 24.16 4.06 -33.46
CA LEU C 150 25.06 5.09 -32.96
C LEU C 150 24.50 6.49 -33.27
N SER C 151 24.08 6.70 -34.52
CA SER C 151 23.52 7.98 -34.91
C SER C 151 22.26 8.31 -34.12
N GLN C 152 21.47 7.29 -33.79
CA GLN C 152 20.28 7.47 -32.97
C GLN C 152 20.59 8.09 -31.61
N TYR C 153 21.84 8.00 -31.15
CA TYR C 153 22.25 8.59 -29.88
C TYR C 153 23.35 9.62 -30.08
N GLU C 154 23.29 10.34 -31.20
CA GLU C 154 24.09 11.52 -31.51
C GLU C 154 25.55 11.20 -31.77
N TYR C 155 25.93 9.94 -31.90
CA TYR C 155 27.29 9.64 -32.34
C TYR C 155 27.36 9.72 -33.86
N PRO C 156 28.51 10.11 -34.42
CA PRO C 156 28.63 10.21 -35.88
C PRO C 156 28.64 8.84 -36.54
N GLY C 157 27.48 8.16 -36.57
CA GLY C 157 27.44 6.76 -36.95
C GLY C 157 28.00 6.47 -38.31
N ASP C 158 27.99 7.45 -39.20
CA ASP C 158 28.55 7.27 -40.53
C ASP C 158 30.06 7.46 -40.57
N GLU C 159 30.66 7.97 -39.50
CA GLU C 159 32.09 8.26 -39.50
C GLU C 159 32.90 7.39 -38.54
N VAL C 160 32.27 6.63 -37.65
CA VAL C 160 33.03 5.84 -36.67
C VAL C 160 33.72 4.68 -37.40
N PRO C 161 34.93 4.29 -37.00
CA PRO C 161 35.52 3.09 -37.59
C PRO C 161 34.71 1.85 -37.23
N VAL C 162 34.53 0.99 -38.23
CA VAL C 162 33.87 -0.31 -38.03
C VAL C 162 34.82 -1.37 -38.53
N ILE C 163 35.37 -2.16 -37.61
CA ILE C 163 36.27 -3.26 -37.94
C ILE C 163 35.49 -4.56 -37.82
N LYS C 164 35.74 -5.49 -38.73
CA LYS C 164 35.08 -6.79 -38.73
C LYS C 164 36.13 -7.89 -38.65
N GLY C 165 35.90 -8.85 -37.76
CA GLY C 165 36.84 -9.93 -37.59
C GLY C 165 36.33 -10.95 -36.60
N SER C 166 37.22 -11.82 -36.17
CA SER C 166 36.91 -12.87 -35.20
C SER C 166 37.93 -12.80 -34.07
N ALA C 167 37.48 -12.36 -32.89
CA ALA C 167 38.37 -12.33 -31.74
C ALA C 167 38.85 -13.72 -31.36
N LEU C 168 38.00 -14.73 -31.55
CA LEU C 168 38.38 -16.10 -31.19
C LEU C 168 39.49 -16.61 -32.09
N LYS C 169 39.36 -16.42 -33.39
CA LYS C 169 40.39 -16.89 -34.31
C LYS C 169 41.72 -16.20 -34.05
N ALA C 170 41.68 -14.91 -33.73
CA ALA C 170 42.90 -14.20 -33.37
C ALA C 170 43.50 -14.73 -32.08
N LEU C 171 42.66 -15.12 -31.12
CA LEU C 171 43.16 -15.62 -29.85
C LEU C 171 43.76 -17.02 -29.95
N GLU C 172 43.34 -17.81 -30.95
CA GLU C 172 43.82 -19.19 -31.04
C GLU C 172 45.32 -19.24 -31.26
N ALA C 173 45.93 -20.36 -30.82
CA ALA C 173 47.38 -20.51 -30.81
C ALA C 173 47.87 -20.79 -32.24
N ASN C 178 47.90 -19.73 -33.04
CA ASN C 178 48.48 -19.74 -34.37
C ASN C 178 48.76 -18.29 -34.76
N HIS C 179 49.06 -18.04 -36.03
CA HIS C 179 49.43 -16.71 -36.49
C HIS C 179 48.52 -16.21 -37.61
N GLU C 180 47.33 -16.78 -37.73
CA GLU C 180 46.32 -16.27 -38.63
C GLU C 180 45.36 -15.36 -37.86
N ALA C 181 44.54 -14.63 -38.63
CA ALA C 181 43.40 -13.86 -38.14
C ALA C 181 43.80 -12.65 -37.28
N TYR C 182 45.04 -12.18 -37.40
CA TYR C 182 45.49 -11.02 -36.63
C TYR C 182 45.15 -9.69 -37.28
N LYS C 183 44.83 -9.68 -38.57
CA LYS C 183 44.63 -8.41 -39.27
C LYS C 183 43.50 -7.57 -38.68
N PRO C 184 42.33 -8.10 -38.33
CA PRO C 184 41.33 -7.26 -37.67
C PRO C 184 41.82 -6.63 -36.38
N ILE C 185 42.69 -7.31 -35.64
CA ILE C 185 43.23 -6.74 -34.41
C ILE C 185 44.11 -5.54 -34.72
N GLN C 186 44.94 -5.65 -35.76
CA GLN C 186 45.75 -4.51 -36.18
C GLN C 186 44.88 -3.36 -36.70
N GLU C 187 43.80 -3.69 -37.40
CA GLU C 187 42.87 -2.66 -37.86
C GLU C 187 42.25 -1.91 -36.70
N LEU C 188 41.82 -2.65 -35.67
CA LEU C 188 41.21 -2.02 -34.51
C LEU C 188 42.21 -1.10 -33.80
N LEU C 189 43.43 -1.59 -33.60
CA LEU C 189 44.44 -0.78 -32.92
C LEU C 189 44.80 0.45 -33.74
N ASP C 190 44.81 0.33 -35.07
CA ASP C 190 45.05 1.49 -35.92
C ASP C 190 43.93 2.51 -35.76
N ALA C 191 42.68 2.05 -35.73
CA ALA C 191 41.55 2.95 -35.54
C ALA C 191 41.64 3.67 -34.21
N MET C 192 42.09 2.97 -33.15
CA MET C 192 42.24 3.59 -31.85
C MET C 192 43.31 4.68 -31.88
N ASP C 193 44.43 4.42 -32.57
CA ASP C 193 45.50 5.40 -32.67
C ASP C 193 45.05 6.66 -33.42
N ASN C 194 44.24 6.48 -34.47
CA ASN C 194 43.90 7.55 -35.40
C ASN C 194 42.58 8.24 -35.09
N TYR C 195 41.55 7.49 -34.70
CA TYR C 195 40.22 8.06 -34.51
C TYR C 195 40.01 8.67 -33.14
N ILE C 196 40.67 8.15 -32.11
CA ILE C 196 40.60 8.72 -30.77
C ILE C 196 41.74 9.72 -30.62
N PRO C 197 41.45 11.00 -30.43
CA PRO C 197 42.54 11.99 -30.34
C PRO C 197 43.23 11.93 -29.00
N ASP C 198 44.40 12.55 -28.95
CA ASP C 198 45.11 12.69 -27.68
C ASP C 198 44.22 13.43 -26.69
N PRO C 199 43.98 12.90 -25.51
CA PRO C 199 43.03 13.55 -24.58
C PRO C 199 43.58 14.88 -24.09
N GLN C 200 42.66 15.82 -23.91
CA GLN C 200 43.03 17.13 -23.37
C GLN C 200 43.34 17.02 -21.88
N ARG C 201 44.51 17.50 -21.47
CA ARG C 201 44.88 17.47 -20.06
C ARG C 201 44.09 18.51 -19.27
N ASP C 202 44.01 18.28 -17.96
CA ASP C 202 43.16 19.09 -17.08
C ASP C 202 43.61 20.53 -16.93
N VAL C 203 44.76 20.92 -17.46
CA VAL C 203 45.37 22.20 -17.15
C VAL C 203 45.20 23.22 -18.26
N ASP C 204 44.59 22.86 -19.38
CA ASP C 204 44.15 23.84 -20.38
C ASP C 204 42.66 24.08 -20.31
N LYS C 205 41.89 23.17 -19.70
CA LYS C 205 40.49 23.38 -19.48
C LYS C 205 40.28 24.67 -18.67
N PRO C 206 39.09 25.26 -18.75
CA PRO C 206 38.83 26.48 -17.98
C PRO C 206 38.99 26.22 -16.49
N PHE C 207 39.68 27.15 -15.82
CA PHE C 207 39.92 27.04 -14.39
C PHE C 207 38.61 26.87 -13.62
N LEU C 208 38.65 25.97 -12.62
CA LEU C 208 37.52 25.79 -11.72
C LEU C 208 38.03 25.29 -10.38
N MET C 209 37.64 25.96 -9.30
CA MET C 209 38.00 25.56 -7.95
C MET C 209 36.77 25.64 -7.05
N PRO C 210 36.26 24.51 -6.57
CA PRO C 210 35.19 24.56 -5.58
C PRO C 210 35.70 25.13 -4.27
N ILE C 211 34.89 25.96 -3.64
CA ILE C 211 35.28 26.64 -2.41
C ILE C 211 34.89 25.79 -1.21
N GLU C 212 35.88 25.38 -0.43
CA GLU C 212 35.62 24.54 0.74
C GLU C 212 35.45 25.37 2.01
N ASP C 213 36.30 26.38 2.21
CA ASP C 213 36.21 27.21 3.40
C ASP C 213 36.56 28.65 3.06
N VAL C 214 36.04 29.56 3.90
CA VAL C 214 36.23 30.99 3.75
C VAL C 214 36.70 31.54 5.09
N PHE C 215 37.73 32.39 5.07
CA PHE C 215 38.12 33.09 6.27
C PHE C 215 38.75 34.42 5.89
N SER C 216 38.79 35.32 6.86
CA SER C 216 39.23 36.69 6.66
C SER C 216 40.53 36.93 7.38
N ILE C 217 41.53 37.44 6.66
CA ILE C 217 42.78 37.89 7.23
C ILE C 217 42.69 39.39 7.40
N THR C 218 42.55 39.83 8.65
CA THR C 218 42.37 41.26 8.93
C THR C 218 43.60 42.02 8.50
N GLY C 219 43.39 43.06 7.69
CA GLY C 219 44.48 43.78 7.07
C GLY C 219 44.84 43.34 5.68
N ARG C 220 44.27 42.23 5.19
CA ARG C 220 44.59 41.79 3.84
C ARG C 220 43.31 41.49 3.04
N GLY C 221 42.42 40.67 3.56
CA GLY C 221 41.12 40.49 2.93
C GLY C 221 40.59 39.08 3.11
N THR C 222 39.64 38.73 2.25
CA THR C 222 38.93 37.46 2.30
C THR C 222 39.69 36.39 1.52
N VAL C 223 39.90 35.23 2.15
CA VAL C 223 40.59 34.11 1.54
C VAL C 223 39.61 32.95 1.41
N VAL C 224 39.54 32.36 0.22
CA VAL C 224 38.78 31.14 -0.01
C VAL C 224 39.77 30.03 -0.35
N THR C 225 39.56 28.85 0.23
CA THR C 225 40.43 27.71 -0.01
C THR C 225 39.66 26.58 -0.66
N GLY C 226 40.38 25.77 -1.43
CA GLY C 226 39.78 24.65 -2.12
C GLY C 226 40.84 23.97 -2.95
N ARG C 227 40.48 22.82 -3.50
CA ARG C 227 41.35 22.06 -4.38
C ARG C 227 40.96 22.35 -5.82
N ILE C 228 41.92 22.82 -6.61
CA ILE C 228 41.65 23.15 -8.00
C ILE C 228 41.26 21.88 -8.75
N GLU C 229 40.10 21.92 -9.39
CA GLU C 229 39.62 20.76 -10.13
C GLU C 229 40.22 20.68 -11.52
N ARG C 230 40.42 21.84 -12.17
CA ARG C 230 40.96 21.88 -13.52
C ARG C 230 41.46 23.29 -13.82
N GLY C 231 42.31 23.38 -14.85
CA GLY C 231 42.82 24.66 -15.29
C GLY C 231 43.95 25.18 -14.43
N ARG C 232 44.26 26.47 -14.62
CA ARG C 232 45.25 27.16 -13.80
C ARG C 232 44.66 28.47 -13.28
N ILE C 233 45.27 28.95 -12.21
CA ILE C 233 44.98 30.27 -11.67
C ILE C 233 46.31 30.95 -11.36
N ARG C 234 46.46 32.19 -11.82
CA ARG C 234 47.63 33.00 -11.53
C ARG C 234 47.21 34.25 -10.79
N PRO C 235 48.04 34.78 -9.91
CA PRO C 235 47.73 36.07 -9.29
C PRO C 235 47.51 37.12 -10.36
N GLY C 236 46.41 37.85 -10.24
CA GLY C 236 45.99 38.81 -11.23
C GLY C 236 44.86 38.35 -12.12
N ASP C 237 44.57 37.05 -12.14
CA ASP C 237 43.49 36.55 -12.98
C ASP C 237 42.13 36.98 -12.44
N GLU C 238 41.22 37.28 -13.36
CA GLU C 238 39.83 37.53 -13.00
C GLU C 238 39.06 36.22 -13.00
N VAL C 239 38.24 36.02 -11.97
CA VAL C 239 37.40 34.83 -11.88
C VAL C 239 35.98 35.28 -11.54
N GLU C 240 35.06 34.33 -11.66
CA GLU C 240 33.69 34.52 -11.22
C GLU C 240 33.40 33.62 -10.02
N ILE C 241 32.68 34.16 -9.05
CA ILE C 241 32.13 33.38 -7.95
C ILE C 241 30.73 32.96 -8.36
N ILE C 242 30.53 31.67 -8.57
CA ILE C 242 29.32 31.15 -9.20
C ILE C 242 28.59 30.24 -8.23
N GLY C 243 27.28 30.46 -8.10
CA GLY C 243 26.44 29.62 -7.29
C GLY C 243 25.79 30.36 -6.14
N LEU C 244 24.60 29.90 -5.73
CA LEU C 244 23.96 30.27 -4.47
C LEU C 244 23.41 31.69 -4.47
N SER C 245 24.00 32.57 -5.26
CA SER C 245 23.48 33.93 -5.41
C SER C 245 23.98 34.46 -6.75
N GLU C 247 23.88 35.78 -6.94
CA GLU C 247 24.26 36.39 -8.21
C GLU C 247 25.76 36.22 -8.45
N ILE C 248 26.10 36.05 -9.72
CA ILE C 248 27.50 35.91 -10.13
C ILE C 248 28.26 37.19 -9.77
N ARG C 249 29.43 37.03 -9.18
CA ARG C 249 30.31 38.15 -8.84
C ARG C 249 31.65 37.98 -9.51
N LYS C 250 32.17 39.06 -10.05
CA LYS C 250 33.52 39.09 -10.60
C LYS C 250 34.51 39.55 -9.54
N THR C 251 35.72 39.00 -9.58
CA THR C 251 36.78 39.41 -8.67
C THR C 251 38.10 39.01 -9.29
N VAL C 252 39.18 39.59 -8.76
CA VAL C 252 40.53 39.27 -9.16
C VAL C 252 41.20 38.51 -8.02
N VAL C 253 41.85 37.40 -8.34
CA VAL C 253 42.64 36.67 -7.36
C VAL C 253 44.00 37.37 -7.26
N THR C 254 44.23 38.05 -6.14
CA THR C 254 45.48 38.79 -5.96
C THR C 254 46.60 37.94 -5.38
N SER C 255 46.28 36.78 -4.80
CA SER C 255 47.32 35.93 -4.22
C SER C 255 46.85 34.49 -4.25
N VAL C 256 47.77 33.58 -4.54
CA VAL C 256 47.51 32.14 -4.58
C VAL C 256 48.58 31.48 -3.72
N GLU C 257 48.15 30.87 -2.61
CA GLU C 257 49.09 30.32 -1.64
C GLU C 257 48.79 28.86 -1.37
N MET C 258 49.86 28.07 -1.22
CA MET C 258 49.76 26.66 -0.92
C MET C 258 51.00 26.27 -0.11
N PHE C 259 50.78 25.57 1.00
CA PHE C 259 51.86 25.16 1.89
C PHE C 259 52.70 26.37 2.32
N ARG C 260 52.00 27.44 2.69
CA ARG C 260 52.58 28.66 3.24
C ARG C 260 53.45 29.42 2.25
N LYS C 261 53.26 29.21 0.95
CA LYS C 261 54.07 29.88 -0.06
C LYS C 261 53.19 30.43 -1.16
N GLU C 262 53.49 31.64 -1.60
CA GLU C 262 52.78 32.21 -2.74
C GLU C 262 53.25 31.54 -4.01
N LEU C 263 52.29 31.07 -4.82
CA LEU C 263 52.60 30.36 -6.05
C LEU C 263 52.51 31.31 -7.24
N ASP C 264 53.34 31.03 -8.26
CA ASP C 264 53.18 31.69 -9.54
C ASP C 264 51.90 31.22 -10.24
N GLU C 265 51.52 29.98 -10.02
CA GLU C 265 50.24 29.47 -10.53
C GLU C 265 49.84 28.24 -9.72
N GLY C 266 48.54 28.11 -9.49
CA GLY C 266 47.98 26.88 -8.96
C GLY C 266 47.34 26.11 -10.10
N ILE C 267 47.49 24.79 -10.06
CA ILE C 267 46.99 23.92 -11.13
C ILE C 267 46.10 22.86 -10.52
N ALA C 268 45.47 22.07 -11.39
CA ALA C 268 44.58 21.01 -10.96
C ALA C 268 45.30 20.09 -9.98
N GLY C 269 44.65 19.85 -8.84
CA GLY C 269 45.21 19.06 -7.77
C GLY C 269 45.74 19.86 -6.60
N ASP C 270 46.04 21.14 -6.81
CA ASP C 270 46.59 21.98 -5.74
C ASP C 270 45.47 22.41 -4.80
N ASN C 271 45.69 22.22 -3.50
CA ASN C 271 44.85 22.80 -2.47
C ASN C 271 45.41 24.17 -2.13
N VAL C 272 44.69 25.23 -2.53
CA VAL C 272 45.23 26.58 -2.47
C VAL C 272 44.29 27.50 -1.71
N GLY C 273 44.85 28.62 -1.25
CA GLY C 273 44.06 29.73 -0.75
C GLY C 273 44.14 30.92 -1.67
N CYS C 274 42.98 31.48 -2.04
CA CYS C 274 42.91 32.59 -2.98
C CYS C 274 42.42 33.84 -2.28
N LEU C 275 43.23 34.90 -2.29
CA LEU C 275 42.81 36.20 -1.79
C LEU C 275 41.93 36.88 -2.84
N LEU C 276 40.65 37.09 -2.54
CA LEU C 276 39.70 37.65 -3.48
C LEU C 276 39.54 39.15 -3.23
N ARG C 277 40.03 39.96 -4.17
CA ARG C 277 40.01 41.41 -4.00
C ARG C 277 38.57 41.93 -4.04
N GLY C 278 38.26 42.82 -3.10
CA GLY C 278 36.95 43.46 -3.11
C GLY C 278 35.80 42.58 -2.71
N ILE C 279 36.08 41.42 -2.11
CA ILE C 279 35.04 40.51 -1.66
C ILE C 279 35.07 40.46 -0.13
N ASP C 280 33.92 40.69 0.48
CA ASP C 280 33.79 40.57 1.93
C ASP C 280 33.40 39.15 2.30
N LYS C 281 33.70 38.78 3.56
CA LYS C 281 33.51 37.40 4.00
C LYS C 281 32.06 36.94 3.84
N ASP C 282 31.11 37.86 3.91
CA ASP C 282 29.70 37.52 3.77
C ASP C 282 29.23 37.52 2.31
N GLU C 283 30.12 37.78 1.36
CA GLU C 283 29.79 37.73 -0.06
C GLU C 283 30.25 36.45 -0.73
N VAL C 284 30.87 35.54 0.00
CA VAL C 284 31.36 34.28 -0.57
C VAL C 284 31.26 33.21 0.52
N GLU C 285 30.93 31.99 0.10
CA GLU C 285 30.73 30.93 1.08
C GLU C 285 31.07 29.58 0.46
N ARG C 286 31.24 28.59 1.32
CA ARG C 286 31.48 27.22 0.88
C ARG C 286 30.35 26.75 -0.02
N GLY C 287 30.70 25.99 -1.05
CA GLY C 287 29.75 25.49 -2.01
C GLY C 287 29.70 26.27 -3.31
N GLN C 288 30.08 27.55 -3.27
CA GLN C 288 30.31 28.28 -4.50
C GLN C 288 31.63 27.84 -5.12
N VAL C 289 31.83 28.19 -6.38
CA VAL C 289 33.06 27.86 -7.07
C VAL C 289 33.69 29.13 -7.61
N LEU C 290 35.02 29.12 -7.71
CA LEU C 290 35.74 30.05 -8.55
C LEU C 290 35.91 29.42 -9.93
N ALA C 291 35.73 30.23 -10.97
CA ALA C 291 35.83 29.70 -12.33
C ALA C 291 36.26 30.80 -13.29
N ALA C 292 36.90 30.38 -14.38
CA ALA C 292 37.15 31.30 -15.48
C ALA C 292 35.83 31.94 -15.90
N PRO C 293 35.80 33.26 -16.09
CA PRO C 293 34.52 33.94 -16.35
C PRO C 293 33.77 33.32 -17.52
N GLY C 294 32.48 33.06 -17.30
CA GLY C 294 31.63 32.48 -18.32
C GLY C 294 31.85 31.01 -18.62
N SER C 295 32.80 30.34 -17.95
CA SER C 295 33.09 28.95 -18.28
C SER C 295 32.08 27.98 -17.68
N ILE C 296 31.34 28.40 -16.65
CA ILE C 296 30.28 27.59 -16.07
C ILE C 296 29.24 28.55 -15.51
N LYS C 297 28.00 28.10 -15.43
CA LYS C 297 26.92 28.98 -15.02
C LYS C 297 26.07 28.31 -13.95
N PRO C 298 25.39 29.10 -13.12
CA PRO C 298 24.55 28.51 -12.08
C PRO C 298 23.21 28.04 -12.61
N HIS C 299 22.68 26.99 -11.99
CA HIS C 299 21.41 26.42 -12.38
C HIS C 299 20.67 25.89 -11.17
N LYS C 300 19.34 26.00 -11.21
CA LYS C 300 18.48 25.30 -10.27
C LYS C 300 17.95 24.00 -10.84
N ARG C 301 17.74 23.94 -12.15
CA ARG C 301 17.16 22.79 -12.82
C ARG C 301 18.18 22.15 -13.74
N PHE C 302 18.17 20.83 -13.79
CA PHE C 302 19.04 20.09 -14.69
C PHE C 302 18.51 18.67 -14.81
N LYS C 303 18.97 17.98 -15.85
CA LYS C 303 18.69 16.58 -16.05
C LYS C 303 19.96 15.76 -15.84
N ALA C 304 19.77 14.52 -15.38
CA ALA C 304 20.90 13.67 -15.05
C ALA C 304 20.48 12.21 -15.11
N GLU C 305 21.36 11.37 -15.65
CA GLU C 305 21.18 9.93 -15.55
C GLU C 305 21.56 9.50 -14.14
N VAL C 306 20.60 8.94 -13.41
CA VAL C 306 20.77 8.63 -12.00
C VAL C 306 20.57 7.14 -11.79
N TYR C 307 21.52 6.51 -11.13
CA TYR C 307 21.41 5.12 -10.70
C TYR C 307 21.01 5.11 -9.23
N VAL C 308 19.95 4.36 -8.91
CA VAL C 308 19.47 4.24 -7.54
C VAL C 308 20.17 3.05 -6.88
N LEU C 309 20.93 3.31 -5.84
CA LEU C 309 21.73 2.27 -5.20
C LEU C 309 20.85 1.25 -4.49
N LYS C 310 21.29 -0.01 -4.51
CA LYS C 310 20.62 -1.04 -3.76
C LYS C 310 20.94 -0.90 -2.27
N LYS C 311 20.15 -1.61 -1.46
CA LYS C 311 20.37 -1.57 -0.01
C LYS C 311 21.75 -2.10 0.36
N GLU C 312 22.18 -3.21 -0.25
CA GLU C 312 23.53 -3.72 -0.01
C GLU C 312 24.59 -2.65 -0.30
N GLU C 313 24.47 -2.01 -1.46
CA GLU C 313 25.42 -1.00 -1.90
C GLU C 313 25.40 0.24 -1.02
N GLY C 314 24.63 0.26 0.07
CA GLY C 314 24.56 1.43 0.94
C GLY C 314 23.35 2.32 0.71
N GLY C 315 22.47 1.95 -0.21
CA GLY C 315 21.27 2.72 -0.49
C GLY C 315 20.13 2.37 0.43
N ARG C 316 18.90 2.59 -0.07
CA ARG C 316 17.70 2.27 0.68
C ARG C 316 16.79 1.41 -0.17
N HIS C 317 15.80 0.79 0.48
CA HIS C 317 14.80 0.03 -0.25
C HIS C 317 13.81 0.94 -0.98
N THR C 318 13.68 2.18 -0.54
CA THR C 318 12.69 3.08 -1.09
C THR C 318 13.04 3.44 -2.53
N PRO C 319 12.12 3.25 -3.48
CA PRO C 319 12.37 3.72 -4.84
C PRO C 319 12.26 5.23 -4.94
N PHE C 320 12.89 5.78 -5.97
CA PHE C 320 12.77 7.20 -6.25
C PHE C 320 11.39 7.47 -6.85
N PHE C 321 10.83 8.63 -6.51
CA PHE C 321 9.48 8.95 -6.91
C PHE C 321 9.37 10.44 -7.17
N LYS C 322 8.40 10.81 -8.01
CA LYS C 322 8.11 12.22 -8.25
C LYS C 322 7.78 12.91 -6.93
N GLY C 323 8.49 14.01 -6.66
CA GLY C 323 8.32 14.74 -5.42
C GLY C 323 9.34 14.40 -4.36
N TYR C 324 10.08 13.31 -4.52
CA TYR C 324 11.15 12.96 -3.59
C TYR C 324 12.15 14.10 -3.50
N LYS C 325 12.55 14.45 -2.27
CA LYS C 325 13.41 15.60 -2.02
C LYS C 325 14.65 15.17 -1.23
N PRO C 326 15.58 14.44 -1.86
CA PRO C 326 16.81 14.07 -1.15
C PRO C 326 17.82 15.20 -1.17
N GLN C 327 19.03 14.95 -0.66
CA GLN C 327 20.12 15.91 -0.71
C GLN C 327 21.02 15.59 -1.90
N PHE C 328 21.51 16.64 -2.55
CA PHE C 328 22.37 16.52 -3.72
C PHE C 328 23.75 17.06 -3.37
N TYR C 329 24.76 16.20 -3.39
CA TYR C 329 26.12 16.57 -3.03
C TYR C 329 26.86 16.97 -4.31
N ILE C 330 26.97 18.28 -4.53
CA ILE C 330 27.53 18.84 -5.74
C ILE C 330 28.80 19.58 -5.34
N ARG C 331 29.95 18.97 -5.64
CA ARG C 331 31.25 19.44 -5.19
C ARG C 331 31.25 19.66 -3.68
N THR C 332 31.43 20.90 -3.21
CA THR C 332 31.61 21.16 -1.79
C THR C 332 30.35 21.64 -1.10
N THR C 333 29.18 21.35 -1.65
CA THR C 333 27.93 21.66 -0.98
C THR C 333 26.95 20.52 -1.19
N ASP C 334 25.99 20.43 -0.28
CA ASP C 334 24.84 19.55 -0.46
C ASP C 334 23.58 20.40 -0.45
N VAL C 335 22.72 20.19 -1.45
CA VAL C 335 21.57 21.04 -1.70
C VAL C 335 20.35 20.17 -1.87
N THR C 336 19.26 20.55 -1.22
CA THR C 336 17.99 19.84 -1.40
C THR C 336 17.49 20.05 -2.83
N GLY C 337 16.98 18.97 -3.42
CA GLY C 337 16.43 19.03 -4.75
C GLY C 337 15.22 18.13 -4.88
N GLU C 338 14.32 18.50 -5.78
CA GLU C 338 13.11 17.75 -6.02
C GLU C 338 13.24 16.94 -7.31
N ILE C 339 12.74 15.71 -7.28
CA ILE C 339 12.86 14.78 -8.38
C ILE C 339 11.60 14.83 -9.24
N VAL C 340 11.79 14.85 -10.56
CA VAL C 340 10.73 14.61 -11.52
C VAL C 340 11.18 13.48 -12.42
N LEU C 341 10.33 12.47 -12.58
CA LEU C 341 10.67 11.32 -13.41
C LEU C 341 10.19 11.54 -14.83
N PRO C 342 10.80 10.85 -15.80
CA PRO C 342 10.34 10.98 -17.19
C PRO C 342 8.91 10.48 -17.36
N GLU C 343 8.32 10.83 -18.49
CA GLU C 343 6.93 10.50 -18.77
C GLU C 343 6.71 8.99 -18.76
N GLY C 344 5.67 8.55 -18.06
CA GLY C 344 5.36 7.14 -17.96
C GLY C 344 6.12 6.38 -16.90
N VAL C 345 6.99 7.03 -16.16
CA VAL C 345 7.77 6.39 -15.11
C VAL C 345 7.31 6.96 -13.77
N GLU C 346 6.73 6.10 -12.94
CA GLU C 346 6.27 6.50 -11.63
C GLU C 346 7.25 6.18 -10.51
N MET C 347 8.16 5.23 -10.75
CA MET C 347 8.99 4.71 -9.69
C MET C 347 10.30 4.20 -10.30
N VAL C 348 11.40 4.45 -9.60
CA VAL C 348 12.71 3.94 -10.00
C VAL C 348 13.21 3.07 -8.85
N MET C 349 13.15 1.75 -9.03
CA MET C 349 13.56 0.83 -7.99
C MET C 349 15.07 0.89 -7.78
N PRO C 350 15.56 0.58 -6.58
CA PRO C 350 17.00 0.43 -6.39
C PRO C 350 17.58 -0.58 -7.37
N GLY C 351 18.74 -0.24 -7.93
CA GLY C 351 19.35 -1.04 -8.97
C GLY C 351 18.98 -0.62 -10.38
N ASP C 352 18.07 0.33 -10.54
CA ASP C 352 17.67 0.83 -11.85
C ASP C 352 18.24 2.23 -12.08
N HIS C 353 18.12 2.68 -13.32
CA HIS C 353 18.60 3.99 -13.70
C HIS C 353 17.69 4.58 -14.77
N VAL C 354 17.36 5.86 -14.61
CA VAL C 354 16.63 6.63 -15.62
C VAL C 354 17.20 8.05 -15.63
N GLU C 355 16.85 8.80 -16.66
CA GLU C 355 17.17 10.22 -16.69
C GLU C 355 16.12 10.98 -15.89
N MET C 356 16.55 11.65 -14.83
CA MET C 356 15.67 12.38 -13.94
C MET C 356 15.83 13.87 -14.14
N GLU C 357 14.74 14.61 -13.89
CA GLU C 357 14.76 16.06 -13.83
C GLU C 357 14.87 16.47 -12.36
N ILE C 358 15.81 17.36 -12.07
CA ILE C 358 16.07 17.77 -10.71
C ILE C 358 15.98 19.29 -10.63
N GLU C 359 15.35 19.78 -9.57
CA GLU C 359 15.28 21.21 -9.28
C GLU C 359 15.81 21.44 -7.88
N LEU C 360 16.95 22.12 -7.77
CA LEU C 360 17.51 22.45 -6.48
C LEU C 360 16.78 23.64 -5.86
N ILE C 361 16.93 23.79 -4.55
CA ILE C 361 16.28 24.91 -3.86
C ILE C 361 17.00 26.22 -4.08
N TYR C 362 18.26 26.20 -4.53
CA TYR C 362 18.97 27.41 -4.90
C TYR C 362 19.99 27.06 -5.97
N PRO C 363 20.41 28.04 -6.77
CA PRO C 363 21.30 27.73 -7.90
C PRO C 363 22.67 27.27 -7.45
N VAL C 364 23.26 26.38 -8.25
CA VAL C 364 24.59 25.83 -8.01
C VAL C 364 25.33 25.81 -9.34
N ALA C 365 26.65 26.03 -9.29
CA ALA C 365 27.48 25.82 -10.47
C ALA C 365 27.44 24.36 -10.87
N ILE C 366 26.89 24.08 -12.06
CA ILE C 366 26.72 22.71 -12.53
C ILE C 366 26.85 22.70 -14.04
N GLU C 367 27.35 21.59 -14.58
CA GLU C 367 27.63 21.49 -16.01
C GLU C 367 27.36 20.08 -16.49
N LYS C 368 27.21 19.97 -17.81
CA LYS C 368 27.05 18.68 -18.47
C LYS C 368 28.23 17.77 -18.17
N GLY C 369 27.93 16.49 -17.96
CA GLY C 369 28.96 15.50 -17.68
C GLY C 369 29.43 15.45 -16.25
N GLN C 370 29.03 16.41 -15.41
CA GLN C 370 29.46 16.42 -14.02
C GLN C 370 28.77 15.32 -13.24
N ARG C 371 29.52 14.68 -12.35
CA ARG C 371 28.99 13.61 -11.51
C ARG C 371 28.70 14.13 -10.11
N PHE C 372 27.72 13.50 -9.46
CA PHE C 372 27.31 13.92 -8.13
C PHE C 372 26.70 12.73 -7.42
N ALA C 373 26.61 12.84 -6.10
CA ALA C 373 25.99 11.83 -5.26
C ALA C 373 24.67 12.33 -4.71
N ILE C 374 23.73 11.42 -4.50
CA ILE C 374 22.44 11.71 -3.93
C ILE C 374 22.36 11.01 -2.58
N ARG C 375 22.13 11.78 -1.52
CA ARG C 375 22.17 11.27 -0.16
C ARG C 375 20.86 11.52 0.56
N GLU C 376 20.52 10.57 1.44
CA GLU C 376 19.25 10.60 2.18
C GLU C 376 19.57 10.21 3.62
N GLY C 377 19.71 11.21 4.49
CA GLY C 377 20.02 10.94 5.88
C GLY C 377 21.32 10.18 6.07
N GLY C 378 22.41 10.72 5.53
CA GLY C 378 23.73 10.08 5.61
C GLY C 378 24.02 8.99 4.59
N ARG C 379 23.04 8.13 4.32
CA ARG C 379 23.23 7.05 3.36
C ARG C 379 23.22 7.58 1.93
N THR C 380 24.07 7.00 1.09
CA THR C 380 24.16 7.36 -0.32
C THR C 380 23.13 6.55 -1.09
N VAL C 381 22.10 7.22 -1.60
CA VAL C 381 21.00 6.52 -2.25
C VAL C 381 21.04 6.59 -3.77
N GLY C 382 21.81 7.51 -4.34
CA GLY C 382 21.88 7.61 -5.79
C GLY C 382 23.20 8.19 -6.25
N ALA C 383 23.55 7.87 -7.49
CA ALA C 383 24.70 8.44 -8.17
C ALA C 383 24.24 8.92 -9.54
N GLY C 384 24.59 10.15 -9.90
CA GLY C 384 24.11 10.74 -11.12
C GLY C 384 25.23 11.40 -11.91
N VAL C 385 24.95 11.58 -13.20
CA VAL C 385 25.81 12.35 -14.08
C VAL C 385 24.93 13.31 -14.88
N VAL C 386 25.31 14.60 -14.89
CA VAL C 386 24.48 15.63 -15.50
C VAL C 386 24.45 15.46 -17.02
N THR C 387 23.24 15.37 -17.58
CA THR C 387 23.05 15.22 -19.02
C THR C 387 22.57 16.49 -19.71
N GLU C 388 22.04 17.45 -18.96
CA GLU C 388 21.50 18.68 -19.52
C GLU C 388 21.32 19.69 -18.40
N VAL C 389 21.59 20.95 -18.70
CA VAL C 389 21.40 22.04 -17.74
C VAL C 389 20.37 23.01 -18.30
N ILE C 390 19.50 23.50 -17.43
CA ILE C 390 18.40 24.40 -17.79
C ILE C 390 18.75 25.80 -17.32
N GLU C 391 18.47 26.79 -18.19
CA GLU C 391 19.15 28.08 -18.12
C GLU C 391 18.55 29.07 -17.14
N LEU C 392 17.99 28.58 -16.04
CA LEU C 392 17.67 29.44 -14.89
C LEU C 392 16.64 30.52 -15.24
N THR D 1 -16.32 -15.05 51.53
CA THR D 1 -15.46 -14.42 50.54
C THR D 1 -14.27 -13.72 51.19
N LYS D 2 -13.08 -14.21 50.90
CA LYS D 2 -11.88 -13.67 51.53
C LYS D 2 -11.29 -12.54 50.69
N PRO D 3 -10.94 -11.40 51.28
CA PRO D 3 -10.32 -10.33 50.51
C PRO D 3 -8.94 -10.75 49.99
N HIS D 4 -8.65 -10.35 48.76
CA HIS D 4 -7.35 -10.61 48.15
C HIS D 4 -6.38 -9.49 48.50
N VAL D 5 -5.20 -9.86 49.00
CA VAL D 5 -4.17 -8.91 49.40
C VAL D 5 -2.85 -9.34 48.77
N ASN D 6 -2.13 -8.39 48.18
CA ASN D 6 -0.84 -8.65 47.55
C ASN D 6 0.29 -8.34 48.51
N VAL D 7 1.18 -9.31 48.70
CA VAL D 7 2.35 -9.14 49.56
C VAL D 7 3.57 -9.67 48.81
N GLY D 8 4.74 -9.33 49.32
CA GLY D 8 5.98 -9.80 48.73
C GLY D 8 7.11 -9.78 49.73
N THR D 9 8.09 -10.65 49.51
CA THR D 9 9.28 -10.70 50.36
C THR D 9 10.36 -9.81 49.76
N ILE D 10 10.82 -8.84 50.54
CA ILE D 10 11.93 -7.98 50.15
C ILE D 10 13.08 -8.19 51.13
N GLY D 11 14.26 -7.73 50.74
CA GLY D 11 15.42 -7.84 51.59
C GLY D 11 16.69 -8.25 50.87
N HIS D 12 17.81 -8.22 51.58
CA HIS D 12 19.11 -8.51 51.00
C HIS D 12 19.18 -9.96 50.51
N VAL D 13 20.00 -10.17 49.47
CA VAL D 13 20.17 -11.50 48.90
C VAL D 13 20.70 -12.46 49.95
N ASP D 14 20.24 -13.71 49.89
CA ASP D 14 20.60 -14.84 50.76
C ASP D 14 20.08 -14.71 52.18
N HIS D 15 19.29 -13.69 52.49
CA HIS D 15 18.75 -13.56 53.85
C HIS D 15 17.58 -14.49 54.12
N GLY D 16 16.99 -15.11 53.08
CA GLY D 16 16.00 -16.15 53.29
C GLY D 16 14.60 -15.86 52.76
N LYS D 17 14.49 -14.93 51.81
CA LYS D 17 13.18 -14.56 51.27
C LYS D 17 12.49 -15.77 50.63
N SER D 18 13.23 -16.53 49.82
CA SER D 18 12.63 -17.65 49.13
C SER D 18 12.36 -18.81 50.08
N THR D 19 13.25 -19.04 51.04
CA THR D 19 13.00 -20.08 52.03
C THR D 19 11.76 -19.76 52.86
N LEU D 20 11.62 -18.49 53.28
CA LEU D 20 10.43 -18.08 53.99
C LEU D 20 9.17 -18.27 53.14
N THR D 21 9.26 -17.93 51.86
CA THR D 21 8.12 -18.11 50.97
C THR D 21 7.67 -19.55 50.95
N ALA D 22 8.63 -20.48 50.78
CA ALA D 22 8.30 -21.91 50.77
C ALA D 22 7.72 -22.35 52.10
N ALA D 23 8.29 -21.87 53.21
CA ALA D 23 7.81 -22.28 54.53
C ALA D 23 6.37 -21.87 54.76
N ILE D 24 5.97 -20.70 54.27
CA ILE D 24 4.60 -20.25 54.41
C ILE D 24 3.64 -21.21 53.72
N THR D 25 3.95 -21.59 52.47
CA THR D 25 3.07 -22.51 51.76
C THR D 25 3.11 -23.89 52.37
N LYS D 26 4.29 -24.32 52.83
CA LYS D 26 4.41 -25.60 53.50
C LYS D 26 3.52 -25.66 54.73
N TYR D 27 3.64 -24.66 55.60
CA TYR D 27 2.85 -24.65 56.84
C TYR D 27 1.36 -24.62 56.53
N LEU D 28 0.93 -23.74 55.63
CA LEU D 28 -0.49 -23.60 55.37
C LEU D 28 -1.06 -24.80 54.62
N SER D 29 -0.23 -25.55 53.88
CA SER D 29 -0.72 -26.77 53.25
C SER D 29 -1.15 -27.79 54.29
N LEU D 30 -0.47 -27.82 55.45
CA LEU D 30 -0.90 -28.72 56.52
C LEU D 30 -2.28 -28.35 57.03
N LYS D 31 -2.64 -27.07 56.96
CA LYS D 31 -3.94 -26.58 57.38
C LYS D 31 -4.98 -26.68 56.27
N GLY D 32 -4.62 -27.23 55.11
CA GLY D 32 -5.51 -27.23 53.97
C GLY D 32 -5.76 -25.86 53.37
N LEU D 33 -4.85 -24.92 53.56
CA LEU D 33 -5.05 -23.54 53.13
C LEU D 33 -4.08 -23.10 52.05
N ALA D 34 -3.27 -24.00 51.51
CA ALA D 34 -2.31 -23.63 50.48
C ALA D 34 -1.80 -24.86 49.77
N GLN D 35 -1.36 -24.65 48.53
CA GLN D 35 -0.55 -25.63 47.83
C GLN D 35 0.90 -25.44 48.26
N TYR D 36 1.52 -26.50 48.78
CA TYR D 36 2.92 -26.43 49.16
C TYR D 36 3.77 -26.33 47.90
N VAL D 37 4.62 -25.31 47.84
CA VAL D 37 5.55 -25.13 46.74
C VAL D 37 6.96 -25.21 47.30
N PRO D 38 7.77 -26.19 46.89
CA PRO D 38 9.10 -26.35 47.49
C PRO D 38 10.02 -25.18 47.17
N TYR D 39 11.06 -25.06 48.00
CA TYR D 39 12.02 -23.97 47.86
C TYR D 39 12.61 -23.90 46.46
N ASP D 40 12.91 -25.06 45.87
CA ASP D 40 13.59 -25.07 44.57
C ASP D 40 12.70 -24.49 43.49
N GLN D 41 11.40 -24.79 43.51
CA GLN D 41 10.49 -24.21 42.53
C GLN D 41 10.35 -22.71 42.74
N ILE D 42 10.29 -22.27 44.00
CA ILE D 42 10.21 -20.84 44.28
C ILE D 42 11.51 -20.14 43.90
N ASP D 43 12.64 -20.77 44.21
CA ASP D 43 13.94 -20.16 43.96
C ASP D 43 14.18 -19.99 42.47
N LYS D 44 13.75 -20.95 41.66
CA LYS D 44 13.88 -20.87 40.20
C LYS D 44 12.66 -20.14 39.66
N ALA D 45 12.70 -18.82 39.80
CA ALA D 45 11.53 -18.01 39.42
C ALA D 45 11.43 -17.91 37.90
N PRO D 46 10.22 -17.99 37.35
CA PRO D 46 10.04 -17.74 35.92
C PRO D 46 10.21 -16.27 35.58
N GLU D 47 10.26 -16.00 34.28
CA GLU D 47 10.35 -14.63 33.78
C GLU D 47 8.97 -14.10 33.42
N GLU D 48 8.83 -12.79 33.48
CA GLU D 48 7.69 -12.13 32.88
C GLU D 48 8.17 -10.79 32.38
N LYS D 49 7.34 -10.15 31.55
CA LYS D 49 7.73 -8.92 30.88
C LYS D 49 6.78 -7.80 31.28
N ALA D 50 7.37 -6.72 31.79
CA ALA D 50 6.73 -5.41 31.86
C ALA D 50 7.54 -4.48 30.97
N ARG D 51 6.85 -3.71 30.13
CA ARG D 51 7.49 -2.93 29.04
C ARG D 51 8.20 -3.95 28.15
N GLY D 52 9.44 -3.72 27.77
CA GLY D 52 10.27 -4.76 27.18
C GLY D 52 11.27 -5.23 28.22
N ILE D 53 10.99 -4.93 29.48
CA ILE D 53 11.85 -5.32 30.60
C ILE D 53 11.44 -6.71 31.07
N THR D 54 12.42 -7.60 31.20
CA THR D 54 12.20 -8.95 31.69
C THR D 54 12.51 -8.99 33.18
N ILE D 55 11.57 -9.50 33.97
CA ILE D 55 11.72 -9.58 35.42
C ILE D 55 11.47 -11.02 35.85
N ASN D 56 12.31 -11.51 36.75
CA ASN D 56 12.12 -12.84 37.34
C ASN D 56 11.30 -12.69 38.61
N ILE D 57 10.07 -13.22 38.59
CA ILE D 57 9.15 -13.12 39.71
C ILE D 57 8.49 -14.48 39.93
N THR D 58 8.57 -14.98 41.16
CA THR D 58 7.75 -16.11 41.58
C THR D 58 6.43 -15.58 42.12
N HIS D 59 5.33 -16.11 41.63
CA HIS D 59 4.00 -15.87 42.18
C HIS D 59 3.50 -17.14 42.84
N VAL D 60 3.11 -17.04 44.11
CA VAL D 60 2.41 -18.13 44.78
C VAL D 60 1.21 -17.53 45.49
N GLU D 61 0.25 -18.40 45.82
CA GLU D 61 -0.96 -18.00 46.50
C GLU D 61 -1.19 -18.89 47.71
N TYR D 62 -1.72 -18.31 48.77
CA TYR D 62 -2.07 -19.06 49.97
C TYR D 62 -3.13 -18.28 50.72
N GLU D 63 -3.82 -18.98 51.62
CA GLU D 63 -4.91 -18.39 52.38
C GLU D 63 -4.68 -18.56 53.87
N THR D 64 -5.14 -17.56 54.63
CA THR D 64 -5.37 -17.69 56.04
C THR D 64 -6.87 -17.90 56.25
N GLU D 65 -7.30 -17.93 57.51
CA GLU D 65 -8.73 -18.07 57.78
C GLU D 65 -9.53 -16.91 57.20
N LYS D 66 -8.96 -15.71 57.17
CA LYS D 66 -9.70 -14.53 56.78
C LYS D 66 -9.38 -14.06 55.35
N ARG D 67 -8.20 -14.37 54.82
CA ARG D 67 -7.73 -13.68 53.63
C ARG D 67 -7.12 -14.63 52.61
N HIS D 68 -7.10 -14.18 51.36
CA HIS D 68 -6.37 -14.82 50.29
C HIS D 68 -5.21 -13.93 49.90
N TYR D 69 -4.00 -14.46 49.92
CA TYR D 69 -2.79 -13.69 49.67
C TYR D 69 -2.18 -14.08 48.33
N ALA D 70 -1.80 -13.07 47.56
CA ALA D 70 -0.98 -13.25 46.37
C ALA D 70 0.42 -12.78 46.71
N HIS D 71 1.38 -13.69 46.65
CA HIS D 71 2.71 -13.51 47.22
C HIS D 71 3.75 -13.52 46.10
N ILE D 72 4.64 -12.54 46.09
CA ILE D 72 5.71 -12.50 45.09
C ILE D 72 7.07 -12.58 45.79
N ASP D 73 8.04 -13.11 45.06
CA ASP D 73 9.39 -13.33 45.56
C ASP D 73 10.32 -13.32 44.36
N CYS D 74 11.43 -12.59 44.45
CA CYS D 74 12.30 -12.44 43.29
C CYS D 74 13.72 -12.92 43.57
N PRO D 75 14.38 -13.51 42.59
CA PRO D 75 15.76 -13.99 42.79
C PRO D 75 16.77 -12.88 43.05
N GLY D 76 16.83 -11.90 42.16
CA GLY D 76 17.91 -10.93 42.15
C GLY D 76 17.52 -9.57 42.68
N HIS D 77 18.52 -8.86 43.21
CA HIS D 77 18.32 -7.48 43.61
C HIS D 77 17.75 -6.64 42.47
N ALA D 78 18.27 -6.83 41.25
CA ALA D 78 17.78 -6.06 40.11
C ALA D 78 16.32 -6.37 39.80
N ASP D 79 15.87 -7.60 40.06
CA ASP D 79 14.46 -7.92 39.86
C ASP D 79 13.57 -7.06 40.75
N TYR D 80 13.96 -6.88 42.01
CA TYR D 80 13.15 -6.08 42.93
C TYR D 80 13.10 -4.62 42.51
N ILE D 81 14.25 -4.08 42.08
CA ILE D 81 14.28 -2.70 41.60
C ILE D 81 13.34 -2.52 40.42
N LYS D 82 13.41 -3.42 39.45
CA LYS D 82 12.60 -3.26 38.25
C LYS D 82 11.13 -3.50 38.54
N ASN D 83 10.81 -4.49 39.38
CA ASN D 83 9.40 -4.76 39.68
C ASN D 83 8.76 -3.63 40.46
N MET D 84 9.47 -3.09 41.46
CA MET D 84 8.89 -2.02 42.25
C MET D 84 8.69 -0.76 41.43
N ILE D 85 9.62 -0.45 40.52
CA ILE D 85 9.49 0.78 39.74
C ILE D 85 8.46 0.62 38.62
N THR D 86 8.52 -0.50 37.89
CA THR D 86 7.52 -0.71 36.83
C THR D 86 6.14 -1.05 37.39
N GLY D 87 6.08 -1.58 38.61
CA GLY D 87 4.82 -2.03 39.13
C GLY D 87 4.24 -3.25 38.44
N ALA D 88 5.11 -4.11 37.90
CA ALA D 88 4.64 -5.34 37.26
C ALA D 88 3.78 -6.16 38.21
N ALA D 89 4.19 -6.28 39.47
CA ALA D 89 3.43 -6.97 40.52
C ALA D 89 3.49 -6.10 41.77
N GLN D 90 2.40 -5.40 42.06
CA GLN D 90 2.40 -4.43 43.15
C GLN D 90 2.07 -5.10 44.48
N MET D 91 2.42 -4.41 45.57
CA MET D 91 2.31 -4.94 46.92
C MET D 91 1.45 -4.02 47.77
N ASP D 92 0.46 -4.60 48.45
CA ASP D 92 -0.23 -3.88 49.51
C ASP D 92 0.59 -3.83 50.79
N GLY D 93 1.53 -4.76 50.95
CA GLY D 93 2.42 -4.77 52.09
C GLY D 93 3.65 -5.57 51.75
N ALA D 94 4.78 -5.18 52.33
CA ALA D 94 6.03 -5.87 52.11
C ALA D 94 6.46 -6.59 53.37
N ILE D 95 7.01 -7.78 53.18
CA ILE D 95 7.63 -8.56 54.26
C ILE D 95 9.13 -8.35 54.14
N LEU D 96 9.70 -7.53 55.02
CA LEU D 96 11.14 -7.25 55.01
C LEU D 96 11.87 -8.36 55.73
N VAL D 97 12.59 -9.18 54.98
CA VAL D 97 13.35 -10.30 55.56
C VAL D 97 14.76 -9.83 55.85
N VAL D 98 15.16 -9.87 57.12
CA VAL D 98 16.49 -9.44 57.57
C VAL D 98 17.10 -10.58 58.37
N ALA D 99 18.23 -11.10 57.90
CA ALA D 99 18.89 -12.18 58.59
C ALA D 99 19.48 -11.70 59.91
N ALA D 100 19.28 -12.48 60.97
CA ALA D 100 19.83 -12.11 62.28
C ALA D 100 21.34 -12.11 62.26
N THR D 101 21.96 -12.92 61.41
CA THR D 101 23.41 -12.98 61.31
C THR D 101 24.00 -11.66 60.85
N ASP D 102 23.60 -11.21 59.66
CA ASP D 102 24.20 -10.02 59.07
C ASP D 102 23.55 -8.72 59.53
N GLY D 103 22.29 -8.76 59.95
CA GLY D 103 21.55 -7.55 60.19
C GLY D 103 21.22 -6.86 58.89
N PRO D 104 20.72 -5.63 58.96
CA PRO D 104 20.40 -4.89 57.73
C PRO D 104 21.65 -4.66 56.88
N MET D 105 21.51 -4.93 55.58
CA MET D 105 22.59 -4.88 54.62
C MET D 105 22.28 -3.83 53.54
N PRO D 106 23.20 -3.51 52.62
CA PRO D 106 22.92 -2.45 51.65
C PRO D 106 21.63 -2.63 50.88
N GLN D 107 21.33 -3.85 50.41
CA GLN D 107 20.08 -4.05 49.67
C GLN D 107 18.86 -3.93 50.57
N THR D 108 19.01 -4.23 51.87
CA THR D 108 17.91 -3.99 52.81
C THR D 108 17.51 -2.52 52.81
N ARG D 109 18.48 -1.62 52.91
CA ARG D 109 18.18 -0.20 52.88
C ARG D 109 17.58 0.21 51.54
N GLU D 110 18.17 -0.28 50.44
CA GLU D 110 17.68 0.11 49.12
C GLU D 110 16.25 -0.36 48.90
N HIS D 111 15.92 -1.56 49.37
CA HIS D 111 14.55 -2.06 49.19
C HIS D 111 13.56 -1.24 50.01
N VAL D 112 13.92 -0.90 51.25
CA VAL D 112 13.04 -0.06 52.07
C VAL D 112 12.89 1.31 51.42
N LEU D 113 14.01 1.89 50.99
CA LEU D 113 13.98 3.17 50.28
C LEU D 113 13.05 3.09 49.08
N LEU D 114 13.29 2.12 48.20
CA LEU D 114 12.51 2.01 46.97
C LEU D 114 11.03 1.73 47.28
N ALA D 115 10.76 0.87 48.27
CA ALA D 115 9.37 0.58 48.60
C ALA D 115 8.63 1.84 49.00
N ARG D 116 9.29 2.73 49.75
CA ARG D 116 8.67 4.01 50.08
C ARG D 116 8.49 4.86 48.84
N GLN D 117 9.51 4.91 47.97
CA GLN D 117 9.41 5.72 46.75
C GLN D 117 8.23 5.30 45.89
N VAL D 118 7.99 3.98 45.77
CA VAL D 118 6.92 3.51 44.89
C VAL D 118 5.58 3.40 45.60
N GLY D 119 5.53 3.67 46.90
CA GLY D 119 4.27 3.78 47.61
C GLY D 119 3.77 2.54 48.32
N VAL D 120 4.64 1.58 48.63
CA VAL D 120 4.22 0.39 49.37
C VAL D 120 3.68 0.83 50.73
N PRO D 121 2.40 0.57 51.02
CA PRO D 121 1.78 1.20 52.20
C PRO D 121 2.30 0.67 53.54
N TYR D 122 2.55 -0.63 53.66
CA TYR D 122 2.82 -1.24 54.95
C TYR D 122 4.04 -2.15 54.88
N MET D 123 4.77 -2.20 55.98
CA MET D 123 5.95 -3.03 56.13
C MET D 123 5.76 -3.96 57.31
N ILE D 124 6.17 -5.22 57.13
CA ILE D 124 6.23 -6.20 58.19
C ILE D 124 7.62 -6.83 58.14
N VAL D 125 8.26 -6.97 59.30
CA VAL D 125 9.64 -7.44 59.36
C VAL D 125 9.65 -8.88 59.83
N PHE D 126 10.45 -9.70 59.15
CA PHE D 126 10.75 -11.06 59.60
C PHE D 126 12.25 -11.16 59.78
N ILE D 127 12.70 -11.21 61.03
CA ILE D 127 14.10 -11.45 61.33
C ILE D 127 14.36 -12.95 61.24
N ASN D 128 15.09 -13.36 60.21
CA ASN D 128 15.30 -14.75 59.86
C ASN D 128 16.64 -15.25 60.41
N LYS D 129 16.83 -16.57 60.34
CA LYS D 129 18.08 -17.22 60.73
C LYS D 129 18.38 -17.02 62.21
N THR D 130 17.34 -16.93 63.05
CA THR D 130 17.57 -16.84 64.48
C THR D 130 18.18 -18.10 65.05
N ASP D 131 18.14 -19.21 64.31
CA ASP D 131 18.81 -20.44 64.74
C ASP D 131 20.32 -20.32 64.74
N MET D 132 20.86 -19.21 64.23
CA MET D 132 22.30 -19.02 64.14
C MET D 132 22.83 -17.99 65.14
N VAL D 133 21.96 -17.33 65.90
CA VAL D 133 22.36 -16.27 66.81
C VAL D 133 21.85 -16.64 68.19
N ASP D 134 22.78 -17.00 69.09
CA ASP D 134 22.40 -17.44 70.43
C ASP D 134 22.20 -16.27 71.38
N ASP D 135 22.97 -15.20 71.22
CA ASP D 135 22.84 -14.03 72.07
C ASP D 135 21.57 -13.27 71.72
N PRO D 136 20.52 -13.29 72.55
CA PRO D 136 19.29 -12.57 72.20
C PRO D 136 19.45 -11.06 72.14
N GLU D 137 20.49 -10.51 72.76
CA GLU D 137 20.72 -9.07 72.65
C GLU D 137 21.17 -8.69 71.25
N LEU D 138 21.91 -9.58 70.57
CA LEU D 138 22.27 -9.31 69.18
C LEU D 138 21.02 -9.24 68.31
N ILE D 139 20.06 -10.14 68.54
CA ILE D 139 18.82 -10.12 67.78
C ILE D 139 18.05 -8.84 68.08
N GLU D 140 18.04 -8.41 69.34
CA GLU D 140 17.32 -7.20 69.70
C GLU D 140 17.96 -5.96 69.09
N LEU D 141 19.29 -5.97 68.91
CA LEU D 141 19.93 -4.87 68.21
C LEU D 141 19.56 -4.87 66.73
N VAL D 142 19.46 -6.05 66.13
CA VAL D 142 18.97 -6.14 64.75
C VAL D 142 17.59 -5.49 64.63
N GLU D 143 16.69 -5.83 65.55
CA GLU D 143 15.34 -5.28 65.49
C GLU D 143 15.37 -3.76 65.62
N MET D 144 16.16 -3.23 66.54
CA MET D 144 16.23 -1.78 66.71
C MET D 144 16.81 -1.11 65.47
N GLU D 145 17.80 -1.74 64.84
CA GLU D 145 18.37 -1.18 63.62
C GLU D 145 17.33 -1.20 62.49
N VAL D 146 16.61 -2.30 62.35
CA VAL D 146 15.58 -2.39 61.31
C VAL D 146 14.47 -1.37 61.56
N ARG D 147 14.08 -1.21 62.83
CA ARG D 147 13.06 -0.22 63.15
C ARG D 147 13.55 1.19 62.82
N ASP D 148 14.83 1.48 63.10
CA ASP D 148 15.37 2.78 62.73
C ASP D 148 15.42 2.95 61.22
N LEU D 149 15.86 1.92 60.51
CA LEU D 149 15.89 1.96 59.05
C LEU D 149 14.50 2.27 58.49
N LEU D 150 13.46 1.70 59.09
CA LEU D 150 12.09 1.95 58.62
C LEU D 150 11.69 3.39 58.88
N SER D 151 11.91 3.88 60.11
CA SER D 151 11.55 5.24 60.45
C SER D 151 12.37 6.26 59.66
N GLN D 152 13.58 5.89 59.27
CA GLN D 152 14.42 6.75 58.46
C GLN D 152 13.78 7.06 57.12
N TYR D 153 12.93 6.17 56.61
CA TYR D 153 12.25 6.35 55.34
C TYR D 153 10.74 6.49 55.54
N GLU D 154 10.35 7.14 56.64
CA GLU D 154 8.98 7.56 56.95
C GLU D 154 8.04 6.41 57.25
N TYR D 155 8.54 5.18 57.39
CA TYR D 155 7.67 4.12 57.86
C TYR D 155 7.56 4.17 59.38
N PRO D 156 6.42 3.74 59.95
CA PRO D 156 6.26 3.78 61.42
C PRO D 156 7.05 2.66 62.11
N GLY D 157 8.37 2.87 62.17
CA GLY D 157 9.27 1.82 62.62
C GLY D 157 8.97 1.29 64.01
N ASP D 158 8.37 2.12 64.86
CA ASP D 158 8.00 1.67 66.20
C ASP D 158 6.70 0.89 66.23
N GLU D 159 5.91 0.95 65.15
CA GLU D 159 4.61 0.29 65.10
C GLU D 159 4.61 -1.00 64.29
N VAL D 160 5.57 -1.20 63.40
CA VAL D 160 5.50 -2.36 62.49
C VAL D 160 5.71 -3.64 63.29
N PRO D 161 5.02 -4.72 62.95
CA PRO D 161 5.31 -6.01 63.60
C PRO D 161 6.70 -6.50 63.20
N VAL D 162 7.40 -7.07 64.16
CA VAL D 162 8.70 -7.70 63.91
C VAL D 162 8.61 -9.12 64.44
N ILE D 163 8.68 -10.09 63.54
CA ILE D 163 8.61 -11.50 63.87
C ILE D 163 10.03 -12.08 63.75
N LYS D 164 10.42 -12.88 64.75
CA LYS D 164 11.73 -13.51 64.77
C LYS D 164 11.56 -15.02 64.64
N GLY D 165 12.35 -15.63 63.77
CA GLY D 165 12.23 -17.06 63.57
C GLY D 165 13.25 -17.57 62.58
N SER D 166 13.07 -18.83 62.21
CA SER D 166 13.96 -19.51 61.28
C SER D 166 13.11 -20.13 60.18
N ALA D 167 13.16 -19.53 58.98
CA ALA D 167 12.40 -20.09 57.87
C ALA D 167 12.88 -21.49 57.52
N LEU D 168 14.19 -21.73 57.61
CA LEU D 168 14.73 -23.03 57.24
C LEU D 168 14.22 -24.13 58.16
N LYS D 169 14.22 -23.89 59.48
CA LYS D 169 13.73 -24.89 60.40
C LYS D 169 12.23 -25.14 60.22
N ALA D 170 11.47 -24.10 59.87
CA ALA D 170 10.06 -24.30 59.57
C ALA D 170 9.89 -25.18 58.33
N LEU D 171 10.78 -25.02 57.36
CA LEU D 171 10.74 -25.85 56.16
C LEU D 171 11.08 -27.30 56.45
N GLU D 172 11.81 -27.58 57.54
CA GLU D 172 12.24 -28.93 57.89
C GLU D 172 11.26 -29.67 58.80
N ALA D 173 9.97 -29.32 58.74
CA ALA D 173 8.91 -30.01 59.51
C ALA D 173 9.19 -29.95 61.02
N ASN D 178 9.65 -28.79 61.49
CA ASN D 178 9.89 -28.55 62.90
C ASN D 178 8.67 -27.82 63.45
N HIS D 179 7.92 -28.50 64.32
CA HIS D 179 6.63 -27.97 64.76
C HIS D 179 6.79 -26.64 65.51
N GLU D 180 7.78 -26.55 66.39
CA GLU D 180 8.00 -25.32 67.13
C GLU D 180 8.37 -24.17 66.20
N ALA D 181 9.06 -24.46 65.10
CA ALA D 181 9.45 -23.44 64.14
C ALA D 181 8.28 -22.91 63.33
N TYR D 182 7.12 -23.59 63.35
CA TYR D 182 5.95 -23.08 62.67
C TYR D 182 5.37 -21.86 63.37
N LYS D 183 5.61 -21.72 64.68
CA LYS D 183 5.01 -20.62 65.43
C LYS D 183 5.38 -19.24 64.90
N PRO D 184 6.64 -18.95 64.54
CA PRO D 184 6.90 -17.68 63.85
C PRO D 184 6.16 -17.53 62.53
N ILE D 185 5.93 -18.63 61.80
CA ILE D 185 5.17 -18.55 60.56
C ILE D 185 3.73 -18.14 60.85
N GLN D 186 3.12 -18.75 61.87
CA GLN D 186 1.77 -18.36 62.26
C GLN D 186 1.74 -16.92 62.75
N GLU D 187 2.80 -16.49 63.44
CA GLU D 187 2.86 -15.11 63.91
C GLU D 187 2.96 -14.12 62.76
N LEU D 188 3.73 -14.46 61.73
CA LEU D 188 3.82 -13.59 60.56
C LEU D 188 2.46 -13.47 59.86
N LEU D 189 1.78 -14.60 59.68
CA LEU D 189 0.49 -14.59 59.00
C LEU D 189 -0.56 -13.83 59.80
N ASP D 190 -0.50 -13.89 61.13
CA ASP D 190 -1.42 -13.12 61.95
C ASP D 190 -1.13 -11.63 61.83
N ALA D 191 0.15 -11.26 61.80
CA ALA D 191 0.50 -9.86 61.57
C ALA D 191 -0.01 -9.39 60.22
N MET D 192 0.13 -10.22 59.18
CA MET D 192 -0.39 -9.85 57.87
C MET D 192 -1.90 -9.66 57.92
N ASP D 193 -2.61 -10.60 58.55
CA ASP D 193 -4.05 -10.48 58.69
C ASP D 193 -4.44 -9.20 59.44
N ASN D 194 -3.71 -8.87 60.50
CA ASN D 194 -4.15 -7.84 61.44
C ASN D 194 -3.57 -6.47 61.15
N TYR D 195 -2.30 -6.40 60.75
CA TYR D 195 -1.65 -5.11 60.60
C TYR D 195 -1.94 -4.46 59.25
N ILE D 196 -2.13 -5.25 58.19
CA ILE D 196 -2.50 -4.74 56.89
C ILE D 196 -4.03 -4.72 56.80
N PRO D 197 -4.66 -3.55 56.75
CA PRO D 197 -6.12 -3.52 56.57
C PRO D 197 -6.50 -3.96 55.16
N ASP D 198 -7.78 -4.24 54.99
CA ASP D 198 -8.31 -4.58 53.67
C ASP D 198 -8.03 -3.43 52.72
N PRO D 199 -7.33 -3.67 51.61
CA PRO D 199 -6.96 -2.55 50.73
C PRO D 199 -8.19 -1.85 50.19
N GLN D 200 -8.04 -0.54 49.98
CA GLN D 200 -9.10 0.26 49.37
C GLN D 200 -9.36 -0.21 47.94
N ARG D 201 -10.62 -0.41 47.60
CA ARG D 201 -10.97 -0.75 46.23
C ARG D 201 -10.85 0.47 45.33
N ASP D 202 -10.48 0.22 44.06
CA ASP D 202 -10.31 1.32 43.10
C ASP D 202 -11.60 2.12 42.96
N VAL D 203 -12.75 1.44 43.06
CA VAL D 203 -14.02 2.11 42.86
C VAL D 203 -14.33 3.09 43.99
N ASP D 204 -13.64 3.00 45.12
CA ASP D 204 -13.85 3.89 46.24
C ASP D 204 -12.86 5.05 46.27
N LYS D 205 -11.93 5.10 45.32
CA LYS D 205 -10.97 6.19 45.22
C LYS D 205 -11.61 7.37 44.50
N PRO D 206 -10.99 8.55 44.54
CA PRO D 206 -11.56 9.70 43.84
C PRO D 206 -11.54 9.48 42.33
N PHE D 207 -12.65 9.83 41.68
CA PHE D 207 -12.81 9.58 40.25
C PHE D 207 -11.71 10.26 39.44
N LEU D 208 -11.15 9.51 38.49
CA LEU D 208 -10.18 10.06 37.55
C LEU D 208 -10.33 9.33 36.22
N MET D 209 -10.38 10.10 35.14
CA MET D 209 -10.40 9.55 33.80
C MET D 209 -9.53 10.38 32.87
N PRO D 210 -8.46 9.82 32.32
CA PRO D 210 -7.67 10.56 31.34
C PRO D 210 -8.45 10.69 30.04
N ILE D 211 -8.35 11.87 29.42
CA ILE D 211 -9.10 12.14 28.19
C ILE D 211 -8.27 11.65 27.01
N GLU D 212 -8.82 10.69 26.27
CA GLU D 212 -8.16 10.16 25.09
C GLU D 212 -8.58 10.88 23.81
N ASP D 213 -9.86 11.25 23.72
CA ASP D 213 -10.39 11.80 22.48
C ASP D 213 -11.47 12.81 22.81
N VAL D 214 -11.56 13.84 21.97
CA VAL D 214 -12.54 14.91 22.12
C VAL D 214 -13.26 15.06 20.79
N PHE D 215 -14.59 15.16 20.84
CA PHE D 215 -15.35 15.49 19.64
C PHE D 215 -16.66 16.15 20.03
N SER D 216 -17.26 16.83 19.06
CA SER D 216 -18.43 17.66 19.29
C SER D 216 -19.65 17.03 18.61
N ILE D 217 -20.73 16.90 19.36
CA ILE D 217 -22.03 16.48 18.83
C ILE D 217 -22.89 17.73 18.69
N THR D 218 -23.17 18.14 17.46
CA THR D 218 -23.88 19.39 17.22
C THR D 218 -25.30 19.28 17.75
N GLY D 219 -25.73 20.30 18.49
CA GLY D 219 -27.00 20.24 19.17
C GLY D 219 -27.00 19.44 20.45
N ARG D 220 -25.83 19.05 20.95
CA ARG D 220 -25.76 18.31 22.20
C ARG D 220 -24.61 18.79 23.07
N GLY D 221 -23.40 18.87 22.52
CA GLY D 221 -22.27 19.41 23.25
C GLY D 221 -21.00 18.63 23.00
N THR D 222 -20.01 18.89 23.84
CA THR D 222 -18.68 18.32 23.71
C THR D 222 -18.60 16.99 24.47
N VAL D 223 -18.07 15.97 23.80
CA VAL D 223 -17.91 14.64 24.39
C VAL D 223 -16.43 14.34 24.49
N VAL D 224 -16.00 13.86 25.65
CA VAL D 224 -14.64 13.38 25.85
C VAL D 224 -14.70 11.90 26.20
N THR D 225 -13.80 11.11 25.63
CA THR D 225 -13.75 9.67 25.88
C THR D 225 -12.44 9.27 26.54
N GLY D 226 -12.50 8.20 27.32
CA GLY D 226 -11.33 7.67 27.98
C GLY D 226 -11.75 6.50 28.84
N ARG D 227 -10.74 5.78 29.32
CA ARG D 227 -10.98 4.67 30.24
C ARG D 227 -10.85 5.20 31.66
N ILE D 228 -11.91 5.03 32.46
CA ILE D 228 -11.87 5.46 33.84
C ILE D 228 -10.78 4.69 34.58
N GLU D 229 -9.88 5.43 35.21
CA GLU D 229 -8.76 4.84 35.92
C GLU D 229 -9.13 4.42 37.35
N ARG D 230 -9.94 5.21 38.04
CA ARG D 230 -10.35 4.87 39.40
C ARG D 230 -11.65 5.62 39.70
N GLY D 231 -12.32 5.18 40.77
CA GLY D 231 -13.51 5.86 41.21
C GLY D 231 -14.71 5.55 40.33
N ARG D 232 -15.68 6.46 40.37
CA ARG D 232 -16.91 6.27 39.62
C ARG D 232 -17.48 7.62 39.22
N ILE D 233 -18.24 7.63 38.13
CA ILE D 233 -18.84 8.84 37.60
C ILE D 233 -20.31 8.57 37.30
N ARG D 234 -21.18 9.44 37.80
CA ARG D 234 -22.61 9.37 37.53
C ARG D 234 -23.04 10.62 36.77
N PRO D 235 -24.03 10.50 35.89
CA PRO D 235 -24.58 11.69 35.24
C PRO D 235 -25.00 12.71 36.29
N GLY D 236 -24.60 13.97 36.08
CA GLY D 236 -24.88 15.04 37.02
C GLY D 236 -23.74 15.35 37.97
N ASP D 237 -22.70 14.53 38.02
CA ASP D 237 -21.59 14.79 38.92
C ASP D 237 -20.73 15.95 38.41
N GLU D 238 -20.18 16.71 39.36
CA GLU D 238 -19.26 17.79 39.05
C GLU D 238 -17.85 17.23 38.95
N VAL D 239 -17.12 17.62 37.90
CA VAL D 239 -15.73 17.22 37.75
C VAL D 239 -14.92 18.45 37.40
N GLU D 240 -13.61 18.32 37.54
CA GLU D 240 -12.66 19.33 37.08
C GLU D 240 -11.90 18.79 35.87
N ILE D 241 -11.65 19.68 34.91
CA ILE D 241 -10.74 19.39 33.80
C ILE D 241 -9.38 19.93 34.18
N ILE D 242 -8.40 19.04 34.31
CA ILE D 242 -7.11 19.37 34.89
C ILE D 242 -6.00 19.08 33.91
N GLY D 243 -5.05 20.00 33.79
CA GLY D 243 -3.91 19.85 32.92
C GLY D 243 -3.85 20.89 31.82
N LEU D 244 -2.64 21.21 31.37
CA LEU D 244 -2.40 22.03 30.19
C LEU D 244 -2.89 23.46 30.36
N SER D 245 -4.20 23.65 30.46
CA SER D 245 -4.78 24.96 30.68
C SER D 245 -5.08 25.17 32.15
N GLU D 247 -5.70 26.29 32.47
CA GLU D 247 -6.20 26.50 33.81
C GLU D 247 -7.32 25.50 34.11
N ILE D 248 -7.53 25.22 35.38
CA ILE D 248 -8.54 24.25 35.79
C ILE D 248 -9.93 24.76 35.42
N ARG D 249 -10.74 23.89 34.84
CA ARG D 249 -12.12 24.18 34.50
C ARG D 249 -13.04 23.22 35.24
N LYS D 250 -14.16 23.75 35.74
CA LYS D 250 -15.20 22.93 36.36
C LYS D 250 -16.30 22.68 35.34
N THR D 251 -16.94 21.51 35.47
CA THR D 251 -18.04 21.17 34.58
C THR D 251 -18.85 20.05 35.22
N VAL D 252 -20.04 19.83 34.66
CA VAL D 252 -20.91 18.74 35.07
C VAL D 252 -20.97 17.74 33.93
N VAL D 253 -20.73 16.47 34.24
CA VAL D 253 -20.90 15.41 33.26
C VAL D 253 -22.38 15.07 33.23
N THR D 254 -23.06 15.44 32.13
CA THR D 254 -24.49 15.23 32.03
C THR D 254 -24.85 13.88 31.44
N SER D 255 -23.89 13.17 30.87
CA SER D 255 -24.18 11.90 30.21
C SER D 255 -22.92 11.05 30.21
N VAL D 256 -23.05 9.81 30.63
CA VAL D 256 -21.96 8.83 30.64
C VAL D 256 -22.42 7.65 29.80
N GLU D 257 -21.75 7.43 28.68
CA GLU D 257 -22.19 6.43 27.71
C GLU D 257 -21.08 5.43 27.43
N MET D 258 -21.47 4.16 27.28
CA MET D 258 -20.55 3.08 26.98
C MET D 258 -21.30 2.05 26.15
N PHE D 259 -20.69 1.62 25.05
CA PHE D 259 -21.29 0.64 24.15
C PHE D 259 -22.70 1.06 23.75
N ARG D 260 -22.85 2.35 23.41
CA ARG D 260 -24.05 2.97 22.88
C ARG D 260 -25.19 3.09 23.89
N LYS D 261 -24.93 2.82 25.17
CA LYS D 261 -25.98 2.90 26.18
C LYS D 261 -25.61 3.95 27.22
N GLU D 262 -26.62 4.67 27.70
CA GLU D 262 -26.40 5.58 28.82
C GLU D 262 -26.24 4.78 30.10
N LEU D 263 -25.18 5.06 30.84
CA LEU D 263 -24.89 4.34 32.07
C LEU D 263 -25.48 5.08 33.26
N ASP D 264 -25.91 4.30 34.26
CA ASP D 264 -26.21 4.90 35.55
C ASP D 264 -24.95 5.35 36.26
N GLU D 265 -23.85 4.63 36.04
CA GLU D 265 -22.54 5.07 36.53
C GLU D 265 -21.47 4.33 35.76
N GLY D 266 -20.36 5.02 35.51
CA GLY D 266 -19.14 4.40 35.00
C GLY D 266 -18.19 4.19 36.16
N ILE D 267 -17.47 3.08 36.13
CA ILE D 267 -16.52 2.74 37.18
C ILE D 267 -15.19 2.42 36.53
N ALA D 268 -14.16 2.29 37.38
CA ALA D 268 -12.82 1.96 36.92
C ALA D 268 -12.83 0.80 35.94
N GLY D 269 -12.15 0.98 34.82
CA GLY D 269 -12.09 -0.02 33.78
C GLY D 269 -13.00 0.23 32.60
N ASP D 270 -14.04 1.05 32.79
CA ASP D 270 -14.99 1.38 31.72
C ASP D 270 -14.39 2.43 30.79
N ASN D 271 -14.47 2.17 29.49
CA ASN D 271 -14.18 3.19 28.47
C ASN D 271 -15.49 3.88 28.12
N VAL D 272 -15.63 5.14 28.50
CA VAL D 272 -16.91 5.85 28.47
C VAL D 272 -16.75 7.14 27.67
N GLY D 273 -17.90 7.70 27.30
CA GLY D 273 -17.96 9.03 26.73
C GLY D 273 -18.72 9.96 27.66
N CYS D 274 -18.10 11.08 28.02
CA CYS D 274 -18.66 12.01 28.99
C CYS D 274 -19.06 13.30 28.29
N LEU D 275 -20.36 13.61 28.30
CA LEU D 275 -20.87 14.87 27.77
C LEU D 275 -20.66 15.97 28.82
N LEU D 276 -19.84 16.96 28.47
CA LEU D 276 -19.45 18.02 29.41
C LEU D 276 -20.30 19.27 29.17
N ARG D 277 -21.04 19.68 30.19
CA ARG D 277 -21.91 20.85 30.07
C ARG D 277 -21.08 22.14 29.99
N GLY D 278 -21.44 23.02 29.06
CA GLY D 278 -20.82 24.33 28.98
C GLY D 278 -19.34 24.33 28.62
N ILE D 279 -18.86 23.29 27.95
CA ILE D 279 -17.48 23.20 27.53
C ILE D 279 -17.45 23.12 26.00
N ASP D 280 -16.75 24.06 25.38
CA ASP D 280 -16.57 24.02 23.93
C ASP D 280 -15.41 23.09 23.59
N LYS D 281 -15.37 22.66 22.33
CA LYS D 281 -14.35 21.70 21.91
C LYS D 281 -12.95 22.27 22.07
N ASP D 282 -12.79 23.58 21.94
CA ASP D 282 -11.47 24.20 22.09
C ASP D 282 -11.09 24.42 23.54
N GLU D 283 -11.90 23.98 24.50
CA GLU D 283 -11.61 24.13 25.91
C GLU D 283 -11.20 22.83 26.58
N VAL D 284 -11.15 21.73 25.84
CA VAL D 284 -10.75 20.45 26.38
C VAL D 284 -10.06 19.65 25.28
N GLU D 285 -8.98 18.95 25.64
CA GLU D 285 -8.19 18.24 24.64
C GLU D 285 -7.57 16.99 25.26
N ARG D 286 -7.09 16.11 24.39
CA ARG D 286 -6.42 14.89 24.80
C ARG D 286 -5.22 15.22 25.70
N GLY D 287 -5.04 14.42 26.75
CA GLY D 287 -3.97 14.61 27.71
C GLY D 287 -4.39 15.24 29.02
N GLN D 288 -5.45 16.05 29.02
CA GLN D 288 -6.05 16.46 30.27
C GLN D 288 -6.83 15.29 30.87
N VAL D 289 -7.29 15.46 32.10
CA VAL D 289 -8.06 14.44 32.80
C VAL D 289 -9.34 15.05 33.33
N LEU D 290 -10.36 14.21 33.47
CA LEU D 290 -11.51 14.49 34.32
C LEU D 290 -11.24 13.91 35.70
N ALA D 291 -11.55 14.68 36.74
CA ALA D 291 -11.26 14.21 38.08
C ALA D 291 -12.26 14.83 39.06
N ALA D 292 -12.50 14.12 40.16
CA ALA D 292 -13.24 14.70 41.26
C ALA D 292 -12.58 16.00 41.68
N PRO D 293 -13.35 17.07 41.92
CA PRO D 293 -12.74 18.39 42.12
C PRO D 293 -11.77 18.41 43.29
N GLY D 294 -10.58 18.95 43.04
CA GLY D 294 -9.56 19.05 44.06
C GLY D 294 -8.79 17.78 44.35
N SER D 295 -9.11 16.66 43.69
CA SER D 295 -8.48 15.39 44.02
C SER D 295 -7.12 15.23 43.38
N ILE D 296 -6.82 16.01 42.35
CA ILE D 296 -5.50 16.03 41.72
C ILE D 296 -5.30 17.42 41.15
N LYS D 297 -4.05 17.85 41.08
CA LYS D 297 -3.71 19.20 40.67
C LYS D 297 -2.72 19.17 39.53
N PRO D 298 -2.68 20.22 38.71
CA PRO D 298 -1.69 20.28 37.64
C PRO D 298 -0.33 20.71 38.16
N HIS D 299 0.71 20.14 37.55
CA HIS D 299 2.08 20.46 37.94
C HIS D 299 2.97 20.46 36.71
N LYS D 300 3.96 21.36 36.73
CA LYS D 300 5.03 21.35 35.76
C LYS D 300 6.27 20.64 36.28
N ARG D 301 6.54 20.76 37.57
CA ARG D 301 7.74 20.23 38.18
C ARG D 301 7.35 19.15 39.19
N PHE D 302 8.14 18.08 39.22
CA PHE D 302 7.91 17.00 40.16
C PHE D 302 9.20 16.20 40.29
N LYS D 303 9.25 15.36 41.32
CA LYS D 303 10.33 14.42 41.50
C LYS D 303 9.82 13.00 41.28
N ALA D 304 10.71 12.13 40.81
CA ALA D 304 10.33 10.76 40.51
C ALA D 304 11.54 9.85 40.62
N GLU D 305 11.33 8.65 41.15
CA GLU D 305 12.35 7.61 41.06
C GLU D 305 12.31 7.03 39.67
N VAL D 306 13.42 7.11 38.95
CA VAL D 306 13.48 6.76 37.54
C VAL D 306 14.48 5.63 37.36
N TYR D 307 14.04 4.56 36.72
CA TYR D 307 14.93 3.49 36.29
C TYR D 307 15.27 3.71 34.82
N VAL D 308 16.56 3.73 34.49
CA VAL D 308 17.01 3.91 33.11
C VAL D 308 17.15 2.52 32.48
N LEU D 309 16.41 2.29 31.41
CA LEU D 309 16.37 0.97 30.78
C LEU D 309 17.67 0.66 30.06
N LYS D 310 18.08 -0.60 30.14
CA LYS D 310 19.21 -1.08 29.36
C LYS D 310 18.83 -1.20 27.88
N LYS D 311 19.85 -1.25 27.03
CA LYS D 311 19.61 -1.39 25.60
C LYS D 311 18.84 -2.68 25.29
N GLU D 312 19.20 -3.80 25.96
CA GLU D 312 18.51 -5.06 25.73
C GLU D 312 17.05 -4.99 26.16
N GLU D 313 16.73 -4.12 27.10
CA GLU D 313 15.37 -3.93 27.57
C GLU D 313 14.57 -2.96 26.72
N GLY D 314 15.18 -2.38 25.70
CA GLY D 314 14.50 -1.42 24.84
C GLY D 314 14.93 0.01 25.03
N GLY D 315 15.86 0.30 25.94
CA GLY D 315 16.39 1.63 26.12
C GLY D 315 17.65 1.86 25.30
N ARG D 316 18.35 2.93 25.64
CA ARG D 316 19.57 3.30 24.93
C ARG D 316 20.79 3.08 25.81
N HIS D 317 21.96 3.09 25.17
CA HIS D 317 23.22 3.09 25.91
C HIS D 317 23.48 4.41 26.60
N THR D 318 22.81 5.46 26.16
CA THR D 318 23.08 6.80 26.67
C THR D 318 22.58 6.94 28.11
N PRO D 319 23.40 7.45 29.02
CA PRO D 319 22.91 7.74 30.37
C PRO D 319 22.02 8.97 30.41
N PHE D 320 21.28 9.10 31.50
CA PHE D 320 20.53 10.32 31.77
C PHE D 320 21.46 11.36 32.36
N PHE D 321 21.22 12.62 32.02
CA PHE D 321 22.15 13.70 32.38
C PHE D 321 21.36 14.99 32.59
N LYS D 322 21.97 15.90 33.35
CA LYS D 322 21.39 17.22 33.56
C LYS D 322 21.15 17.92 32.23
N GLY D 323 19.93 18.38 32.03
CA GLY D 323 19.54 19.02 30.78
C GLY D 323 18.94 18.09 29.74
N TYR D 324 19.02 16.78 29.94
CA TYR D 324 18.36 15.83 29.04
C TYR D 324 16.87 16.14 28.94
N LYS D 325 16.34 16.14 27.71
CA LYS D 325 14.96 16.54 27.44
C LYS D 325 14.22 15.46 26.67
N PRO D 326 13.89 14.34 27.31
CA PRO D 326 13.11 13.29 26.65
C PRO D 326 11.62 13.62 26.70
N GLN D 327 10.82 12.68 26.19
CA GLN D 327 9.37 12.77 26.24
C GLN D 327 8.85 11.98 27.45
N PHE D 328 7.85 12.54 28.13
CA PHE D 328 7.27 11.93 29.32
C PHE D 328 5.83 11.54 29.00
N TYR D 329 5.58 10.23 28.98
CA TYR D 329 4.26 9.69 28.64
C TYR D 329 3.47 9.59 29.95
N ILE D 330 2.62 10.57 30.18
CA ILE D 330 1.83 10.67 31.41
C ILE D 330 0.38 10.42 31.02
N ARG D 331 -0.12 9.24 31.38
CA ARG D 331 -1.45 8.78 30.98
C ARG D 331 -1.60 8.86 29.46
N THR D 332 -2.49 9.74 28.97
CA THR D 332 -2.83 9.77 27.56
C THR D 332 -2.13 10.88 26.79
N THR D 333 -1.02 11.39 27.30
CA THR D 333 -0.26 12.40 26.58
C THR D 333 1.22 12.16 26.82
N ASP D 334 2.03 12.69 25.90
CA ASP D 334 3.47 12.73 26.08
C ASP D 334 3.93 14.18 26.00
N VAL D 335 4.75 14.58 26.97
CA VAL D 335 5.10 15.97 27.19
C VAL D 335 6.61 16.06 27.39
N THR D 336 7.23 17.03 26.74
CA THR D 336 8.67 17.24 26.89
C THR D 336 8.97 17.73 28.29
N GLY D 337 10.04 17.19 28.87
CA GLY D 337 10.47 17.62 30.19
C GLY D 337 11.98 17.58 30.29
N GLU D 338 12.52 18.39 31.19
CA GLU D 338 13.96 18.51 31.38
C GLU D 338 14.36 17.84 32.69
N ILE D 339 15.48 17.11 32.66
CA ILE D 339 15.96 16.31 33.77
C ILE D 339 16.96 17.10 34.59
N VAL D 340 16.81 17.07 35.91
CA VAL D 340 17.82 17.54 36.85
C VAL D 340 18.09 16.41 37.83
N LEU D 341 19.37 16.13 38.08
CA LEU D 341 19.80 15.03 38.93
C LEU D 341 20.12 15.51 40.33
N PRO D 342 20.05 14.62 41.32
CA PRO D 342 20.34 15.04 42.70
C PRO D 342 21.79 15.46 42.86
N GLU D 343 22.06 16.09 44.01
CA GLU D 343 23.40 16.61 44.28
C GLU D 343 24.42 15.47 44.28
N GLY D 344 25.55 15.71 43.64
CA GLY D 344 26.61 14.73 43.56
C GLY D 344 26.41 13.65 42.53
N VAL D 345 25.32 13.69 41.77
CA VAL D 345 25.05 12.71 40.71
C VAL D 345 25.17 13.41 39.38
N GLU D 346 26.10 12.95 38.55
CA GLU D 346 26.34 13.56 37.25
C GLU D 346 25.67 12.82 36.11
N MET D 347 25.46 11.52 36.25
CA MET D 347 24.87 10.71 35.20
C MET D 347 24.15 9.53 35.84
N VAL D 348 23.25 8.93 35.08
CA VAL D 348 22.57 7.70 35.49
C VAL D 348 22.68 6.73 34.32
N MET D 349 23.53 5.72 34.46
CA MET D 349 23.73 4.75 33.41
C MET D 349 22.53 3.83 33.29
N PRO D 350 22.33 3.23 32.12
CA PRO D 350 21.29 2.21 31.98
C PRO D 350 21.46 1.10 33.01
N GLY D 351 20.34 0.68 33.61
CA GLY D 351 20.37 -0.29 34.67
C GLY D 351 20.41 0.31 36.07
N ASP D 352 20.65 1.61 36.18
CA ASP D 352 20.67 2.31 37.46
C ASP D 352 19.37 3.08 37.66
N HIS D 353 19.22 3.63 38.87
CA HIS D 353 18.03 4.41 39.20
C HIS D 353 18.39 5.45 40.25
N VAL D 354 17.81 6.65 40.11
CA VAL D 354 17.91 7.71 41.10
C VAL D 354 16.59 8.47 41.11
N GLU D 355 16.44 9.35 42.09
CA GLU D 355 15.31 10.28 42.11
C GLU D 355 15.68 11.52 41.30
N MET D 356 14.97 11.74 40.21
CA MET D 356 15.21 12.88 39.34
C MET D 356 14.13 13.95 39.54
N GLU D 357 14.52 15.20 39.32
CA GLU D 357 13.57 16.31 39.26
C GLU D 357 13.28 16.61 37.80
N ILE D 358 11.99 16.74 37.49
CA ILE D 358 11.54 16.86 36.12
C ILE D 358 10.75 18.15 35.98
N GLU D 359 11.00 18.89 34.91
CA GLU D 359 10.25 20.11 34.60
C GLU D 359 9.61 19.93 33.23
N LEU D 360 8.29 19.82 33.19
CA LEU D 360 7.58 19.69 31.93
C LEU D 360 7.37 21.06 31.30
N ILE D 361 7.16 21.05 29.97
CA ILE D 361 6.97 22.30 29.25
C ILE D 361 5.60 22.92 29.51
N TYR D 362 4.62 22.13 29.94
CA TYR D 362 3.32 22.68 30.33
C TYR D 362 2.74 21.79 31.42
N PRO D 363 1.81 22.32 32.24
CA PRO D 363 1.34 21.55 33.39
C PRO D 363 0.52 20.34 32.98
N VAL D 364 0.63 19.29 33.79
CA VAL D 364 -0.08 18.04 33.58
C VAL D 364 -0.65 17.58 34.91
N ALA D 365 -1.82 16.94 34.86
CA ALA D 365 -2.36 16.29 36.06
C ALA D 365 -1.42 15.17 36.48
N ILE D 366 -0.87 15.28 37.69
CA ILE D 366 0.15 14.33 38.13
C ILE D 366 0.13 14.29 39.65
N GLU D 367 0.44 13.12 40.21
CA GLU D 367 0.29 12.92 41.64
C GLU D 367 1.35 11.95 42.15
N LYS D 368 1.60 12.04 43.45
CA LYS D 368 2.52 11.13 44.12
C LYS D 368 2.09 9.68 43.93
N GLY D 369 3.05 8.81 43.62
CA GLY D 369 2.78 7.40 43.40
C GLY D 369 2.41 7.03 41.98
N GLN D 370 2.20 8.01 41.10
CA GLN D 370 1.79 7.70 39.73
C GLN D 370 2.98 7.26 38.90
N ARG D 371 2.79 6.21 38.11
CA ARG D 371 3.85 5.71 37.25
C ARG D 371 3.73 6.30 35.85
N PHE D 372 4.85 6.30 35.13
CA PHE D 372 4.91 6.90 33.81
C PHE D 372 6.11 6.33 33.06
N ALA D 373 6.08 6.48 31.74
CA ALA D 373 7.18 6.06 30.89
C ALA D 373 7.93 7.28 30.38
N ILE D 374 9.23 7.10 30.16
CA ILE D 374 10.09 8.11 29.53
C ILE D 374 10.54 7.55 28.20
N ARG D 375 10.26 8.28 27.12
CA ARG D 375 10.56 7.79 25.78
C ARG D 375 11.36 8.84 25.02
N GLU D 376 12.27 8.35 24.18
CA GLU D 376 13.19 9.19 23.42
C GLU D 376 13.29 8.60 22.03
N GLY D 377 12.64 9.24 21.05
CA GLY D 377 12.65 8.75 19.69
C GLY D 377 12.05 7.37 19.56
N GLY D 378 10.83 7.18 20.07
CA GLY D 378 10.13 5.91 20.04
C GLY D 378 10.53 4.88 21.08
N ARG D 379 11.83 4.75 21.35
CA ARG D 379 12.30 3.79 22.32
C ARG D 379 11.93 4.24 23.73
N THR D 380 11.61 3.27 24.59
CA THR D 380 11.33 3.53 26.00
C THR D 380 12.67 3.52 26.75
N VAL D 381 13.08 4.68 27.23
CA VAL D 381 14.39 4.82 27.85
C VAL D 381 14.34 4.85 29.37
N GLY D 382 13.19 5.14 29.96
CA GLY D 382 13.09 5.17 31.41
C GLY D 382 11.71 4.78 31.90
N ALA D 383 11.67 4.31 33.14
CA ALA D 383 10.42 4.08 33.86
C ALA D 383 10.48 4.82 35.19
N GLY D 384 9.42 5.59 35.49
CA GLY D 384 9.42 6.42 36.67
C GLY D 384 8.19 6.22 37.51
N VAL D 385 8.33 6.56 38.79
CA VAL D 385 7.20 6.65 39.70
C VAL D 385 7.32 7.97 40.46
N VAL D 386 6.26 8.77 40.45
CA VAL D 386 6.31 10.10 41.04
C VAL D 386 6.46 9.99 42.55
N THR D 387 7.39 10.77 43.11
CA THR D 387 7.65 10.77 44.54
C THR D 387 7.31 12.10 45.22
N GLU D 388 7.20 13.18 44.45
CA GLU D 388 6.91 14.49 45.03
C GLU D 388 6.42 15.40 43.91
N VAL D 389 5.34 16.12 44.16
CA VAL D 389 4.82 17.10 43.21
C VAL D 389 5.09 18.50 43.77
N ILE D 390 5.42 19.43 42.87
CA ILE D 390 5.84 20.77 43.26
C ILE D 390 4.75 21.76 42.85
N GLU D 391 4.40 22.67 43.75
CA GLU D 391 3.29 23.59 43.54
C GLU D 391 3.53 24.44 42.29
N LEU D 392 2.44 24.77 41.62
CA LEU D 392 2.48 25.50 40.37
C LEU D 392 2.56 27.02 40.62
C1 GLC E . -4.41 -11.67 37.73
C2 GLC E . -4.59 -13.18 37.88
C3 GLC E . -4.68 -13.56 39.33
C4 GLC E . -3.40 -13.19 40.02
C5 GLC E . -3.22 -11.69 39.87
C6 GLC E . -2.03 -11.25 40.72
O2 GLC E . -5.83 -13.56 37.27
O3 GLC E . -4.88 -14.99 39.42
O4 GLC E . -3.48 -13.54 41.41
O5 GLC E . -3.17 -11.30 38.44
O6 GLC E . -0.82 -11.83 40.24
C1 FRU E . -6.33 -9.75 36.52
C2 FRU E . -5.96 -9.66 38.01
C3 FRU E . -6.78 -8.57 38.70
C4 FRU E . -5.79 -7.75 39.43
C5 FRU E . -4.62 -7.80 38.37
C6 FRU E . -3.33 -7.17 38.88
O1 FRU E . -6.11 -8.52 35.80
O2 FRU E . -5.48 -10.98 38.40
O3 FRU E . -8.11 -8.90 39.17
O4 FRU E . -6.28 -6.41 39.56
O5 FRU E . -4.61 -9.19 38.48
O6 FRU E . -2.88 -7.86 40.05
C1 GLC F . 46.17 30.08 4.00
C2 GLC F . 46.11 31.40 3.27
C3 GLC F . 47.33 32.20 3.62
C4 GLC F . 47.36 32.42 5.13
C5 GLC F . 47.42 31.05 5.76
C6 GLC F . 47.42 31.14 7.29
O2 GLC F . 46.06 31.13 1.92
O3 GLC F . 47.29 33.43 2.91
O4 GLC F . 48.48 33.10 5.49
O5 GLC F . 46.28 30.32 5.39
O6 GLC F . 46.20 31.68 7.69
C1 FRU F . 46.06 28.04 2.01
C2 FRU F . 46.87 28.06 3.29
C3 FRU F . 48.06 27.27 3.06
C4 FRU F . 48.49 27.02 4.43
C5 FRU F . 47.18 26.66 5.09
C6 FRU F . 47.29 27.07 6.56
O1 FRU F . 45.87 26.72 1.58
O2 FRU F . 47.26 29.36 3.53
O3 FRU F . 48.96 28.15 2.52
O4 FRU F . 49.36 25.93 4.44
O5 FRU F . 46.21 27.42 4.39
O6 FRU F . 46.13 27.77 6.96
C1 GLC G . 42.71 45.76 4.35
C2 GLC G . 42.36 45.68 2.85
C3 GLC G . 40.85 45.56 2.73
C4 GLC G . 40.37 44.36 3.53
C5 GLC G . 40.77 44.51 5.00
C6 GLC G . 40.24 43.35 5.84
O2 GLC G . 42.77 46.83 2.08
O3 GLC G . 40.49 45.37 1.35
O4 GLC G . 38.95 44.20 3.43
O5 GLC G . 42.19 44.62 5.07
O6 GLC G . 40.60 43.58 7.21
C1 FRU G . 43.89 48.46 4.27
C2 FRU G . 42.75 48.17 5.27
C3 FRU G . 42.35 49.48 5.94
C4 FRU G . 42.47 49.16 7.39
C5 FRU G . 43.74 48.29 7.41
C6 FRU G . 43.92 47.59 8.76
O1 FRU G . 45.06 49.03 4.86
O2 FRU G . 42.08 46.88 5.01
O3 FRU G . 41.23 50.30 5.49
O4 FRU G . 42.69 50.36 8.15
O5 FRU G . 43.05 47.41 6.54
O6 FRU G . 42.80 46.74 9.03
C1 GLC H . -19.91 8.13 22.09
C2 GLC H . -20.67 9.22 22.76
C3 GLC H . -22.07 9.01 22.44
C4 GLC H . -22.28 9.27 21.00
C5 GLC H . -21.43 8.38 20.15
C6 GLC H . -21.18 9.14 18.90
O2 GLC H . -20.52 9.09 24.07
O3 GLC H . -22.70 9.96 23.13
O4 GLC H . -23.59 8.98 20.69
O5 GLC H . -20.12 8.20 20.67
O6 GLC H . -21.53 8.26 17.93
C1 FRU H . -18.49 6.48 24.20
C2 FRU H . -19.22 6.07 22.93
C3 FRU H . -19.73 4.69 23.08
C4 FRU H . -19.75 4.30 21.70
C5 FRU H . -18.37 4.70 21.35
C6 FRU H . -18.20 4.74 19.86
O1 FRU H . -17.36 5.71 24.53
O2 FRU H . -20.29 6.89 22.62
O3 FRU H . -21.01 4.67 23.56
O4 FRU H . -19.86 2.92 21.64
O5 FRU H . -18.30 5.98 21.86
O6 FRU H . -19.18 5.58 19.31
PB GDP I . -25.31 8.64 -26.38
O1B GDP I . -26.60 7.76 -26.06
O2B GDP I . -24.20 8.12 -25.33
O3B GDP I . -24.92 8.52 -27.81
O3A GDP I . -25.86 10.07 -26.00
PA GDP I . -25.26 11.53 -26.28
O1A GDP I . -26.57 12.23 -26.86
O2A GDP I . -24.13 11.57 -27.25
O5' GDP I . -24.89 12.08 -24.76
C5' GDP I . -26.05 12.50 -23.99
C4' GDP I . -26.12 13.96 -23.45
O4' GDP I . -24.64 13.78 -23.59
C3' GDP I . -26.01 15.35 -24.07
O3' GDP I . -26.15 16.38 -23.08
C2' GDP I . -24.64 15.30 -24.64
O2' GDP I . -24.26 16.58 -25.08
C1' GDP I . -24.03 15.02 -23.25
N9 GDP I . -22.54 14.88 -23.37
C8 GDP I . -21.96 14.22 -24.36
N7 GDP I . -20.64 14.29 -24.21
C5 GDP I . -20.38 15.07 -23.16
C6 GDP I . -19.23 15.48 -22.62
O6 GDP I . -18.13 15.15 -23.06
N1 GDP I . -19.26 16.31 -21.50
C2 GDP I . -20.49 16.69 -20.98
N2 GDP I . -20.55 17.48 -19.92
N3 GDP I . -21.62 16.25 -21.58
C4 GDP I . -21.56 15.45 -22.65
MG MG J . -26.60 8.26 -29.10
S SO4 K . -47.68 -16.82 -31.88
O1 SO4 K . -47.11 -17.12 -30.57
O2 SO4 K . -47.55 -17.99 -32.74
O3 SO4 K . -46.99 -15.69 -32.47
O4 SO4 K . -49.10 -16.47 -31.73
S SO4 L . -25.00 -15.80 -59.80
O1 SO4 L . -23.74 -15.54 -59.11
O2 SO4 L . -25.96 -16.35 -58.85
O3 SO4 L . -25.52 -14.55 -60.35
O4 SO4 L . -24.76 -16.75 -60.87
PB GDP M . -23.91 18.14 0.29
O1B GDP M . -24.10 17.82 1.73
O2B GDP M . -24.51 17.05 -0.73
O3B GDP M . -22.37 18.18 -0.13
O3A GDP M . -24.30 19.63 -0.06
PA GDP M . -25.64 20.45 0.28
O1A GDP M . -26.52 19.77 1.27
O2A GDP M . -25.03 21.80 0.88
O5' GDP M . -26.34 20.69 -1.19
C5' GDP M . -25.72 21.75 -1.96
C4' GDP M . -26.58 22.95 -2.44
O4' GDP M . -27.65 21.93 -2.26
C3' GDP M . -27.50 23.99 -1.76
O3' GDP M . -28.05 24.88 -2.73
C2' GDP M . -28.53 23.11 -1.16
O2' GDP M . -29.62 23.91 -0.67
C1' GDP M . -28.91 22.55 -2.52
N9 GDP M . -29.99 21.57 -2.36
C8 GDP M . -30.08 20.68 -1.37
N7 GDP M . -31.19 19.98 -1.52
C5 GDP M . -31.86 20.47 -2.56
C6 GDP M . -33.04 20.14 -3.12
O6 GDP M . -33.73 19.22 -2.66
N1 GDP M . -33.49 20.84 -4.23
C2 GDP M . -32.71 21.87 -4.74
N2 GDP M . -33.12 22.55 -5.81
N3 GDP M . -31.54 22.16 -4.15
C4 GDP M . -31.12 21.47 -3.08
MG MG N . -22.58 18.67 3.07
S SO4 O . 10.20 11.03 5.32
O1 SO4 O . 9.10 11.93 5.60
O2 SO4 O . 10.16 9.89 6.24
O3 SO4 O . 11.46 11.75 5.51
O4 SO4 O . 10.11 10.54 3.95
S SO4 P . -25.29 -8.65 1.55
O1 SO4 P . -25.22 -8.97 2.97
O2 SO4 P . -26.63 -8.94 1.05
O3 SO4 P . -25.00 -7.23 1.37
O4 SO4 P . -24.31 -9.44 0.82
S SO4 Q . -8.32 -1.51 33.58
O1 SO4 Q . -7.24 -2.24 34.23
O2 SO4 Q . -9.41 -2.43 33.24
O3 SO4 Q . -8.83 -0.48 34.48
O4 SO4 Q . -7.82 -0.89 32.36
S SO4 R . 12.08 9.76 12.47
O1 SO4 R . 13.30 9.48 13.21
O2 SO4 R . 11.11 8.69 12.71
O3 SO4 R . 11.51 11.03 12.91
O4 SO4 R . 12.39 9.83 11.04
S SO4 S . -18.24 -9.10 -0.14
O1 SO4 S . -17.43 -10.31 -0.24
O2 SO4 S . -19.65 -9.48 0.03
O3 SO4 S . -18.09 -8.31 -1.35
O4 SO4 S . -17.80 -8.32 1.03
S SO4 T . -4.32 -4.63 41.53
O1 SO4 T . -5.70 -4.32 41.94
O2 SO4 T . -4.04 -6.03 41.79
O3 SO4 T . -3.39 -3.81 42.29
O4 SO4 T . -4.17 -4.34 40.12
PB GDP U . 31.78 -11.18 -23.41
O1B GDP U . 30.61 -11.11 -22.32
O2B GDP U . 31.12 -10.50 -24.73
O3B GDP U . 33.01 -10.53 -22.89
O3A GDP U . 31.89 -12.77 -23.53
PA GDP U . 33.01 -13.66 -24.27
O1A GDP U . 33.38 -14.72 -23.14
O2A GDP U . 34.19 -12.87 -24.70
O5' GDP U . 32.20 -14.36 -25.51
C5' GDP U . 31.40 -15.49 -25.10
C4' GDP U . 31.68 -16.89 -25.71
O4' GDP U . 32.26 -16.02 -26.76
C3' GDP U . 32.89 -17.82 -25.83
O3' GDP U . 32.54 -19.01 -26.54
C2' GDP U . 33.83 -16.98 -26.59
O2' GDP U . 34.92 -17.79 -27.00
C1' GDP U . 32.84 -16.87 -27.75
N9 GDP U . 33.44 -16.04 -28.85
C8 GDP U . 34.14 -14.94 -28.63
N7 GDP U . 34.55 -14.46 -29.81
C5 GDP U . 34.16 -15.31 -30.76
C6 GDP U . 34.35 -15.29 -32.07
O6 GDP U . 34.97 -14.39 -32.63
N1 GDP U . 33.83 -16.32 -32.86
C2 GDP U . 33.13 -17.34 -32.22
N2 GDP U . 32.63 -18.34 -32.93
N3 GDP U . 32.98 -17.31 -30.88
C4 GDP U . 33.49 -16.30 -30.15
MG MG V . 33.40 -10.74 -20.81
S SO4 W . 15.35 1.65 4.19
O1 SO4 W . 16.69 1.09 4.20
O2 SO4 W . 14.58 1.03 5.26
O3 SO4 W . 14.70 1.38 2.91
O4 SO4 W . 15.41 3.10 4.41
S SO4 X . 46.68 18.85 0.71
O1 SO4 X . 47.33 17.56 0.97
O2 SO4 X . 45.32 18.83 1.25
O3 SO4 X . 47.44 19.91 1.37
O4 SO4 X . 46.63 19.09 -0.73
S SO4 Y . 19.29 4.63 8.86
O1 SO4 Y . 19.08 3.88 10.10
O2 SO4 Y . 18.74 3.87 7.74
O3 SO4 Y . 20.71 4.83 8.64
O4 SO4 Y . 18.61 5.92 8.95
S SO4 Z . 17.50 -3.38 -30.11
O1 SO4 Z . 17.43 -4.65 -29.39
O2 SO4 Z . 16.73 -2.38 -29.38
O3 SO4 Z . 16.97 -3.54 -31.45
O4 SO4 Z . 18.89 -2.95 -30.19
S SO4 AA . 29.60 14.26 -31.49
O1 SO4 AA . 28.62 15.13 -30.85
O2 SO4 AA . 29.64 12.97 -30.78
O3 SO4 AA . 30.92 14.89 -31.44
O4 SO4 AA . 29.23 14.04 -32.89
S SO4 BA . 50.07 24.40 7.84
O1 SO4 BA . 49.90 24.23 9.29
O2 SO4 BA . 49.02 23.67 7.13
O3 SO4 BA . 50.00 25.82 7.51
O4 SO4 BA . 51.37 23.86 7.44
PB GDP CA . 17.03 -15.30 49.38
O1B GDP CA . 16.33 -14.22 50.35
O2B GDP CA . 16.02 -15.94 48.49
O3B GDP CA . 18.18 -14.54 48.57
O3A GDP CA . 17.77 -16.40 50.27
PA GDP CA . 17.28 -17.94 50.36
O1A GDP CA . 15.85 -18.14 50.72
O2A GDP CA . 17.62 -18.51 48.88
O5' GDP CA . 18.31 -18.59 51.44
C5' GDP CA . 19.68 -18.88 51.06
C4' GDP CA . 20.72 -19.09 52.18
O4' GDP CA . 20.06 -19.15 53.50
C3' GDP CA . 20.33 -20.60 52.13
O3' GDP CA . 21.23 -21.40 52.92
C2' GDP CA . 18.81 -20.98 52.47
O2' GDP CA . 18.69 -22.38 52.66
C1' GDP CA . 19.17 -20.36 53.74
N9 GDP CA . 18.47 -20.11 55.05
C8 GDP CA . 17.35 -19.40 54.96
N7 GDP CA . 16.84 -19.26 56.17
C5 GDP CA . 17.68 -19.83 57.03
C6 GDP CA . 17.61 -19.92 58.36
O6 GDP CA . 16.66 -19.44 58.98
N1 GDP CA . 18.63 -20.58 59.05
C2 GDP CA . 19.68 -21.11 58.31
N2 GDP CA . 20.67 -21.75 58.93
N3 GDP CA . 19.69 -20.98 56.96
C4 GDP CA . 18.70 -20.35 56.34
MG MG DA . 15.58 -15.80 46.37
S SO4 EA . 21.81 3.98 21.34
O1 SO4 EA . 22.78 3.85 22.43
O2 SO4 EA . 20.72 3.04 21.55
O3 SO4 EA . 21.28 5.34 21.33
O4 SO4 EA . 22.48 3.67 20.08
S SO4 FA . 23.42 -0.06 55.48
O1 SO4 FA . 23.95 -1.36 55.10
O2 SO4 FA . 22.55 -0.21 56.64
O3 SO4 FA . 22.66 0.51 54.37
O4 SO4 FA . 24.52 0.83 55.82
S SO4 GA . 6.35 10.04 52.11
O1 SO4 GA . 7.65 9.60 52.61
O2 SO4 GA . 5.38 10.04 53.20
O3 SO4 GA . 6.48 11.40 51.58
O4 SO4 GA . 5.89 9.15 51.05
S SO4 HA . -20.15 -1.52 44.91
O1 SO4 HA . -19.55 -2.57 44.09
O2 SO4 HA . -20.39 -2.03 46.26
O3 SO4 HA . -21.42 -1.11 44.31
O4 SO4 HA . -19.25 -0.38 44.97
S SO4 IA . -28.61 14.80 26.55
O1 SO4 IA . -27.70 13.66 26.66
O2 SO4 IA . -29.97 14.39 26.87
O3 SO4 IA . -28.17 15.86 27.46
O4 SO4 IA . -28.58 15.31 25.18
S SO4 JA . -13.42 -1.20 25.36
O1 SO4 JA . -13.53 -0.93 26.79
O2 SO4 JA . -13.80 -2.59 25.10
O3 SO4 JA . -14.30 -0.29 24.63
O4 SO4 JA . -12.04 -0.98 24.91
S SO4 KA . -19.72 1.04 18.47
O1 SO4 KA . -18.62 0.99 19.43
O2 SO4 KA . -20.50 -0.19 18.62
O3 SO4 KA . -20.56 2.20 18.74
O4 SO4 KA . -19.19 1.13 17.12
#